data_5WKH
#
_entry.id   5WKH
#
_cell.length_a   77.389
_cell.length_b   170.536
_cell.length_c   85.692
_cell.angle_alpha   90.00
_cell.angle_beta   113.89
_cell.angle_gamma   90.00
#
_symmetry.space_group_name_H-M   'P 1 21 1'
#
loop_
_entity.id
_entity.type
_entity.pdbx_description
1 polymer 'HLA class I histocompatibility antigen, A-11 alpha chain'
2 polymer Beta-2-microglobulin
3 polymer 'GTS3 peptide'
4 polymer 'T-cell receptor alpha variable 30,T-cell receptor, sp3.4 alpha chain'
5 polymer 'D30 TCR beta chain'
6 water water
#
loop_
_entity_poly.entity_id
_entity_poly.type
_entity_poly.pdbx_seq_one_letter_code
_entity_poly.pdbx_strand_id
1 'polypeptide(L)'
;GSHSMRYFYTSVSRPGRGEPRFIAVGYVDDTQFVRFDSDAASQRMEPRAPWIEQEGPEYWDQETRNVKAQSQTDRVDLGT
LRGYYNQSEDGSHTIQIMYGCDVGPDGRFLRGYRQDAYDGKDYIALNEDLRSWTAADMAAQITKRKWEAAHAAEQQRAYL
EGRCVEWLRRYLENGKETLQRTDPPKTHMTHHPISDHEATLRCWALGFYPAEITLTWQRDGEDQTQDTELVETRPAGDGT
FQKWAAVVVPSGEEQRYTCHVQHEGLPKPLTLRW
;
A,F
2 'polypeptide(L)'
;MIQRTPKIQVYSRHPAENGKSNFLNCYVSGFHPSDIEVDLLKNGERIEKVEHSDLSFSKDWSFYLLYYTEFTPTEKDEYA
CRVNHVTLSQPKIVKWDRDM
;
B,G
3 'polypeptide(L)' GTSGSPIINR C,H
4 'polypeptide(L)'
;QPVQSPQAVILREGEDAVINCSSSKALYSVHWYRQKHGEAPIFLMILLKGGEQKGHDKISASFNEKKQQSSLYLTASQLS
YSGTYFCGLGDAGNMLTFGGGTRLMVKPHIQNPDPAVYQLRDSKSSDKSVCLFTDFDSQTNVSQSKDSDVYITDKCVLDM
RSMDFKSNSAVAWSNKSDFACANAFNNSIIPEDTFFPS
;
D,I
5 'polypeptide(L)'
;AGVAQSPRYKIIEKRQSVAFWCNPISGHATLYWYQQILGQGPKLLIQFQNNGVVDDSQLPKDRFSAERLKGVDSTLKIQP
AKLEDSAVYLCASSLGQGLLYGYTFGSGTRLTVLEDLNKVFPPEVAVFEPSEAEISHTQKATLVCLATGFYPDHVELSWW
VNGKEVHSGVCTDPQPLKEQPALNDSRYALSSRLRVSATFWQNPRNHFRCQVQFYGLSENDEWTQDRAKPVTQIVSAEAW
GRAD
;
E,J
#
# COMPACT_ATOMS: atom_id res chain seq x y z
N GLY A 1 12.83 24.34 -15.64
CA GLY A 1 12.53 23.01 -16.14
C GLY A 1 12.28 22.02 -15.02
N SER A 2 12.77 20.76 -15.19
CA SER A 2 12.64 19.68 -14.19
C SER A 2 13.51 19.95 -12.94
N HIS A 3 13.05 19.44 -11.78
CA HIS A 3 13.72 19.60 -10.50
C HIS A 3 13.78 18.32 -9.69
N SER A 4 14.75 18.22 -8.77
CA SER A 4 14.95 17.05 -7.93
C SER A 4 15.52 17.33 -6.55
N MET A 5 15.16 16.51 -5.56
CA MET A 5 15.69 16.61 -4.21
C MET A 5 16.39 15.30 -3.90
N ARG A 6 17.69 15.35 -3.54
CA ARG A 6 18.48 14.14 -3.27
C ARG A 6 19.22 14.22 -1.97
N TYR A 7 19.09 13.17 -1.16
CA TYR A 7 19.77 13.03 0.10
C TYR A 7 20.78 11.90 -0.07
N PHE A 8 22.03 12.14 0.36
CA PHE A 8 23.14 11.18 0.28
C PHE A 8 23.72 10.85 1.66
N TYR A 9 23.69 9.55 2.04
CA TYR A 9 24.20 9.08 3.33
C TYR A 9 25.41 8.18 3.17
N THR A 10 26.54 8.55 3.81
CA THR A 10 27.76 7.72 3.78
C THR A 10 28.15 7.35 5.19
N SER A 11 28.17 6.03 5.48
CA SER A 11 28.60 5.45 6.75
C SER A 11 29.84 4.60 6.50
N VAL A 12 30.97 4.96 7.13
CA VAL A 12 32.25 4.26 6.94
C VAL A 12 32.74 3.71 8.29
N SER A 13 32.96 2.38 8.37
CA SER A 13 33.50 1.76 9.59
C SER A 13 34.99 2.10 9.77
N ARG A 14 35.44 2.23 11.01
CA ARG A 14 36.84 2.57 11.31
C ARG A 14 37.25 1.90 12.62
N PRO A 15 37.70 0.64 12.55
CA PRO A 15 38.09 -0.05 13.79
C PRO A 15 39.33 0.58 14.46
N GLY A 16 39.34 0.57 15.79
CA GLY A 16 40.41 1.20 16.56
C GLY A 16 40.09 2.65 16.84
N ARG A 17 39.57 3.38 15.81
CA ARG A 17 39.13 4.79 15.89
C ARG A 17 37.62 4.85 16.29
N GLY A 18 37.17 3.84 17.05
CA GLY A 18 35.82 3.72 17.57
C GLY A 18 34.71 3.57 16.54
N GLU A 19 33.51 4.00 16.92
CA GLU A 19 32.28 3.92 16.12
C GLU A 19 32.42 4.56 14.73
N PRO A 20 31.73 4.00 13.70
CA PRO A 20 31.82 4.55 12.34
C PRO A 20 31.44 6.02 12.13
N ARG A 21 31.88 6.58 10.99
CA ARG A 21 31.63 7.95 10.57
C ARG A 21 30.44 8.00 9.62
N PHE A 22 29.56 8.98 9.85
CA PHE A 22 28.37 9.16 9.05
C PHE A 22 28.29 10.60 8.55
N ILE A 23 28.21 10.74 7.22
CA ILE A 23 28.07 12.05 6.59
C ILE A 23 26.76 12.01 5.84
N ALA A 24 25.95 13.05 6.04
CA ALA A 24 24.68 13.21 5.36
C ALA A 24 24.67 14.56 4.65
N VAL A 25 24.31 14.55 3.34
CA VAL A 25 24.23 15.76 2.53
C VAL A 25 22.89 15.84 1.82
N GLY A 26 22.33 17.04 1.80
CA GLY A 26 21.06 17.32 1.16
C GLY A 26 21.25 18.16 -0.07
N TYR A 27 20.50 17.85 -1.14
CA TYR A 27 20.63 18.56 -2.41
C TYR A 27 19.33 18.87 -3.08
N VAL A 28 19.23 20.06 -3.64
CA VAL A 28 18.12 20.48 -4.49
C VAL A 28 18.82 20.76 -5.82
N ASP A 29 18.67 19.85 -6.79
CA ASP A 29 19.30 19.89 -8.10
C ASP A 29 20.81 19.84 -7.94
N ASP A 30 21.51 20.92 -8.28
CA ASP A 30 22.95 20.96 -8.16
C ASP A 30 23.40 21.93 -7.08
N THR A 31 22.55 22.07 -6.05
CA THR A 31 22.80 22.95 -4.90
C THR A 31 22.73 22.13 -3.61
N GLN A 32 23.83 22.10 -2.84
CA GLN A 32 23.80 21.45 -1.52
C GLN A 32 23.04 22.41 -0.61
N PHE A 33 22.20 21.88 0.31
CA PHE A 33 21.45 22.76 1.20
C PHE A 33 21.55 22.36 2.69
N VAL A 34 21.68 21.06 3.00
CA VAL A 34 21.81 20.58 4.39
C VAL A 34 22.97 19.59 4.57
N ARG A 35 23.38 19.37 5.83
CA ARG A 35 24.51 18.51 6.20
C ARG A 35 24.45 17.99 7.65
N PHE A 36 24.96 16.77 7.87
CA PHE A 36 25.16 16.14 9.17
C PHE A 36 26.50 15.43 9.18
N ASP A 37 27.31 15.72 10.20
CA ASP A 37 28.60 15.07 10.41
C ASP A 37 28.50 14.45 11.82
N SER A 38 28.59 13.11 11.89
CA SER A 38 28.52 12.35 13.14
C SER A 38 29.77 12.58 14.01
N ASP A 39 30.78 13.24 13.44
CA ASP A 39 32.03 13.61 14.10
C ASP A 39 32.03 15.05 14.58
N ALA A 40 31.17 15.91 13.98
CA ALA A 40 31.00 17.32 14.33
C ALA A 40 30.59 17.48 15.79
N ALA A 41 31.02 18.60 16.42
CA ALA A 41 30.77 18.88 17.83
C ALA A 41 29.32 19.24 18.13
N SER A 42 28.62 19.82 17.13
CA SER A 42 27.23 20.26 17.25
C SER A 42 26.27 19.12 17.53
N GLN A 43 26.40 18.00 16.78
CA GLN A 43 25.53 16.82 16.81
C GLN A 43 24.09 17.21 16.40
N ARG A 44 24.03 18.04 15.34
CA ARG A 44 22.82 18.61 14.76
C ARG A 44 22.95 18.68 13.24
N MET A 45 21.80 18.75 12.54
CA MET A 45 21.74 18.94 11.09
C MET A 45 21.98 20.45 10.92
N GLU A 46 22.89 20.84 10.02
CA GLU A 46 23.21 22.25 9.88
C GLU A 46 22.91 22.80 8.47
N PRO A 47 22.56 24.11 8.35
CA PRO A 47 22.29 24.67 7.01
C PRO A 47 23.56 24.88 6.20
N ARG A 48 23.43 24.79 4.87
CA ARG A 48 24.53 24.98 3.92
C ARG A 48 24.13 25.88 2.72
N ALA A 49 22.84 26.30 2.67
CA ALA A 49 22.24 27.20 1.69
C ALA A 49 21.51 28.34 2.45
N PRO A 50 21.31 29.55 1.84
CA PRO A 50 20.70 30.66 2.62
C PRO A 50 19.21 30.55 2.96
N TRP A 51 18.40 30.04 2.03
CA TRP A 51 16.93 29.88 2.13
C TRP A 51 16.46 28.80 3.13
N ILE A 52 17.32 27.83 3.48
CA ILE A 52 16.98 26.77 4.43
C ILE A 52 17.07 27.30 5.89
N GLU A 53 17.91 28.36 6.11
CA GLU A 53 18.14 29.00 7.42
C GLU A 53 16.85 29.52 8.02
N GLN A 54 15.93 29.94 7.13
CA GLN A 54 14.59 30.44 7.42
C GLN A 54 13.82 29.47 8.32
N GLU A 55 13.83 28.16 7.98
CA GLU A 55 13.15 27.06 8.68
C GLU A 55 13.35 27.09 10.18
N GLY A 56 12.25 26.89 10.90
CA GLY A 56 12.16 26.93 12.36
C GLY A 56 12.97 25.93 13.15
N PRO A 57 12.93 26.05 14.50
CA PRO A 57 13.68 25.12 15.36
C PRO A 57 13.06 23.73 15.36
N GLU A 58 11.74 23.66 15.11
CA GLU A 58 10.97 22.43 15.02
C GLU A 58 11.40 21.65 13.79
N TYR A 59 11.81 22.37 12.73
CA TYR A 59 12.30 21.78 11.50
C TYR A 59 13.64 21.15 11.81
N TRP A 60 14.56 21.97 12.34
CA TRP A 60 15.91 21.53 12.63
C TRP A 60 15.96 20.41 13.67
N ASP A 61 14.98 20.37 14.60
CA ASP A 61 14.91 19.31 15.61
C ASP A 61 14.59 17.97 14.93
N GLN A 62 13.58 17.98 14.03
CA GLN A 62 13.12 16.84 13.27
C GLN A 62 14.21 16.24 12.44
N GLU A 63 14.88 17.08 11.64
CA GLU A 63 15.95 16.66 10.75
C GLU A 63 17.08 15.96 11.49
N THR A 64 17.47 16.49 12.67
CA THR A 64 18.51 15.93 13.52
C THR A 64 18.18 14.46 13.86
N ARG A 65 16.93 14.21 14.34
CA ARG A 65 16.38 12.91 14.75
C ARG A 65 16.48 11.87 13.65
N ASN A 66 15.86 12.16 12.49
CA ASN A 66 15.80 11.29 11.31
C ASN A 66 17.19 10.83 10.84
N VAL A 67 18.13 11.76 10.84
CA VAL A 67 19.48 11.53 10.38
C VAL A 67 20.28 10.77 11.48
N LYS A 68 19.99 11.02 12.78
CA LYS A 68 20.62 10.31 13.89
C LYS A 68 20.11 8.86 13.97
N ALA A 69 18.81 8.66 13.72
CA ALA A 69 18.18 7.33 13.69
C ALA A 69 18.82 6.47 12.61
N GLN A 70 19.06 7.05 11.42
CA GLN A 70 19.67 6.39 10.27
C GLN A 70 21.13 5.99 10.52
N SER A 71 21.94 6.92 11.07
CA SER A 71 23.36 6.64 11.39
C SER A 71 23.48 5.49 12.40
N GLN A 72 22.63 5.49 13.43
CA GLN A 72 22.63 4.45 14.44
C GLN A 72 22.22 3.08 13.86
N THR A 73 21.37 3.08 12.81
CA THR A 73 20.93 1.87 12.08
C THR A 73 22.16 1.35 11.32
N ASP A 74 22.85 2.27 10.62
CA ASP A 74 24.04 2.02 9.81
C ASP A 74 25.18 1.36 10.57
N ARG A 75 25.41 1.74 11.84
CA ARG A 75 26.45 1.17 12.71
C ARG A 75 26.21 -0.31 12.93
N VAL A 76 24.93 -0.70 13.12
CA VAL A 76 24.49 -2.09 13.33
C VAL A 76 24.59 -2.83 12.01
N ASP A 77 24.06 -2.21 10.93
CA ASP A 77 24.01 -2.77 9.60
C ASP A 77 25.39 -3.05 9.07
N LEU A 78 26.38 -2.21 9.44
CA LEU A 78 27.79 -2.41 9.06
C LEU A 78 28.33 -3.76 9.59
N GLY A 79 27.89 -4.15 10.79
CA GLY A 79 28.24 -5.43 11.40
C GLY A 79 27.50 -6.58 10.73
N THR A 80 26.16 -6.44 10.61
CA THR A 80 25.22 -7.41 10.02
C THR A 80 25.64 -7.79 8.61
N LEU A 81 25.95 -6.78 7.77
CA LEU A 81 26.33 -6.97 6.38
C LEU A 81 27.66 -7.70 6.21
N ARG A 82 28.63 -7.39 7.09
CA ARG A 82 29.94 -8.04 7.09
C ARG A 82 29.73 -9.56 7.36
N GLY A 83 28.73 -9.87 8.18
CA GLY A 83 28.34 -11.23 8.53
C GLY A 83 27.66 -11.89 7.36
N TYR A 84 26.75 -11.13 6.67
CA TYR A 84 25.99 -11.60 5.50
C TYR A 84 26.91 -12.06 4.37
N TYR A 85 28.07 -11.40 4.21
CA TYR A 85 29.06 -11.71 3.18
C TYR A 85 30.15 -12.65 3.65
N ASN A 86 30.07 -13.12 4.92
CA ASN A 86 31.04 -14.01 5.57
C ASN A 86 32.46 -13.44 5.51
N GLN A 87 32.53 -12.09 5.49
CA GLN A 87 33.76 -11.29 5.39
C GLN A 87 34.68 -11.38 6.59
N SER A 88 35.95 -11.05 6.33
CA SER A 88 37.07 -11.02 7.27
C SER A 88 36.91 -9.91 8.33
N GLU A 89 37.34 -10.21 9.57
CA GLU A 89 37.31 -9.31 10.73
C GLU A 89 37.96 -7.95 10.46
N ASP A 90 39.17 -7.96 9.87
CA ASP A 90 39.96 -6.77 9.56
C ASP A 90 39.54 -6.04 8.26
N GLY A 91 39.48 -4.70 8.35
CA GLY A 91 39.11 -3.79 7.27
C GLY A 91 37.98 -2.83 7.59
N SER A 92 37.91 -1.73 6.82
CA SER A 92 36.89 -0.69 6.88
C SER A 92 35.89 -0.93 5.74
N HIS A 93 34.60 -0.72 6.02
CA HIS A 93 33.54 -0.91 5.02
C HIS A 93 32.64 0.29 4.90
N THR A 94 31.93 0.39 3.76
CA THR A 94 31.05 1.51 3.45
C THR A 94 29.63 1.09 3.12
N ILE A 95 28.66 1.84 3.64
CA ILE A 95 27.23 1.70 3.34
C ILE A 95 26.78 3.06 2.78
N GLN A 96 26.24 3.04 1.55
CA GLN A 96 25.81 4.25 0.88
C GLN A 96 24.34 4.20 0.48
N ILE A 97 23.56 5.17 0.98
CA ILE A 97 22.13 5.35 0.72
C ILE A 97 21.98 6.65 -0.09
N MET A 98 21.09 6.62 -1.06
CA MET A 98 20.75 7.74 -1.91
C MET A 98 19.24 7.67 -2.09
N TYR A 99 18.54 8.76 -1.77
CA TYR A 99 17.09 8.80 -1.98
C TYR A 99 16.57 10.19 -2.37
N GLY A 100 15.30 10.25 -2.75
CA GLY A 100 14.70 11.51 -3.17
C GLY A 100 13.75 11.39 -4.34
N CYS A 101 13.27 12.56 -4.84
CA CYS A 101 12.27 12.61 -5.89
C CYS A 101 12.55 13.60 -7.01
N ASP A 102 11.79 13.45 -8.09
CA ASP A 102 11.80 14.27 -9.28
C ASP A 102 10.41 14.90 -9.48
N VAL A 103 10.39 16.18 -9.88
CA VAL A 103 9.17 16.95 -10.17
C VAL A 103 9.29 17.58 -11.56
N GLY A 104 8.18 18.06 -12.08
CA GLY A 104 8.14 18.75 -13.36
C GLY A 104 8.28 20.25 -13.21
N PRO A 105 8.30 21.00 -14.34
CA PRO A 105 8.38 22.48 -14.25
C PRO A 105 7.10 23.10 -13.71
N ASP A 106 6.01 22.31 -13.76
CA ASP A 106 4.66 22.55 -13.25
C ASP A 106 4.62 22.24 -11.73
N GLY A 107 5.57 21.41 -11.28
CA GLY A 107 5.67 20.98 -9.90
C GLY A 107 5.17 19.57 -9.68
N ARG A 108 4.49 18.98 -10.69
CA ARG A 108 3.93 17.62 -10.66
C ARG A 108 5.00 16.55 -10.46
N PHE A 109 4.67 15.52 -9.67
CA PHE A 109 5.53 14.38 -9.35
C PHE A 109 5.93 13.56 -10.60
N LEU A 110 7.20 13.11 -10.66
CA LEU A 110 7.70 12.28 -11.76
C LEU A 110 8.27 10.90 -11.29
N ARG A 111 9.23 10.90 -10.34
CA ARG A 111 9.86 9.67 -9.85
C ARG A 111 10.40 9.77 -8.42
N GLY A 112 10.31 8.64 -7.69
CA GLY A 112 10.88 8.45 -6.35
C GLY A 112 12.11 7.56 -6.39
N TYR A 113 13.04 7.72 -5.44
CA TYR A 113 14.29 6.95 -5.36
C TYR A 113 14.67 6.49 -3.97
N ARG A 114 15.24 5.28 -3.90
CA ARG A 114 15.85 4.63 -2.75
C ARG A 114 16.76 3.55 -3.31
N GLN A 115 18.07 3.76 -3.11
CA GLN A 115 19.16 2.92 -3.56
C GLN A 115 20.19 2.79 -2.45
N ASP A 116 20.70 1.57 -2.23
CA ASP A 116 21.70 1.21 -1.21
C ASP A 116 22.87 0.47 -1.85
N ALA A 117 24.11 0.77 -1.40
CA ALA A 117 25.35 0.16 -1.90
C ALA A 117 26.32 -0.18 -0.80
N TYR A 118 26.83 -1.41 -0.84
CA TYR A 118 27.85 -1.87 0.10
C TYR A 118 29.19 -1.91 -0.60
N ASP A 119 30.15 -1.12 -0.10
CA ASP A 119 31.52 -1.07 -0.60
C ASP A 119 31.62 -0.68 -2.08
N GLY A 120 30.91 0.37 -2.47
CA GLY A 120 30.95 0.92 -3.83
C GLY A 120 30.05 0.33 -4.88
N LYS A 121 29.52 -0.89 -4.64
CA LYS A 121 28.63 -1.57 -5.57
C LYS A 121 27.25 -1.74 -4.94
N ASP A 122 26.19 -1.79 -5.78
CA ASP A 122 24.79 -1.95 -5.37
C ASP A 122 24.51 -3.08 -4.37
N TYR A 123 23.53 -2.85 -3.48
CA TYR A 123 23.07 -3.79 -2.46
C TYR A 123 21.57 -4.00 -2.69
N ILE A 124 20.73 -3.05 -2.24
CA ILE A 124 19.29 -3.13 -2.44
C ILE A 124 18.76 -1.83 -3.08
N ALA A 125 17.82 -1.96 -4.04
CA ALA A 125 17.27 -0.82 -4.76
C ALA A 125 15.76 -0.90 -4.96
N LEU A 126 15.06 0.20 -4.65
CA LEU A 126 13.62 0.33 -4.80
C LEU A 126 13.29 0.62 -6.27
N ASN A 127 12.49 -0.25 -6.90
CA ASN A 127 12.06 -0.14 -8.29
C ASN A 127 11.12 1.06 -8.51
N GLU A 128 11.01 1.54 -9.78
CA GLU A 128 10.19 2.71 -10.17
C GLU A 128 8.73 2.65 -9.66
N ASP A 129 8.15 1.43 -9.54
CA ASP A 129 6.77 1.19 -9.03
C ASP A 129 6.62 1.54 -7.55
N LEU A 130 7.77 1.56 -6.80
CA LEU A 130 7.88 1.84 -5.35
C LEU A 130 7.02 0.86 -4.54
N ARG A 131 7.01 -0.42 -4.98
CA ARG A 131 6.25 -1.51 -4.40
C ARG A 131 7.17 -2.68 -4.14
N SER A 132 8.21 -2.82 -4.96
CA SER A 132 9.15 -3.92 -4.88
C SER A 132 10.61 -3.48 -4.73
N TRP A 133 11.51 -4.45 -4.44
CA TRP A 133 12.95 -4.26 -4.29
C TRP A 133 13.73 -5.03 -5.36
N THR A 134 15.05 -4.78 -5.45
CA THR A 134 15.99 -5.49 -6.32
C THR A 134 17.24 -5.79 -5.51
N ALA A 135 17.49 -7.08 -5.31
CA ALA A 135 18.65 -7.52 -4.56
C ALA A 135 19.80 -7.75 -5.53
N ALA A 136 20.97 -7.15 -5.25
CA ALA A 136 22.15 -7.28 -6.09
C ALA A 136 22.69 -8.70 -6.02
N ASP A 137 22.53 -9.35 -4.85
CA ASP A 137 22.98 -10.71 -4.58
C ASP A 137 22.18 -11.39 -3.47
N MET A 138 22.74 -12.48 -2.93
CA MET A 138 22.15 -13.28 -1.87
C MET A 138 22.11 -12.58 -0.54
N ALA A 139 23.14 -11.79 -0.19
CA ALA A 139 23.15 -11.06 1.08
C ALA A 139 22.03 -10.01 1.04
N ALA A 140 21.93 -9.30 -0.10
CA ALA A 140 20.88 -8.33 -0.36
C ALA A 140 19.49 -8.99 -0.27
N GLN A 141 19.37 -10.29 -0.66
CA GLN A 141 18.12 -11.06 -0.60
C GLN A 141 17.60 -11.22 0.82
N ILE A 142 18.52 -11.26 1.81
CA ILE A 142 18.14 -11.40 3.20
C ILE A 142 17.42 -10.13 3.65
N THR A 143 17.99 -8.96 3.31
CA THR A 143 17.43 -7.64 3.60
C THR A 143 16.07 -7.55 2.92
N LYS A 144 16.00 -7.93 1.63
CA LYS A 144 14.80 -7.93 0.78
C LYS A 144 13.62 -8.58 1.50
N ARG A 145 13.81 -9.82 2.01
CA ARG A 145 12.79 -10.58 2.72
C ARG A 145 12.45 -9.98 4.09
N LYS A 146 13.47 -9.47 4.79
CA LYS A 146 13.35 -8.80 6.09
C LYS A 146 12.46 -7.53 5.96
N TRP A 147 12.70 -6.76 4.88
CA TRP A 147 12.03 -5.51 4.52
C TRP A 147 10.66 -5.69 3.85
N GLU A 148 10.31 -6.91 3.43
CA GLU A 148 8.99 -7.21 2.84
C GLU A 148 8.06 -7.54 4.03
N ALA A 149 8.66 -8.16 5.07
CA ALA A 149 8.01 -8.52 6.32
C ALA A 149 7.88 -7.28 7.20
N ALA A 150 8.51 -6.17 6.79
CA ALA A 150 8.47 -4.92 7.55
C ALA A 150 7.70 -3.82 6.82
N HIS A 151 7.16 -4.15 5.63
CA HIS A 151 6.39 -3.23 4.76
C HIS A 151 7.19 -1.93 4.47
N ALA A 152 8.50 -2.08 4.21
CA ALA A 152 9.38 -0.94 3.94
C ALA A 152 8.95 -0.18 2.69
N ALA A 153 8.85 -0.86 1.54
CA ALA A 153 8.43 -0.25 0.28
C ALA A 153 7.16 0.58 0.43
N GLU A 154 6.14 0.03 1.14
CA GLU A 154 4.83 0.67 1.43
C GLU A 154 5.04 2.06 2.06
N GLN A 155 5.86 2.09 3.14
CA GLN A 155 6.22 3.27 3.90
C GLN A 155 7.15 4.18 3.14
N GLN A 156 7.94 3.64 2.19
CA GLN A 156 8.88 4.44 1.40
C GLN A 156 8.15 5.25 0.34
N ARG A 157 7.17 4.61 -0.32
CA ARG A 157 6.34 5.21 -1.36
C ARG A 157 5.57 6.39 -0.78
N ALA A 158 5.10 6.25 0.49
CA ALA A 158 4.35 7.29 1.21
C ALA A 158 5.11 8.60 1.27
N TYR A 159 6.42 8.52 1.55
CA TYR A 159 7.33 9.66 1.67
C TYR A 159 7.60 10.25 0.33
N LEU A 160 8.11 9.41 -0.59
CA LEU A 160 8.53 9.80 -1.93
C LEU A 160 7.42 10.42 -2.78
N GLU A 161 6.22 9.81 -2.74
CA GLU A 161 5.06 10.33 -3.47
C GLU A 161 4.44 11.54 -2.77
N GLY A 162 4.52 11.54 -1.43
CA GLY A 162 3.96 12.59 -0.59
C GLY A 162 4.88 13.70 -0.16
N ARG A 163 5.43 13.58 1.06
CA ARG A 163 6.26 14.58 1.75
C ARG A 163 7.50 15.05 0.95
N CYS A 164 8.17 14.15 0.21
CA CYS A 164 9.35 14.49 -0.60
C CYS A 164 9.03 15.64 -1.56
N VAL A 165 7.90 15.52 -2.32
CA VAL A 165 7.45 16.54 -3.27
C VAL A 165 6.94 17.81 -2.58
N GLU A 166 6.25 17.66 -1.44
CA GLU A 166 5.72 18.77 -0.66
C GLU A 166 6.90 19.63 -0.17
N TRP A 167 7.99 18.95 0.26
CA TRP A 167 9.21 19.62 0.72
C TRP A 167 9.97 20.26 -0.42
N LEU A 168 10.10 19.54 -1.55
CA LEU A 168 10.75 20.04 -2.77
C LEU A 168 10.05 21.33 -3.24
N ARG A 169 8.69 21.30 -3.33
CA ARG A 169 7.83 22.42 -3.72
C ARG A 169 8.02 23.65 -2.84
N ARG A 170 8.15 23.42 -1.51
CA ARG A 170 8.37 24.43 -0.50
C ARG A 170 9.72 25.13 -0.67
N TYR A 171 10.82 24.34 -0.82
CA TYR A 171 12.18 24.85 -1.00
C TYR A 171 12.32 25.63 -2.29
N LEU A 172 11.77 25.10 -3.42
CA LEU A 172 11.79 25.72 -4.75
C LEU A 172 11.16 27.11 -4.76
N GLU A 173 10.15 27.34 -3.89
CA GLU A 173 9.46 28.61 -3.76
C GLU A 173 10.24 29.56 -2.87
N ASN A 174 10.68 29.06 -1.71
CA ASN A 174 11.44 29.82 -0.72
C ASN A 174 12.77 30.33 -1.28
N GLY A 175 13.54 29.43 -1.89
CA GLY A 175 14.82 29.76 -2.52
C GLY A 175 14.72 29.98 -4.02
N LYS A 176 13.57 30.55 -4.46
CA LYS A 176 13.19 30.87 -5.85
C LYS A 176 14.33 31.54 -6.64
N GLU A 177 14.91 32.60 -6.06
CA GLU A 177 15.98 33.39 -6.66
C GLU A 177 17.21 32.56 -7.04
N THR A 178 17.65 31.61 -6.20
CA THR A 178 18.86 30.81 -6.49
C THR A 178 18.56 29.48 -7.22
N LEU A 179 17.35 28.91 -7.01
CA LEU A 179 16.95 27.63 -7.58
C LEU A 179 16.27 27.75 -8.92
N GLN A 180 15.14 28.46 -8.97
CA GLN A 180 14.39 28.67 -10.22
C GLN A 180 15.06 29.79 -11.06
N ARG A 181 16.30 29.52 -11.49
CA ARG A 181 17.13 30.38 -12.34
C ARG A 181 18.05 29.52 -13.18
N THR A 182 18.51 30.08 -14.32
CA THR A 182 19.43 29.43 -15.25
C THR A 182 20.36 30.47 -15.83
N ASP A 183 21.58 30.56 -15.28
CA ASP A 183 22.55 31.49 -15.83
C ASP A 183 23.37 30.76 -16.92
N PRO A 184 23.40 31.34 -18.15
CA PRO A 184 24.07 30.66 -19.28
C PRO A 184 25.60 30.62 -19.20
N PRO A 185 26.30 29.76 -19.98
CA PRO A 185 27.77 29.74 -19.88
C PRO A 185 28.41 30.99 -20.46
N LYS A 186 29.63 31.28 -19.99
CA LYS A 186 30.45 32.39 -20.45
C LYS A 186 31.52 31.73 -21.32
N THR A 187 31.19 31.58 -22.60
CA THR A 187 32.06 30.92 -23.56
C THR A 187 33.15 31.81 -24.12
N HIS A 188 34.32 31.20 -24.30
CA HIS A 188 35.51 31.74 -24.92
C HIS A 188 36.27 30.59 -25.56
N MET A 189 37.20 30.91 -26.47
CA MET A 189 37.96 29.89 -27.17
C MET A 189 39.44 30.22 -27.20
N THR A 190 40.28 29.20 -26.97
CA THR A 190 41.74 29.37 -26.93
C THR A 190 42.44 28.47 -27.94
N HIS A 191 43.62 28.95 -28.41
CA HIS A 191 44.50 28.28 -29.36
C HIS A 191 45.82 28.00 -28.65
N HIS A 192 46.31 26.77 -28.78
CA HIS A 192 47.57 26.33 -28.20
C HIS A 192 48.35 25.56 -29.27
N PRO A 193 49.35 26.16 -29.94
CA PRO A 193 50.08 25.40 -30.96
C PRO A 193 51.02 24.41 -30.26
N ILE A 194 50.72 23.12 -30.42
CA ILE A 194 51.49 22.02 -29.82
C ILE A 194 52.55 21.48 -30.80
N SER A 195 52.54 21.98 -32.06
CA SER A 195 53.46 21.63 -33.13
C SER A 195 53.46 22.75 -34.20
N ASP A 196 54.44 22.72 -35.12
CA ASP A 196 54.49 23.70 -36.21
C ASP A 196 53.51 23.31 -37.33
N HIS A 197 52.91 22.12 -37.23
CA HIS A 197 51.92 21.59 -38.15
C HIS A 197 50.60 21.22 -37.42
N GLU A 198 50.57 21.27 -36.05
CA GLU A 198 49.41 20.89 -35.24
C GLU A 198 49.16 21.82 -34.06
N ALA A 199 47.87 22.00 -33.68
CA ALA A 199 47.44 22.85 -32.57
C ALA A 199 46.20 22.33 -31.81
N THR A 200 46.17 22.54 -30.48
CA THR A 200 45.08 22.16 -29.58
C THR A 200 44.09 23.32 -29.43
N LEU A 201 42.85 23.15 -29.93
CA LEU A 201 41.80 24.16 -29.84
C LEU A 201 40.88 23.84 -28.67
N ARG A 202 40.79 24.78 -27.71
CA ARG A 202 39.95 24.58 -26.53
C ARG A 202 38.76 25.49 -26.51
N CYS A 203 37.59 24.87 -26.32
CA CYS A 203 36.29 25.48 -26.23
C CYS A 203 35.95 25.52 -24.75
N TRP A 204 35.75 26.74 -24.20
CA TRP A 204 35.49 26.93 -22.79
C TRP A 204 34.04 27.33 -22.47
N ALA A 205 33.62 27.03 -21.23
CA ALA A 205 32.30 27.37 -20.70
C ALA A 205 32.46 27.56 -19.22
N LEU A 206 32.26 28.81 -18.76
CA LEU A 206 32.42 29.18 -17.35
C LEU A 206 31.16 29.74 -16.74
N GLY A 207 30.98 29.49 -15.45
CA GLY A 207 29.86 29.94 -14.64
C GLY A 207 28.47 29.74 -15.21
N PHE A 208 27.95 28.52 -15.07
CA PHE A 208 26.62 28.17 -15.55
C PHE A 208 25.90 27.28 -14.54
N TYR A 209 24.57 27.46 -14.42
CA TYR A 209 23.72 26.66 -13.53
C TYR A 209 22.44 26.30 -14.30
N PRO A 210 22.02 25.01 -14.30
CA PRO A 210 22.65 23.88 -13.59
C PRO A 210 23.81 23.23 -14.35
N ALA A 211 24.34 22.12 -13.79
CA ALA A 211 25.46 21.33 -14.28
C ALA A 211 25.28 20.71 -15.66
N GLU A 212 24.03 20.46 -16.07
CA GLU A 212 23.77 19.87 -17.39
C GLU A 212 24.15 20.81 -18.52
N ILE A 213 25.25 20.45 -19.20
CA ILE A 213 25.82 21.13 -20.35
C ILE A 213 26.33 20.10 -21.36
N THR A 214 26.37 20.50 -22.63
CA THR A 214 26.85 19.68 -23.75
C THR A 214 27.77 20.51 -24.66
N LEU A 215 29.08 20.16 -24.65
CA LEU A 215 30.11 20.78 -25.47
C LEU A 215 30.54 19.76 -26.51
N THR A 216 30.37 20.10 -27.80
CA THR A 216 30.72 19.20 -28.91
C THR A 216 31.55 19.90 -29.96
N TRP A 217 32.55 19.19 -30.51
CA TRP A 217 33.41 19.72 -31.55
C TRP A 217 33.00 19.14 -32.89
N GLN A 218 32.65 20.03 -33.85
CA GLN A 218 32.21 19.62 -35.18
C GLN A 218 33.07 20.15 -36.31
N ARG A 219 33.68 19.21 -37.08
CA ARG A 219 34.48 19.51 -38.27
C ARG A 219 33.52 19.41 -39.46
N ASP A 220 33.16 20.58 -40.01
CA ASP A 220 32.22 20.74 -41.13
C ASP A 220 30.86 20.16 -40.72
N GLY A 221 30.38 20.60 -39.55
CA GLY A 221 29.10 20.17 -38.98
C GLY A 221 29.08 18.73 -38.47
N GLU A 222 29.96 17.89 -39.03
CA GLU A 222 30.12 16.47 -38.69
C GLU A 222 30.82 16.38 -37.32
N ASP A 223 30.13 15.81 -36.32
CA ASP A 223 30.62 15.66 -34.95
C ASP A 223 31.81 14.70 -34.86
N GLN A 224 32.78 15.05 -34.00
CA GLN A 224 34.00 14.28 -33.77
C GLN A 224 34.03 13.62 -32.40
N THR A 225 34.67 12.46 -32.34
CA THR A 225 34.88 11.64 -31.14
C THR A 225 36.40 11.52 -30.98
N GLN A 226 37.12 11.36 -32.13
CA GLN A 226 38.57 11.24 -32.26
C GLN A 226 39.28 12.52 -31.85
N ASP A 227 40.30 12.38 -30.96
CA ASP A 227 41.15 13.45 -30.40
C ASP A 227 40.36 14.47 -29.55
N THR A 228 39.04 14.22 -29.33
CA THR A 228 38.17 15.08 -28.53
C THR A 228 38.29 14.75 -27.04
N GLU A 229 39.11 15.54 -26.33
CA GLU A 229 39.36 15.47 -24.89
C GLU A 229 38.25 16.24 -24.20
N LEU A 230 37.62 15.64 -23.19
CA LEU A 230 36.52 16.25 -22.47
C LEU A 230 36.71 16.15 -20.95
N VAL A 231 36.83 17.31 -20.26
CA VAL A 231 36.97 17.32 -18.80
C VAL A 231 35.61 17.18 -18.09
N GLU A 232 35.61 16.52 -16.93
CA GLU A 232 34.41 16.33 -16.12
C GLU A 232 33.95 17.70 -15.59
N THR A 233 32.64 17.99 -15.70
CA THR A 233 32.07 19.25 -15.21
C THR A 233 32.43 19.40 -13.74
N ARG A 234 33.26 20.43 -13.47
CA ARG A 234 33.82 20.77 -12.17
C ARG A 234 33.08 21.96 -11.52
N PRO A 235 32.92 21.99 -10.18
CA PRO A 235 32.24 23.14 -9.58
C PRO A 235 33.19 24.32 -9.40
N ALA A 236 32.73 25.53 -9.71
CA ALA A 236 33.54 26.75 -9.56
C ALA A 236 33.82 26.96 -8.08
N GLY A 237 32.80 26.76 -7.24
CA GLY A 237 32.89 26.93 -5.80
C GLY A 237 31.91 27.96 -5.30
N ASP A 238 31.42 28.82 -6.21
CA ASP A 238 30.45 29.87 -5.90
C ASP A 238 29.00 29.45 -6.29
N GLY A 239 28.84 28.20 -6.73
CA GLY A 239 27.54 27.66 -7.11
C GLY A 239 27.34 27.42 -8.59
N THR A 240 28.22 28.01 -9.42
CA THR A 240 28.20 27.86 -10.87
C THR A 240 29.15 26.72 -11.28
N PHE A 241 29.18 26.36 -12.58
CA PHE A 241 30.02 25.25 -13.04
C PHE A 241 30.95 25.58 -14.20
N GLN A 242 31.98 24.73 -14.40
CA GLN A 242 32.96 24.89 -15.49
C GLN A 242 33.12 23.62 -16.27
N LYS A 243 33.48 23.74 -17.57
CA LYS A 243 33.73 22.61 -18.49
C LYS A 243 34.44 23.06 -19.76
N TRP A 244 35.43 22.27 -20.22
CA TRP A 244 36.11 22.53 -21.49
C TRP A 244 36.23 21.25 -22.32
N ALA A 245 36.26 21.43 -23.62
CA ALA A 245 36.37 20.37 -24.60
C ALA A 245 37.42 20.85 -25.58
N ALA A 246 38.47 20.07 -25.79
CA ALA A 246 39.53 20.47 -26.71
C ALA A 246 39.78 19.41 -27.76
N VAL A 247 40.27 19.83 -28.92
CA VAL A 247 40.60 18.94 -30.02
C VAL A 247 41.89 19.40 -30.71
N VAL A 248 42.77 18.41 -31.05
CA VAL A 248 44.04 18.68 -31.72
C VAL A 248 43.80 18.60 -33.25
N VAL A 249 44.15 19.71 -33.93
CA VAL A 249 43.89 19.93 -35.36
C VAL A 249 45.14 20.35 -36.14
N PRO A 250 45.22 20.04 -37.47
CA PRO A 250 46.38 20.51 -38.25
C PRO A 250 46.34 22.02 -38.51
N SER A 251 47.52 22.66 -38.50
CA SER A 251 47.70 24.10 -38.71
C SER A 251 47.16 24.57 -40.06
N GLY A 252 46.35 25.62 -40.02
CA GLY A 252 45.69 26.21 -41.19
C GLY A 252 44.29 25.68 -41.45
N GLU A 253 43.91 24.58 -40.77
CA GLU A 253 42.60 23.92 -40.90
C GLU A 253 41.61 24.29 -39.75
N GLU A 254 41.88 25.40 -39.03
CA GLU A 254 41.09 25.91 -37.90
C GLU A 254 39.64 26.33 -38.25
N GLN A 255 39.45 26.85 -39.47
CA GLN A 255 38.17 27.33 -40.00
C GLN A 255 37.14 26.21 -40.14
N ARG A 256 37.57 24.97 -40.40
CA ARG A 256 36.67 23.82 -40.57
C ARG A 256 35.94 23.38 -39.27
N TYR A 257 36.42 23.84 -38.10
CA TYR A 257 35.96 23.46 -36.75
C TYR A 257 35.06 24.46 -36.01
N THR A 258 34.00 23.94 -35.39
CA THR A 258 33.02 24.68 -34.57
C THR A 258 32.67 23.96 -33.27
N CYS A 259 32.39 24.76 -32.21
CA CYS A 259 32.00 24.22 -30.91
C CYS A 259 30.54 24.53 -30.62
N HIS A 260 29.69 23.47 -30.59
CA HIS A 260 28.26 23.55 -30.35
C HIS A 260 27.91 23.41 -28.86
N VAL A 261 27.34 24.49 -28.27
CA VAL A 261 27.00 24.63 -26.84
C VAL A 261 25.49 24.50 -26.54
N GLN A 262 25.14 23.53 -25.67
CA GLN A 262 23.75 23.31 -25.26
C GLN A 262 23.58 23.46 -23.74
N HIS A 263 22.81 24.48 -23.31
CA HIS A 263 22.47 24.76 -21.91
C HIS A 263 21.05 25.37 -21.80
N GLU A 264 20.36 25.07 -20.67
CA GLU A 264 19.01 25.54 -20.35
C GLU A 264 18.87 27.07 -20.33
N GLY A 265 19.91 27.75 -19.84
CA GLY A 265 19.95 29.21 -19.74
C GLY A 265 20.23 29.95 -21.04
N LEU A 266 20.38 29.19 -22.14
CA LEU A 266 20.68 29.69 -23.47
C LEU A 266 19.39 29.82 -24.33
N PRO A 267 19.13 30.98 -24.98
CA PRO A 267 17.92 31.10 -25.82
C PRO A 267 18.00 30.19 -27.05
N LYS A 268 19.20 30.07 -27.66
CA LYS A 268 19.47 29.23 -28.83
C LYS A 268 20.83 28.53 -28.66
N PRO A 269 20.98 27.26 -29.13
CA PRO A 269 22.30 26.60 -29.04
C PRO A 269 23.39 27.38 -29.78
N LEU A 270 24.49 27.68 -29.07
CA LEU A 270 25.64 28.44 -29.54
C LEU A 270 26.54 27.65 -30.50
N THR A 271 27.17 28.34 -31.45
CA THR A 271 28.10 27.78 -32.44
C THR A 271 29.25 28.78 -32.58
N LEU A 272 30.48 28.37 -32.22
CA LEU A 272 31.65 29.26 -32.20
C LEU A 272 32.81 28.84 -33.11
N ARG A 273 33.40 29.82 -33.85
CA ARG A 273 34.51 29.62 -34.79
C ARG A 273 35.78 30.36 -34.35
N TRP A 274 36.95 29.97 -34.92
CA TRP A 274 38.24 30.59 -34.62
C TRP A 274 38.58 31.69 -35.62
N ILE B 2 35.83 -3.12 -4.39
CA ILE B 2 36.67 -2.59 -5.49
C ILE B 2 37.32 -1.24 -5.10
N GLN B 3 38.48 -0.93 -5.73
CA GLN B 3 39.19 0.32 -5.44
C GLN B 3 39.36 1.19 -6.68
N ARG B 4 38.90 2.45 -6.59
CA ARG B 4 38.91 3.42 -7.69
C ARG B 4 39.85 4.63 -7.44
N THR B 5 40.74 4.91 -8.41
CA THR B 5 41.73 6.00 -8.38
C THR B 5 41.05 7.34 -8.60
N PRO B 6 41.43 8.39 -7.85
CA PRO B 6 40.78 9.70 -8.02
C PRO B 6 41.24 10.50 -9.23
N LYS B 7 40.28 11.15 -9.89
CA LYS B 7 40.48 12.03 -11.04
C LYS B 7 40.64 13.43 -10.45
N ILE B 8 41.83 14.02 -10.64
CA ILE B 8 42.20 15.32 -10.08
C ILE B 8 42.08 16.43 -11.12
N GLN B 9 41.67 17.64 -10.68
CA GLN B 9 41.52 18.82 -11.52
C GLN B 9 41.95 20.07 -10.75
N VAL B 10 43.02 20.75 -11.18
CA VAL B 10 43.48 21.98 -10.52
C VAL B 10 43.10 23.18 -11.39
N TYR B 11 42.36 24.13 -10.82
CA TYR B 11 41.87 25.30 -11.55
C TYR B 11 41.51 26.41 -10.62
N SER B 12 41.17 27.57 -11.18
CA SER B 12 40.72 28.71 -10.39
C SER B 12 39.24 29.02 -10.66
N ARG B 13 38.54 29.61 -9.65
CA ARG B 13 37.13 29.98 -9.73
C ARG B 13 36.87 30.94 -10.93
N HIS B 14 37.60 32.05 -10.98
CA HIS B 14 37.50 33.06 -12.03
C HIS B 14 38.74 32.99 -12.91
N PRO B 15 38.68 33.39 -14.22
CA PRO B 15 39.90 33.33 -15.04
C PRO B 15 41.07 34.03 -14.35
N ALA B 16 42.24 33.34 -14.30
CA ALA B 16 43.45 33.81 -13.61
C ALA B 16 43.98 35.14 -14.12
N GLU B 17 44.12 36.11 -13.20
CA GLU B 17 44.57 37.47 -13.49
C GLU B 17 45.66 37.79 -12.46
N ASN B 18 46.89 38.08 -12.91
CA ASN B 18 47.99 38.33 -11.96
C ASN B 18 47.75 39.53 -11.05
N GLY B 19 47.90 39.28 -9.75
CA GLY B 19 47.72 40.27 -8.69
C GLY B 19 46.28 40.49 -8.29
N LYS B 20 45.34 39.81 -8.96
CA LYS B 20 43.90 39.92 -8.68
C LYS B 20 43.46 38.77 -7.76
N SER B 21 42.55 39.05 -6.80
CA SER B 21 42.06 38.02 -5.88
C SER B 21 41.23 36.96 -6.58
N ASN B 22 41.52 35.69 -6.24
CA ASN B 22 40.90 34.50 -6.80
C ASN B 22 40.79 33.37 -5.75
N PHE B 23 40.37 32.18 -6.21
CA PHE B 23 40.17 30.95 -5.45
C PHE B 23 40.70 29.81 -6.26
N LEU B 24 41.64 29.06 -5.67
CA LEU B 24 42.26 27.87 -6.25
C LEU B 24 41.41 26.67 -5.89
N ASN B 25 41.19 25.77 -6.82
CA ASN B 25 40.34 24.61 -6.57
C ASN B 25 41.00 23.31 -6.97
N CYS B 26 40.78 22.27 -6.17
CA CYS B 26 41.22 20.93 -6.47
C CYS B 26 40.02 19.99 -6.45
N TYR B 27 39.55 19.58 -7.63
CA TYR B 27 38.40 18.71 -7.74
C TYR B 27 38.81 17.26 -7.82
N VAL B 28 38.62 16.54 -6.72
CA VAL B 28 38.95 15.11 -6.61
C VAL B 28 37.65 14.34 -6.83
N SER B 29 37.64 13.36 -7.73
CA SER B 29 36.42 12.61 -8.03
C SER B 29 36.65 11.17 -8.49
N GLY B 30 35.56 10.40 -8.57
CA GLY B 30 35.55 9.02 -9.06
C GLY B 30 36.32 8.00 -8.26
N PHE B 31 36.58 8.30 -6.98
CA PHE B 31 37.33 7.45 -6.06
C PHE B 31 36.47 6.63 -5.12
N HIS B 32 37.10 5.57 -4.58
CA HIS B 32 36.55 4.62 -3.62
C HIS B 32 37.69 3.78 -3.05
N PRO B 33 37.86 3.70 -1.72
CA PRO B 33 37.05 4.28 -0.63
C PRO B 33 37.09 5.81 -0.51
N SER B 34 36.41 6.31 0.53
CA SER B 34 36.26 7.72 0.80
C SER B 34 37.50 8.35 1.37
N ASP B 35 38.30 7.59 2.15
CA ASP B 35 39.51 8.12 2.80
C ASP B 35 40.58 8.54 1.80
N ILE B 36 40.71 9.87 1.66
CA ILE B 36 41.64 10.56 0.75
C ILE B 36 42.39 11.71 1.45
N GLU B 37 43.67 11.87 1.10
CA GLU B 37 44.54 12.91 1.63
C GLU B 37 44.78 13.96 0.57
N VAL B 38 44.13 15.14 0.71
CA VAL B 38 44.28 16.19 -0.29
C VAL B 38 44.91 17.45 0.30
N ASP B 39 46.07 17.78 -0.27
CA ASP B 39 46.95 18.87 0.08
C ASP B 39 47.05 19.90 -1.07
N LEU B 40 47.08 21.21 -0.74
CA LEU B 40 47.28 22.28 -1.72
C LEU B 40 48.62 22.96 -1.41
N LEU B 41 49.50 23.10 -2.42
CA LEU B 41 50.85 23.61 -2.17
C LEU B 41 51.27 24.82 -3.01
N LYS B 42 51.73 25.87 -2.31
CA LYS B 42 52.30 27.09 -2.87
C LYS B 42 53.82 26.97 -2.75
N ASN B 43 54.51 26.90 -3.91
CA ASN B 43 55.98 26.78 -4.05
C ASN B 43 56.53 25.52 -3.36
N GLY B 44 55.86 24.39 -3.59
CA GLY B 44 56.23 23.11 -3.01
C GLY B 44 55.91 22.94 -1.53
N GLU B 45 55.09 23.84 -0.94
CA GLU B 45 54.73 23.73 0.49
C GLU B 45 53.23 23.94 0.77
N ARG B 46 52.69 23.16 1.75
CA ARG B 46 51.31 23.17 2.20
C ARG B 46 50.75 24.58 2.48
N ILE B 47 49.52 24.85 2.01
CA ILE B 47 48.77 26.08 2.25
C ILE B 47 47.95 25.75 3.49
N GLU B 48 48.08 26.56 4.54
CA GLU B 48 47.49 26.32 5.86
C GLU B 48 45.95 26.45 5.90
N LYS B 49 45.39 27.60 5.51
CA LYS B 49 43.92 27.76 5.58
C LYS B 49 43.21 27.19 4.34
N VAL B 50 43.04 25.85 4.31
CA VAL B 50 42.34 25.19 3.21
C VAL B 50 41.00 24.67 3.72
N GLU B 51 39.92 25.07 3.03
CA GLU B 51 38.56 24.66 3.36
C GLU B 51 38.08 23.69 2.31
N HIS B 52 37.34 22.67 2.72
CA HIS B 52 36.80 21.71 1.76
C HIS B 52 35.27 21.61 1.81
N SER B 53 34.69 20.90 0.84
CA SER B 53 33.24 20.69 0.77
C SER B 53 32.91 19.43 1.56
N ASP B 54 31.60 19.18 1.75
CA ASP B 54 31.11 18.00 2.47
C ASP B 54 31.06 16.82 1.50
N LEU B 55 31.46 15.62 1.99
CA LEU B 55 31.51 14.42 1.17
C LEU B 55 30.20 14.04 0.49
N SER B 56 30.28 13.73 -0.79
CA SER B 56 29.15 13.27 -1.59
C SER B 56 29.62 12.31 -2.67
N PHE B 57 28.69 11.48 -3.19
CA PHE B 57 29.01 10.50 -4.23
C PHE B 57 28.20 10.67 -5.52
N SER B 58 28.76 10.17 -6.63
CA SER B 58 28.16 10.19 -7.96
C SER B 58 27.24 8.98 -8.11
N LYS B 59 26.44 8.93 -9.19
CA LYS B 59 25.49 7.86 -9.49
C LYS B 59 26.10 6.45 -9.42
N ASP B 60 27.40 6.32 -9.77
CA ASP B 60 28.12 5.04 -9.75
C ASP B 60 28.64 4.67 -8.37
N TRP B 61 28.27 5.46 -7.36
CA TRP B 61 28.65 5.32 -5.94
C TRP B 61 30.08 5.80 -5.64
N SER B 62 30.74 6.46 -6.61
CA SER B 62 32.11 6.99 -6.49
C SER B 62 32.09 8.37 -5.81
N PHE B 63 33.07 8.66 -4.93
CA PHE B 63 33.08 9.94 -4.22
C PHE B 63 33.66 11.09 -5.01
N TYR B 64 33.32 12.32 -4.57
CA TYR B 64 33.80 13.59 -5.13
C TYR B 64 33.96 14.59 -4.03
N LEU B 65 35.03 15.39 -4.08
CA LEU B 65 35.33 16.42 -3.07
C LEU B 65 35.93 17.67 -3.67
N LEU B 66 35.68 18.82 -3.04
CA LEU B 66 36.27 20.08 -3.52
C LEU B 66 37.09 20.78 -2.47
N TYR B 67 38.37 20.97 -2.77
CA TYR B 67 39.28 21.68 -1.89
C TYR B 67 39.51 23.03 -2.53
N TYR B 68 39.52 24.09 -1.71
CA TYR B 68 39.63 25.46 -2.19
C TYR B 68 40.29 26.39 -1.16
N THR B 69 40.99 27.41 -1.68
CA THR B 69 41.70 28.39 -0.88
C THR B 69 41.65 29.76 -1.54
N GLU B 70 41.59 30.83 -0.73
CA GLU B 70 41.62 32.18 -1.27
C GLU B 70 43.08 32.48 -1.57
N PHE B 71 43.35 32.92 -2.82
CA PHE B 71 44.71 33.21 -3.29
C PHE B 71 44.74 34.33 -4.35
N THR B 72 45.87 35.05 -4.45
CA THR B 72 46.10 36.09 -5.46
C THR B 72 47.30 35.61 -6.27
N PRO B 73 47.09 35.04 -7.47
CA PRO B 73 48.24 34.52 -8.23
C PRO B 73 49.23 35.58 -8.72
N THR B 74 50.47 35.14 -9.00
CA THR B 74 51.57 35.97 -9.52
C THR B 74 52.26 35.16 -10.65
N GLU B 75 53.21 35.78 -11.37
CA GLU B 75 53.92 35.08 -12.46
C GLU B 75 54.91 34.07 -11.91
N LYS B 76 55.68 34.50 -10.89
CA LYS B 76 56.75 33.75 -10.23
C LYS B 76 56.24 32.55 -9.41
N ASP B 77 55.25 32.75 -8.49
CA ASP B 77 54.65 31.72 -7.65
C ASP B 77 54.10 30.51 -8.44
N GLU B 78 54.36 29.30 -7.91
CA GLU B 78 53.94 28.02 -8.47
C GLU B 78 52.96 27.32 -7.53
N TYR B 79 51.83 26.83 -8.06
CA TYR B 79 50.83 26.13 -7.25
C TYR B 79 50.59 24.71 -7.76
N ALA B 80 50.15 23.82 -6.85
CA ALA B 80 49.88 22.42 -7.15
C ALA B 80 48.98 21.77 -6.12
N CYS B 81 48.39 20.64 -6.50
CA CYS B 81 47.53 19.85 -5.64
C CYS B 81 48.19 18.48 -5.44
N ARG B 82 48.29 18.05 -4.18
CA ARG B 82 48.87 16.76 -3.81
C ARG B 82 47.78 15.85 -3.25
N VAL B 83 47.48 14.77 -3.99
CA VAL B 83 46.45 13.81 -3.63
C VAL B 83 47.05 12.43 -3.32
N ASN B 84 46.63 11.84 -2.19
CA ASN B 84 47.02 10.48 -1.85
C ASN B 84 45.82 9.64 -1.45
N HIS B 85 45.70 8.49 -2.10
CA HIS B 85 44.68 7.48 -1.91
C HIS B 85 45.36 6.14 -1.68
N VAL B 86 44.56 5.14 -1.29
CA VAL B 86 45.00 3.76 -1.06
C VAL B 86 45.41 3.13 -2.41
N THR B 87 44.86 3.66 -3.51
CA THR B 87 45.10 3.21 -4.89
C THR B 87 46.44 3.77 -5.46
N LEU B 88 47.16 4.60 -4.68
CA LEU B 88 48.43 5.19 -5.09
C LEU B 88 49.54 4.86 -4.08
N SER B 89 50.75 4.53 -4.60
CA SER B 89 51.94 4.18 -3.79
C SER B 89 52.42 5.42 -3.04
N GLN B 90 52.81 6.45 -3.82
CA GLN B 90 53.25 7.75 -3.37
C GLN B 90 52.23 8.77 -3.87
N PRO B 91 52.13 9.96 -3.27
CA PRO B 91 51.13 10.93 -3.73
C PRO B 91 51.34 11.42 -5.16
N LYS B 92 50.23 11.80 -5.80
CA LYS B 92 50.16 12.35 -7.14
C LYS B 92 50.15 13.87 -6.98
N ILE B 93 51.13 14.53 -7.60
CA ILE B 93 51.24 15.98 -7.53
C ILE B 93 50.83 16.56 -8.86
N VAL B 94 49.86 17.49 -8.85
CA VAL B 94 49.36 18.10 -10.08
C VAL B 94 49.65 19.61 -10.11
N LYS B 95 50.66 20.02 -10.90
CA LYS B 95 51.04 21.43 -11.05
C LYS B 95 49.93 22.18 -11.76
N TRP B 96 49.53 23.33 -11.21
CA TRP B 96 48.44 24.13 -11.76
C TRP B 96 48.83 24.95 -12.98
N ASP B 97 48.13 24.72 -14.10
CA ASP B 97 48.31 25.42 -15.37
C ASP B 97 47.23 26.49 -15.47
N ARG B 98 47.66 27.75 -15.66
CA ARG B 98 46.79 28.93 -15.80
C ARG B 98 45.80 28.76 -16.97
N ASP B 99 46.26 28.12 -18.06
CA ASP B 99 45.52 27.85 -19.30
C ASP B 99 44.51 26.70 -19.20
N MET B 100 44.35 26.11 -18.00
CA MET B 100 43.43 24.97 -17.75
C MET B 100 42.72 25.03 -16.37
N GLY C 1 13.22 17.99 3.23
CA GLY C 1 12.90 17.30 4.47
C GLY C 1 13.26 15.85 4.33
N THR C 2 14.11 15.34 5.25
CA THR C 2 14.59 13.96 5.24
C THR C 2 13.52 12.97 5.65
N SER C 3 13.67 11.71 5.18
CA SER C 3 12.79 10.57 5.48
C SER C 3 12.91 10.21 6.96
N GLY C 4 11.78 9.96 7.58
CA GLY C 4 11.73 9.55 8.97
C GLY C 4 11.22 8.13 9.06
N SER C 5 10.52 7.68 7.99
CA SER C 5 9.94 6.35 7.94
C SER C 5 10.02 5.72 6.53
N PRO C 6 10.54 4.47 6.40
CA PRO C 6 11.09 3.61 7.44
C PRO C 6 12.59 3.82 7.67
N ILE C 7 13.00 3.59 8.93
CA ILE C 7 14.37 3.59 9.41
C ILE C 7 14.41 2.29 10.22
N ILE C 8 14.67 1.18 9.50
CA ILE C 8 14.70 -0.19 10.02
C ILE C 8 15.99 -0.88 9.64
N ASN C 9 16.41 -1.85 10.46
CA ASN C 9 17.64 -2.60 10.22
C ASN C 9 17.59 -3.49 8.98
N ARG C 10 18.78 -3.75 8.39
CA ARG C 10 19.03 -4.56 7.20
C ARG C 10 19.33 -6.03 7.55
N GLN D 1 1.24 17.97 22.92
CA GLN D 1 0.62 18.98 22.08
C GLN D 1 -0.79 18.58 21.53
N PRO D 2 -1.18 17.29 21.28
CA PRO D 2 -2.55 17.02 20.79
C PRO D 2 -3.62 17.33 21.82
N VAL D 3 -4.81 17.73 21.37
CA VAL D 3 -5.93 18.11 22.23
C VAL D 3 -7.07 17.11 22.18
N GLN D 4 -7.33 16.49 23.34
CA GLN D 4 -8.42 15.52 23.48
C GLN D 4 -9.71 16.20 23.94
N SER D 5 -10.82 15.97 23.19
CA SER D 5 -12.16 16.56 23.39
C SER D 5 -12.77 16.19 24.77
N PRO D 6 -13.34 14.99 25.03
CA PRO D 6 -13.87 14.75 26.38
C PRO D 6 -12.80 14.20 27.32
N GLN D 7 -12.53 14.90 28.42
CA GLN D 7 -11.54 14.45 29.39
C GLN D 7 -12.09 13.22 30.15
N ALA D 8 -13.40 13.22 30.46
CA ALA D 8 -14.07 12.14 31.17
C ALA D 8 -15.49 11.92 30.66
N VAL D 9 -15.90 10.64 30.52
CA VAL D 9 -17.25 10.29 30.06
C VAL D 9 -17.78 9.11 30.90
N ILE D 10 -19.00 9.25 31.47
CA ILE D 10 -19.65 8.13 32.15
C ILE D 10 -20.87 7.71 31.33
N LEU D 11 -20.72 6.59 30.60
CA LEU D 11 -21.75 5.99 29.76
C LEU D 11 -22.48 4.89 30.53
N ARG D 12 -23.67 4.52 30.03
CA ARG D 12 -24.47 3.40 30.52
C ARG D 12 -24.26 2.32 29.47
N GLU D 13 -23.90 1.09 29.85
CA GLU D 13 -23.60 0.02 28.90
C GLU D 13 -24.66 -0.10 27.81
N GLY D 14 -24.20 -0.17 26.56
CA GLY D 14 -25.05 -0.23 25.38
C GLY D 14 -25.06 1.08 24.61
N GLU D 15 -24.64 2.17 25.29
CA GLU D 15 -24.57 3.50 24.67
C GLU D 15 -23.32 3.68 23.79
N ASP D 16 -23.34 4.75 23.00
CA ASP D 16 -22.27 5.09 22.07
C ASP D 16 -21.65 6.44 22.47
N ALA D 17 -20.33 6.58 22.22
CA ALA D 17 -19.58 7.80 22.52
C ALA D 17 -18.42 7.97 21.55
N VAL D 18 -18.08 9.23 21.26
CA VAL D 18 -17.00 9.61 20.33
C VAL D 18 -15.92 10.38 21.08
N ILE D 19 -14.65 9.96 20.92
CA ILE D 19 -13.50 10.66 21.50
C ILE D 19 -12.86 11.43 20.35
N ASN D 20 -12.58 12.72 20.53
CA ASN D 20 -11.99 13.54 19.47
C ASN D 20 -10.57 13.98 19.79
N CYS D 21 -9.68 13.84 18.81
CA CYS D 21 -8.27 14.21 18.90
C CYS D 21 -7.99 15.34 17.88
N SER D 22 -7.43 16.46 18.35
CA SER D 22 -7.14 17.63 17.51
C SER D 22 -5.64 17.92 17.43
N SER D 23 -5.20 18.57 16.35
CA SER D 23 -3.80 18.95 16.15
C SER D 23 -3.62 20.30 15.43
N SER D 24 -2.75 21.17 16.00
CA SER D 24 -2.46 22.48 15.41
C SER D 24 -1.56 22.31 14.17
N LYS D 25 -0.61 21.34 14.22
CA LYS D 25 0.33 21.02 13.13
C LYS D 25 -0.12 19.76 12.36
N ALA D 26 0.12 19.75 11.03
CA ALA D 26 -0.23 18.66 10.10
C ALA D 26 0.13 17.28 10.62
N LEU D 27 -0.71 16.30 10.28
CA LEU D 27 -0.64 14.92 10.71
C LEU D 27 0.35 14.07 9.92
N TYR D 28 0.73 12.93 10.52
CA TYR D 28 1.58 11.89 9.95
C TYR D 28 0.87 10.54 10.20
N SER D 29 0.88 10.10 11.47
CA SER D 29 0.25 8.85 11.91
C SER D 29 -0.43 9.09 13.26
N VAL D 30 -1.65 8.56 13.44
CA VAL D 30 -2.36 8.72 14.71
C VAL D 30 -2.60 7.35 15.38
N HIS D 31 -2.08 7.22 16.62
CA HIS D 31 -2.16 6.00 17.43
C HIS D 31 -3.27 6.12 18.44
N TRP D 32 -3.84 4.99 18.87
CA TRP D 32 -4.87 4.96 19.88
C TRP D 32 -4.55 3.81 20.81
N TYR D 33 -4.49 4.11 22.10
CA TYR D 33 -4.17 3.13 23.13
C TYR D 33 -5.22 3.12 24.21
N ARG D 34 -5.48 1.96 24.81
CA ARG D 34 -6.41 1.87 25.91
C ARG D 34 -5.67 1.35 27.10
N GLN D 35 -5.68 2.12 28.18
CA GLN D 35 -5.02 1.79 29.44
C GLN D 35 -6.06 1.47 30.49
N LYS D 36 -6.02 0.23 30.98
CA LYS D 36 -6.92 -0.26 32.04
C LYS D 36 -6.15 -0.36 33.35
N HIS D 37 -6.82 -0.01 34.48
CA HIS D 37 -6.29 -0.07 35.84
C HIS D 37 -4.88 0.47 35.98
N GLY D 38 -4.03 -0.26 36.70
CA GLY D 38 -2.62 0.09 36.88
C GLY D 38 -1.81 -0.78 35.95
N GLU D 39 -2.09 -0.67 34.64
CA GLU D 39 -1.44 -1.49 33.63
C GLU D 39 -0.99 -0.73 32.39
N ALA D 40 -0.17 -1.40 31.55
CA ALA D 40 0.38 -0.93 30.31
C ALA D 40 -0.72 -0.52 29.32
N PRO D 41 -0.55 0.60 28.56
CA PRO D 41 -1.56 0.95 27.56
C PRO D 41 -1.48 -0.06 26.42
N ILE D 42 -2.62 -0.68 26.06
CA ILE D 42 -2.66 -1.68 24.98
C ILE D 42 -3.04 -0.97 23.68
N PHE D 43 -2.36 -1.33 22.59
CA PHE D 43 -2.52 -0.70 21.26
C PHE D 43 -3.79 -1.09 20.55
N LEU D 44 -4.49 -0.08 20.01
CA LEU D 44 -5.75 -0.33 19.31
C LEU D 44 -5.61 -0.13 17.81
N MET D 45 -5.35 1.10 17.35
CA MET D 45 -5.27 1.41 15.93
C MET D 45 -4.20 2.42 15.55
N ILE D 46 -3.61 2.32 14.37
CA ILE D 46 -2.74 3.36 13.89
C ILE D 46 -3.26 3.72 12.53
N LEU D 47 -3.39 5.02 12.28
CA LEU D 47 -3.97 5.48 11.07
C LEU D 47 -3.04 6.44 10.37
N LEU D 48 -2.86 6.27 9.06
CA LEU D 48 -2.02 7.10 8.24
C LEU D 48 -2.88 7.54 7.10
N LYS D 49 -2.32 8.27 6.15
CA LYS D 49 -3.09 8.80 5.05
C LYS D 49 -3.55 7.66 4.22
N GLY D 50 -2.67 6.71 4.07
CA GLY D 50 -3.01 5.53 3.35
C GLY D 50 -4.28 4.93 3.87
N GLY D 51 -4.69 5.33 5.06
CA GLY D 51 -5.96 4.87 5.58
C GLY D 51 -6.03 4.88 7.08
N GLU D 52 -6.85 5.68 7.77
CA GLU D 52 -7.82 6.68 7.36
C GLU D 52 -9.04 6.32 8.15
N GLN D 53 -9.65 5.21 7.81
CA GLN D 53 -10.67 4.63 8.63
C GLN D 53 -10.27 3.21 8.88
N LYS D 54 -10.23 2.83 10.15
CA LYS D 54 -9.85 1.47 10.57
C LYS D 54 -10.55 0.99 11.84
N GLY D 55 -10.23 -0.21 12.29
CA GLY D 55 -10.87 -0.81 13.44
C GLY D 55 -10.08 -1.75 14.35
N HIS D 56 -10.63 -1.96 15.52
CA HIS D 56 -10.11 -2.88 16.53
C HIS D 56 -11.31 -3.42 17.34
N ASP D 57 -11.62 -4.72 17.15
CA ASP D 57 -12.76 -5.43 17.75
C ASP D 57 -14.06 -4.82 17.23
N LYS D 58 -14.72 -3.98 18.04
CA LYS D 58 -15.96 -3.29 17.67
C LYS D 58 -15.82 -1.76 17.77
N ILE D 59 -14.55 -1.29 17.94
CA ILE D 59 -14.18 0.13 17.99
C ILE D 59 -13.62 0.49 16.63
N SER D 60 -14.05 1.65 16.09
CA SER D 60 -13.57 2.14 14.81
C SER D 60 -13.09 3.57 14.94
N ALA D 61 -12.04 3.92 14.17
CA ALA D 61 -11.50 5.26 14.20
C ALA D 61 -11.34 5.84 12.80
N SER D 62 -11.47 7.18 12.72
CA SER D 62 -11.37 7.97 11.50
C SER D 62 -10.28 9.02 11.61
N PHE D 63 -9.59 9.28 10.50
CA PHE D 63 -8.47 10.21 10.33
C PHE D 63 -8.86 11.19 9.24
N ASN D 64 -8.76 12.50 9.52
CA ASN D 64 -9.07 13.58 8.57
C ASN D 64 -7.86 14.48 8.43
N GLU D 65 -7.32 14.56 7.21
CA GLU D 65 -6.14 15.36 6.87
C GLU D 65 -6.49 16.85 6.92
N LYS D 66 -7.52 17.29 6.15
CA LYS D 66 -7.97 18.69 6.06
C LYS D 66 -8.40 19.27 7.41
N LYS D 67 -9.00 18.43 8.26
CA LYS D 67 -9.45 18.91 9.56
C LYS D 67 -8.36 18.83 10.62
N GLN D 68 -7.24 18.10 10.33
CA GLN D 68 -6.13 17.87 11.27
C GLN D 68 -6.73 17.38 12.61
N GLN D 69 -7.48 16.27 12.52
CA GLN D 69 -8.23 15.68 13.61
C GLN D 69 -8.47 14.16 13.37
N SER D 70 -8.61 13.40 14.48
CA SER D 70 -8.90 11.98 14.47
C SER D 70 -9.94 11.65 15.55
N SER D 71 -10.96 10.85 15.22
CA SER D 71 -11.98 10.51 16.21
C SER D 71 -12.12 9.02 16.42
N LEU D 72 -12.40 8.63 17.67
CA LEU D 72 -12.57 7.25 18.12
C LEU D 72 -14.03 6.98 18.44
N TYR D 73 -14.63 6.10 17.67
CA TYR D 73 -16.03 5.76 17.81
C TYR D 73 -16.25 4.46 18.59
N LEU D 74 -16.93 4.60 19.73
CA LEU D 74 -17.30 3.48 20.59
C LEU D 74 -18.83 3.32 20.54
N THR D 75 -19.30 2.21 19.97
CA THR D 75 -20.75 1.96 19.81
C THR D 75 -21.16 0.68 20.50
N ALA D 76 -22.27 0.75 21.27
CA ALA D 76 -22.85 -0.31 22.08
C ALA D 76 -21.78 -0.84 23.00
N SER D 77 -21.49 -0.02 24.03
CA SER D 77 -20.47 -0.26 25.04
C SER D 77 -20.59 -1.62 25.70
N GLN D 78 -19.46 -2.15 26.19
CA GLN D 78 -19.44 -3.50 26.74
C GLN D 78 -19.07 -3.57 28.21
N LEU D 79 -18.94 -2.42 28.92
CA LEU D 79 -18.60 -2.39 30.37
C LEU D 79 -17.14 -2.81 30.60
N SER D 80 -16.54 -3.54 29.63
CA SER D 80 -15.14 -3.93 29.59
C SER D 80 -14.37 -2.81 28.87
N TYR D 81 -15.11 -1.78 28.43
CA TYR D 81 -14.64 -0.62 27.69
C TYR D 81 -13.96 0.40 28.56
N SER D 82 -14.06 0.28 29.90
CA SER D 82 -13.37 1.17 30.85
C SER D 82 -11.84 0.83 30.80
N GLY D 83 -10.92 1.78 30.95
CA GLY D 83 -11.17 3.17 31.30
C GLY D 83 -10.55 4.24 30.42
N THR D 84 -9.21 4.48 30.52
CA THR D 84 -8.56 5.56 29.77
C THR D 84 -8.14 5.20 28.32
N TYR D 85 -8.34 6.17 27.42
CA TYR D 85 -8.06 6.08 26.00
C TYR D 85 -7.17 7.23 25.59
N PHE D 86 -6.02 6.91 25.02
CA PHE D 86 -5.08 7.92 24.59
C PHE D 86 -4.88 7.92 23.10
N CYS D 87 -4.65 9.10 22.55
CA CYS D 87 -4.32 9.23 21.14
C CYS D 87 -2.87 9.72 21.06
N GLY D 88 -2.12 9.11 20.16
CA GLY D 88 -0.73 9.42 19.94
C GLY D 88 -0.53 10.12 18.62
N LEU D 89 0.40 11.07 18.61
CA LEU D 89 0.69 11.79 17.39
C LEU D 89 2.00 11.39 16.80
N GLY D 90 1.98 11.18 15.50
CA GLY D 90 3.14 10.77 14.72
C GLY D 90 4.00 11.92 14.27
N ASP D 91 5.28 11.74 14.47
CA ASP D 91 6.37 12.62 14.07
C ASP D 91 6.67 12.19 12.61
N ALA D 92 7.65 12.83 11.92
CA ALA D 92 8.05 12.39 10.58
C ALA D 92 8.68 11.02 10.68
N GLY D 93 9.29 10.76 11.85
CA GLY D 93 9.90 9.49 12.20
C GLY D 93 9.05 8.64 13.14
N ASN D 94 7.76 9.00 13.29
CA ASN D 94 6.79 8.34 14.16
C ASN D 94 7.30 8.32 15.61
N MET D 95 7.14 9.45 16.31
CA MET D 95 7.57 9.63 17.68
C MET D 95 6.44 10.31 18.43
N LEU D 96 5.73 9.47 19.21
CA LEU D 96 4.51 9.79 19.95
C LEU D 96 4.63 10.89 20.97
N THR D 97 3.61 11.76 20.95
CA THR D 97 3.37 12.90 21.84
C THR D 97 1.90 12.70 22.19
N PHE D 98 1.65 12.15 23.38
CA PHE D 98 0.32 11.80 23.88
C PHE D 98 -0.60 12.94 24.22
N GLY D 99 -1.88 12.76 23.90
CA GLY D 99 -2.93 13.69 24.27
C GLY D 99 -3.27 13.52 25.74
N GLY D 100 -4.15 14.39 26.25
CA GLY D 100 -4.59 14.37 27.64
C GLY D 100 -5.08 13.04 28.15
N GLY D 101 -6.07 12.49 27.48
CA GLY D 101 -6.66 11.20 27.83
C GLY D 101 -8.13 11.31 28.15
N THR D 102 -8.84 10.19 27.95
CA THR D 102 -10.28 10.13 28.18
C THR D 102 -10.56 9.04 29.19
N ARG D 103 -10.86 9.43 30.44
CA ARG D 103 -11.22 8.47 31.47
C ARG D 103 -12.70 8.10 31.30
N LEU D 104 -12.93 6.95 30.65
CA LEU D 104 -14.26 6.44 30.32
C LEU D 104 -14.73 5.38 31.29
N MET D 105 -15.79 5.67 32.04
CA MET D 105 -16.38 4.69 32.94
C MET D 105 -17.69 4.24 32.33
N VAL D 106 -17.89 2.92 32.25
CA VAL D 106 -19.13 2.35 31.73
C VAL D 106 -19.88 1.78 32.94
N LYS D 107 -21.07 2.34 33.21
CA LYS D 107 -21.95 1.91 34.30
C LYS D 107 -22.95 0.88 33.73
N PRO D 108 -23.21 -0.23 34.44
CA PRO D 108 -24.07 -1.27 33.84
C PRO D 108 -25.57 -1.06 34.04
N HIS D 109 -26.36 -1.92 33.38
CA HIS D 109 -27.81 -1.90 33.47
C HIS D 109 -28.23 -3.02 34.41
N ILE D 110 -28.54 -2.65 35.66
CA ILE D 110 -29.02 -3.58 36.66
C ILE D 110 -30.53 -3.74 36.41
N GLN D 111 -30.94 -4.94 35.92
CA GLN D 111 -32.33 -5.23 35.52
C GLN D 111 -33.32 -5.16 36.68
N ASN D 112 -33.19 -6.06 37.68
CA ASN D 112 -34.08 -6.04 38.84
C ASN D 112 -33.34 -5.64 40.13
N PRO D 113 -33.28 -4.32 40.45
CA PRO D 113 -32.58 -3.90 41.67
C PRO D 113 -33.44 -3.94 42.92
N ASP D 114 -32.81 -4.17 44.09
CA ASP D 114 -33.47 -4.12 45.40
C ASP D 114 -32.51 -3.54 46.44
N PRO D 115 -32.44 -2.18 46.47
CA PRO D 115 -31.52 -1.50 47.40
C PRO D 115 -31.62 -1.99 48.83
N ALA D 116 -30.47 -2.32 49.44
CA ALA D 116 -30.41 -2.85 50.81
C ALA D 116 -29.11 -2.47 51.54
N VAL D 117 -29.19 -2.23 52.86
CA VAL D 117 -28.05 -1.90 53.71
C VAL D 117 -27.92 -2.95 54.81
N TYR D 118 -26.87 -3.77 54.71
CA TYR D 118 -26.56 -4.89 55.60
C TYR D 118 -25.39 -4.61 56.54
N GLN D 119 -25.27 -5.41 57.63
CA GLN D 119 -24.20 -5.33 58.62
C GLN D 119 -23.47 -6.68 58.67
N LEU D 120 -22.17 -6.69 58.30
CA LEU D 120 -21.36 -7.90 58.24
C LEU D 120 -20.65 -8.25 59.55
N ARG D 121 -20.64 -9.55 59.92
CA ARG D 121 -20.17 -10.14 61.18
C ARG D 121 -18.68 -9.79 61.60
N ASP D 122 -17.71 -10.72 61.39
CA ASP D 122 -16.29 -10.66 61.77
C ASP D 122 -16.05 -10.84 63.32
N SER D 123 -15.74 -9.74 64.07
CA SER D 123 -15.39 -9.62 65.52
C SER D 123 -13.93 -10.05 65.85
N LYS D 124 -13.08 -10.24 64.81
CA LYS D 124 -11.67 -10.65 64.93
C LYS D 124 -10.71 -9.62 64.33
N SER D 125 -9.50 -9.50 64.94
CA SER D 125 -8.37 -8.63 64.57
C SER D 125 -8.71 -7.13 64.44
N SER D 126 -9.42 -6.72 63.37
CA SER D 126 -9.81 -5.32 63.15
C SER D 126 -11.08 -4.99 63.92
N ASP D 127 -11.03 -3.88 64.68
CA ASP D 127 -12.13 -3.40 65.52
C ASP D 127 -13.38 -2.94 64.72
N LYS D 128 -14.56 -3.23 65.32
CA LYS D 128 -15.92 -2.92 64.86
C LYS D 128 -16.35 -3.76 63.60
N SER D 129 -17.59 -3.51 63.14
CA SER D 129 -18.28 -4.13 62.01
C SER D 129 -18.28 -3.20 60.79
N VAL D 130 -18.66 -3.76 59.63
CA VAL D 130 -18.71 -3.10 58.33
C VAL D 130 -20.13 -3.15 57.75
N CYS D 131 -20.58 -2.03 57.18
CA CYS D 131 -21.88 -1.89 56.53
C CYS D 131 -21.76 -1.84 55.01
N LEU D 132 -22.57 -2.65 54.30
CA LEU D 132 -22.57 -2.72 52.85
C LEU D 132 -23.90 -2.29 52.24
N PHE D 133 -23.86 -1.33 51.32
CA PHE D 133 -25.01 -0.84 50.56
C PHE D 133 -24.99 -1.61 49.26
N THR D 134 -26.04 -2.37 48.98
CA THR D 134 -25.99 -3.20 47.78
C THR D 134 -27.29 -3.20 46.94
N ASP D 135 -27.18 -3.80 45.74
CA ASP D 135 -28.22 -4.05 44.76
C ASP D 135 -29.05 -2.83 44.39
N PHE D 136 -28.41 -1.65 44.44
CA PHE D 136 -29.04 -0.38 44.09
C PHE D 136 -28.81 -0.09 42.60
N ASP D 137 -29.50 0.93 42.05
CA ASP D 137 -29.41 1.29 40.63
C ASP D 137 -28.21 2.17 40.30
N SER D 138 -27.72 2.06 39.06
CA SER D 138 -26.62 2.84 38.48
C SER D 138 -27.01 4.32 38.36
N GLN D 139 -28.31 4.62 38.53
CA GLN D 139 -28.85 5.99 38.53
C GLN D 139 -28.48 6.68 39.85
N THR D 140 -28.52 5.93 40.98
CA THR D 140 -28.16 6.47 42.30
C THR D 140 -26.64 6.57 42.49
N ASN D 141 -26.17 7.70 43.02
CA ASN D 141 -24.77 7.96 43.25
C ASN D 141 -24.43 7.94 44.73
N VAL D 142 -23.26 7.33 45.07
CA VAL D 142 -22.77 7.18 46.43
C VAL D 142 -21.95 8.40 46.84
N SER D 143 -22.49 9.19 47.76
CA SER D 143 -21.82 10.39 48.27
C SER D 143 -20.82 9.99 49.34
N GLN D 144 -19.58 10.52 49.25
CA GLN D 144 -18.48 10.24 50.18
C GLN D 144 -18.76 10.72 51.62
N SER D 145 -17.90 10.36 52.59
CA SER D 145 -18.10 10.70 54.00
C SER D 145 -18.09 12.20 54.35
N LYS D 146 -19.06 12.57 55.21
CA LYS D 146 -19.25 13.91 55.79
C LYS D 146 -18.36 13.95 57.04
N ASP D 147 -18.41 12.85 57.82
CA ASP D 147 -17.64 12.60 59.03
C ASP D 147 -16.19 12.25 58.66
N SER D 148 -15.22 12.48 59.58
CA SER D 148 -13.80 12.18 59.38
C SER D 148 -13.38 10.82 59.99
N ASP D 149 -14.13 10.33 60.99
CA ASP D 149 -13.88 9.05 61.66
C ASP D 149 -14.69 7.87 61.05
N VAL D 150 -15.51 8.16 60.01
CA VAL D 150 -16.34 7.19 59.28
C VAL D 150 -15.87 7.19 57.81
N TYR D 151 -15.69 6.00 57.20
CA TYR D 151 -15.21 5.87 55.82
C TYR D 151 -16.23 5.26 54.86
N ILE D 152 -16.39 5.87 53.68
CA ILE D 152 -17.30 5.39 52.64
C ILE D 152 -16.55 5.22 51.31
N THR D 153 -16.53 3.98 50.81
CA THR D 153 -15.89 3.64 49.53
C THR D 153 -16.93 3.68 48.44
N ASP D 154 -16.62 4.38 47.34
CA ASP D 154 -17.52 4.53 46.21
C ASP D 154 -17.89 3.22 45.56
N LYS D 155 -19.12 3.18 45.03
CA LYS D 155 -19.76 2.07 44.34
C LYS D 155 -18.86 1.38 43.33
N CYS D 156 -19.00 0.08 43.20
CA CYS D 156 -18.22 -0.69 42.25
C CYS D 156 -19.05 -1.86 41.70
N VAL D 157 -18.81 -2.20 40.43
CA VAL D 157 -19.56 -3.25 39.73
C VAL D 157 -18.95 -4.62 39.97
N LEU D 158 -19.77 -5.54 40.48
CA LEU D 158 -19.43 -6.93 40.72
C LEU D 158 -20.14 -7.77 39.62
N ASP D 159 -19.60 -8.93 39.24
CA ASP D 159 -20.25 -9.74 38.20
C ASP D 159 -20.12 -11.23 38.41
N MET D 160 -21.21 -11.86 38.89
CA MET D 160 -21.30 -13.29 39.12
C MET D 160 -21.62 -13.93 37.77
N ARG D 161 -20.56 -14.30 37.02
CA ARG D 161 -20.64 -14.90 35.69
C ARG D 161 -21.53 -16.16 35.64
N SER D 162 -21.54 -16.96 36.72
CA SER D 162 -22.33 -18.19 36.85
C SER D 162 -23.86 -17.95 36.82
N MET D 163 -24.30 -16.70 37.06
CA MET D 163 -25.72 -16.33 37.12
C MET D 163 -26.11 -15.26 36.10
N ASP D 164 -25.10 -14.69 35.40
CA ASP D 164 -25.26 -13.60 34.43
C ASP D 164 -25.93 -12.41 35.12
N PHE D 165 -25.58 -12.26 36.43
CA PHE D 165 -26.05 -11.28 37.40
C PHE D 165 -24.96 -10.28 37.75
N LYS D 166 -25.25 -9.00 37.56
CA LYS D 166 -24.35 -7.88 37.85
C LYS D 166 -24.98 -7.05 38.97
N SER D 167 -24.15 -6.53 39.89
CA SER D 167 -24.64 -5.73 41.03
C SER D 167 -23.69 -4.61 41.42
N ASN D 168 -24.26 -3.50 41.91
CA ASN D 168 -23.49 -2.35 42.41
C ASN D 168 -23.37 -2.55 43.93
N SER D 169 -22.36 -1.88 44.55
CA SER D 169 -22.10 -1.98 45.98
C SER D 169 -21.16 -0.92 46.50
N ALA D 170 -21.44 -0.39 47.69
CA ALA D 170 -20.60 0.57 48.41
C ALA D 170 -20.40 0.03 49.81
N VAL D 171 -19.20 0.22 50.36
CA VAL D 171 -18.81 -0.26 51.69
C VAL D 171 -18.46 0.91 52.62
N ALA D 172 -19.02 0.88 53.83
CA ALA D 172 -18.79 1.87 54.88
C ALA D 172 -18.39 1.17 56.17
N TRP D 173 -17.53 1.82 56.96
CA TRP D 173 -17.07 1.34 58.26
C TRP D 173 -16.54 2.49 59.12
N SER D 174 -16.37 2.21 60.42
CA SER D 174 -15.87 3.14 61.44
C SER D 174 -15.45 2.36 62.68
N ASN D 175 -14.57 2.97 63.52
CA ASN D 175 -14.09 2.40 64.79
C ASN D 175 -15.10 2.74 65.93
N LYS D 176 -15.91 3.79 65.74
CA LYS D 176 -16.92 4.29 66.69
C LYS D 176 -18.06 3.30 67.00
N SER D 177 -18.49 3.33 68.27
CA SER D 177 -19.60 2.53 68.81
C SER D 177 -20.95 3.08 68.36
N ASP D 178 -21.04 4.44 68.18
CA ASP D 178 -22.23 5.20 67.73
C ASP D 178 -22.73 4.73 66.36
N PHE D 179 -21.79 4.28 65.51
CA PHE D 179 -21.98 3.81 64.14
C PHE D 179 -22.94 2.64 64.01
N ALA D 180 -23.94 2.79 63.13
CA ALA D 180 -24.96 1.79 62.83
C ALA D 180 -25.49 1.97 61.40
N CYS D 181 -26.36 1.05 60.97
CA CYS D 181 -26.98 1.07 59.64
C CYS D 181 -28.04 2.16 59.52
N ALA D 182 -28.44 2.49 58.26
CA ALA D 182 -29.39 3.53 57.84
C ALA D 182 -28.77 4.91 58.03
N ASN D 183 -28.17 5.18 59.21
CA ASN D 183 -27.47 6.42 59.50
C ASN D 183 -26.09 6.47 58.79
N ALA D 184 -25.59 5.29 58.34
CA ALA D 184 -24.30 5.16 57.67
C ALA D 184 -24.26 5.89 56.34
N PHE D 185 -25.30 5.72 55.51
CA PHE D 185 -25.39 6.36 54.20
C PHE D 185 -26.39 7.53 54.20
N ASN D 186 -26.25 8.44 55.18
CA ASN D 186 -27.10 9.64 55.31
C ASN D 186 -26.73 10.70 54.27
N ASN D 187 -25.41 10.91 54.05
CA ASN D 187 -24.81 11.86 53.10
C ASN D 187 -25.24 11.56 51.66
N SER D 188 -25.53 10.28 51.39
CA SER D 188 -25.97 9.74 50.10
C SER D 188 -27.49 9.65 49.96
N ILE D 189 -27.98 9.61 48.70
CA ILE D 189 -29.39 9.54 48.33
C ILE D 189 -29.88 8.07 48.20
N ILE D 190 -30.31 7.49 49.33
CA ILE D 190 -30.85 6.12 49.44
C ILE D 190 -32.19 6.07 48.65
N PRO D 191 -32.41 5.08 47.76
CA PRO D 191 -33.68 5.04 47.00
C PRO D 191 -34.89 4.67 47.85
N GLU D 192 -36.12 4.86 47.30
CA GLU D 192 -37.38 4.58 47.99
C GLU D 192 -37.52 3.11 48.42
N ASP D 193 -37.45 2.18 47.45
CA ASP D 193 -37.51 0.73 47.68
C ASP D 193 -36.19 0.34 48.36
N THR D 194 -36.09 0.51 49.70
CA THR D 194 -34.86 0.20 50.42
C THR D 194 -35.15 -0.63 51.68
N PHE D 195 -34.27 -1.59 51.95
CA PHE D 195 -34.42 -2.54 53.05
C PHE D 195 -33.32 -2.42 54.09
N PHE D 196 -33.71 -2.07 55.32
CA PHE D 196 -32.84 -1.97 56.49
C PHE D 196 -33.30 -3.03 57.50
N PRO D 197 -32.69 -4.25 57.49
CA PRO D 197 -33.15 -5.30 58.41
C PRO D 197 -32.84 -5.07 59.90
N SER D 198 -33.52 -5.82 60.78
CA SER D 198 -33.40 -5.78 62.25
C SER D 198 -33.83 -7.11 62.88
N ALA E 1 5.82 -13.25 24.14
CA ALA E 1 7.01 -12.65 24.76
C ALA E 1 6.67 -11.35 25.56
N GLY E 2 6.52 -10.22 24.85
CA GLY E 2 6.19 -8.93 25.43
C GLY E 2 7.39 -8.18 25.98
N VAL E 3 7.24 -6.85 26.12
CA VAL E 3 8.28 -5.98 26.69
C VAL E 3 8.33 -6.26 28.20
N ALA E 4 9.54 -6.55 28.72
CA ALA E 4 9.77 -6.84 30.14
C ALA E 4 10.27 -5.61 30.85
N GLN E 5 9.72 -5.32 32.04
CA GLN E 5 10.11 -4.16 32.84
C GLN E 5 10.33 -4.53 34.31
N SER E 6 11.52 -4.25 34.83
CA SER E 6 11.82 -4.56 36.22
C SER E 6 12.36 -3.34 37.03
N PRO E 7 11.98 -3.20 38.32
CA PRO E 7 11.04 -4.02 39.10
C PRO E 7 9.58 -3.62 38.79
N ARG E 8 8.57 -4.20 39.49
CA ARG E 8 7.19 -3.80 39.25
C ARG E 8 6.92 -2.49 39.97
N TYR E 9 7.28 -2.48 41.26
CA TYR E 9 7.12 -1.33 42.15
C TYR E 9 8.47 -1.02 42.83
N LYS E 10 8.69 0.26 43.21
CA LYS E 10 9.92 0.68 43.89
C LYS E 10 9.72 1.81 44.90
N ILE E 11 10.36 1.71 46.08
CA ILE E 11 10.30 2.76 47.10
C ILE E 11 11.70 3.31 47.30
N ILE E 12 11.83 4.63 47.24
CA ILE E 12 13.09 5.36 47.37
C ILE E 12 12.90 6.57 48.30
N GLU E 13 13.93 6.91 49.10
CA GLU E 13 13.88 8.06 49.99
C GLU E 13 14.34 9.29 49.21
N LYS E 14 13.83 10.46 49.59
CA LYS E 14 14.05 11.80 49.02
C LYS E 14 15.27 11.94 48.09
N ARG E 15 16.52 11.72 48.55
CA ARG E 15 17.69 11.92 47.68
C ARG E 15 18.47 10.63 47.27
N GLN E 16 17.82 9.44 47.37
CA GLN E 16 18.45 8.16 47.00
C GLN E 16 18.54 7.94 45.45
N SER E 17 19.15 6.81 45.02
CA SER E 17 19.34 6.51 43.59
C SER E 17 18.61 5.24 43.15
N VAL E 18 18.08 5.24 41.90
CA VAL E 18 17.34 4.08 41.39
C VAL E 18 17.52 3.87 39.89
N ALA E 19 17.51 2.59 39.49
CA ALA E 19 17.62 2.16 38.10
C ALA E 19 16.42 1.33 37.74
N PHE E 20 15.89 1.56 36.53
CA PHE E 20 14.76 0.83 35.96
C PHE E 20 15.24 0.13 34.72
N TRP E 21 15.13 -1.18 34.74
CA TRP E 21 15.58 -1.99 33.64
C TRP E 21 14.44 -2.33 32.70
N CYS E 22 14.77 -2.43 31.40
CA CYS E 22 13.80 -2.81 30.41
C CYS E 22 14.35 -3.60 29.26
N ASN E 23 13.64 -4.68 28.90
CA ASN E 23 13.97 -5.51 27.74
C ASN E 23 12.87 -5.35 26.69
N PRO E 24 13.23 -4.94 25.45
CA PRO E 24 12.20 -4.78 24.42
C PRO E 24 11.87 -6.10 23.70
N ILE E 25 10.86 -6.06 22.79
CA ILE E 25 10.48 -7.20 21.94
C ILE E 25 11.73 -7.58 21.11
N SER E 26 11.97 -8.90 20.92
CA SER E 26 13.15 -9.36 20.23
C SER E 26 13.31 -8.79 18.81
N GLY E 27 14.45 -8.14 18.61
CA GLY E 27 14.84 -7.55 17.33
C GLY E 27 14.41 -6.12 17.05
N HIS E 28 13.60 -5.54 17.94
CA HIS E 28 13.11 -4.16 17.82
C HIS E 28 14.22 -3.17 17.93
N ALA E 29 14.38 -2.35 16.89
CA ALA E 29 15.45 -1.36 16.82
C ALA E 29 15.17 -0.10 17.66
N THR E 30 13.87 0.27 17.79
CA THR E 30 13.51 1.48 18.52
C THR E 30 13.05 1.17 19.94
N LEU E 31 13.58 1.96 20.92
CA LEU E 31 13.23 1.84 22.33
C LEU E 31 12.90 3.20 22.89
N TYR E 32 11.82 3.28 23.68
CA TYR E 32 11.28 4.51 24.27
C TYR E 32 11.13 4.47 25.79
N TRP E 33 11.37 5.61 26.43
CA TRP E 33 11.14 5.76 27.85
C TRP E 33 10.19 6.94 28.03
N TYR E 34 8.99 6.64 28.55
CA TYR E 34 7.92 7.60 28.84
C TYR E 34 7.68 7.63 30.36
N GLN E 35 7.29 8.79 30.88
CA GLN E 35 6.97 8.98 32.29
C GLN E 35 5.49 9.37 32.36
N GLN E 36 4.71 8.70 33.22
CA GLN E 36 3.28 8.99 33.38
C GLN E 36 2.91 9.35 34.83
N ILE E 37 2.89 10.68 35.11
CA ILE E 37 2.52 11.30 36.40
C ILE E 37 1.02 11.10 36.58
N LEU E 38 0.64 10.40 37.67
CA LEU E 38 -0.75 10.05 37.99
C LEU E 38 -1.36 9.25 36.81
N GLY E 39 -2.50 9.70 36.28
CA GLY E 39 -3.13 8.99 35.17
C GLY E 39 -2.95 9.65 33.82
N GLN E 40 -2.44 10.90 33.82
CA GLN E 40 -2.25 11.79 32.66
C GLN E 40 -1.46 11.19 31.51
N GLY E 41 -1.49 11.88 30.35
CA GLY E 41 -0.80 11.49 29.13
C GLY E 41 0.69 11.24 29.30
N PRO E 42 1.19 10.03 28.92
CA PRO E 42 2.63 9.73 29.09
C PRO E 42 3.52 10.75 28.39
N LYS E 43 4.59 11.17 29.07
CA LYS E 43 5.55 12.16 28.56
C LYS E 43 6.89 11.50 28.23
N LEU E 44 7.39 11.76 27.01
CA LEU E 44 8.66 11.22 26.51
C LEU E 44 9.85 11.71 27.33
N LEU E 45 10.86 10.84 27.53
CA LEU E 45 12.10 11.15 28.25
C LEU E 45 13.24 10.97 27.24
N ILE E 46 13.39 9.73 26.71
CA ILE E 46 14.42 9.37 25.74
C ILE E 46 13.92 8.35 24.71
N GLN E 47 14.44 8.46 23.47
CA GLN E 47 14.22 7.56 22.35
C GLN E 47 15.59 7.00 21.90
N PHE E 48 15.63 5.69 21.59
CA PHE E 48 16.82 4.96 21.15
C PHE E 48 16.61 4.32 19.76
N GLN E 49 17.71 4.20 19.00
CA GLN E 49 17.78 3.48 17.72
C GLN E 49 19.02 2.62 17.87
N ASN E 50 18.82 1.41 18.41
CA ASN E 50 19.86 0.45 18.73
C ASN E 50 20.73 0.98 19.89
N ASN E 51 22.07 1.03 19.73
CA ASN E 51 22.98 1.49 20.79
C ASN E 51 22.88 2.99 21.05
N GLY E 52 22.41 3.77 20.08
CA GLY E 52 22.38 5.21 20.19
C GLY E 52 21.08 5.94 20.46
N VAL E 53 21.24 7.24 20.83
CA VAL E 53 20.20 8.21 21.19
C VAL E 53 19.76 9.11 20.02
N VAL E 54 18.46 9.02 19.68
CA VAL E 54 17.78 9.80 18.64
C VAL E 54 17.28 11.12 19.24
N ASP E 55 16.65 11.06 20.46
CA ASP E 55 16.16 12.25 21.14
C ASP E 55 16.13 12.13 22.66
N ASP E 56 16.97 12.95 23.33
CA ASP E 56 17.04 13.06 24.79
C ASP E 56 16.74 14.50 25.26
N SER E 57 16.10 15.30 24.40
CA SER E 57 15.75 16.69 24.66
C SER E 57 14.89 16.87 25.89
N GLN E 58 13.97 15.92 26.14
CA GLN E 58 13.02 15.99 27.26
C GLN E 58 13.53 15.28 28.54
N LEU E 59 14.84 14.99 28.59
CA LEU E 59 15.46 14.33 29.74
C LEU E 59 15.96 15.33 30.77
N PRO E 60 15.53 15.28 32.06
CA PRO E 60 16.12 16.17 33.09
C PRO E 60 17.55 15.69 33.45
N LYS E 61 18.49 15.97 32.54
CA LYS E 61 19.89 15.52 32.57
C LYS E 61 20.61 15.83 33.88
N ASP E 62 20.06 16.74 34.71
CA ASP E 62 20.62 17.08 36.01
C ASP E 62 20.67 15.84 36.93
N ARG E 63 19.77 14.84 36.70
CA ARG E 63 19.65 13.60 37.49
C ARG E 63 19.48 12.33 36.62
N PHE E 64 18.68 12.44 35.54
CA PHE E 64 18.32 11.33 34.66
C PHE E 64 19.39 10.94 33.67
N SER E 65 19.62 9.61 33.59
CA SER E 65 20.58 8.95 32.70
C SER E 65 19.96 7.67 32.12
N ALA E 66 20.30 7.37 30.86
CA ALA E 66 19.76 6.20 30.18
C ALA E 66 20.79 5.56 29.26
N GLU E 67 20.94 4.22 29.37
CA GLU E 67 21.88 3.47 28.56
C GLU E 67 21.29 2.14 28.03
N ARG E 68 21.56 1.86 26.75
CA ARG E 68 21.19 0.69 25.95
C ARG E 68 22.48 0.40 25.15
N LEU E 69 23.49 -0.17 25.85
CA LEU E 69 24.83 -0.42 25.33
C LEU E 69 24.90 -1.36 24.14
N LYS E 70 24.36 -2.58 24.27
CA LYS E 70 24.40 -3.57 23.20
C LYS E 70 23.17 -3.47 22.26
N GLY E 71 22.42 -2.37 22.36
CA GLY E 71 21.24 -2.10 21.54
C GLY E 71 20.07 -3.04 21.79
N VAL E 72 20.09 -3.75 22.93
CA VAL E 72 19.05 -4.70 23.31
C VAL E 72 18.30 -4.07 24.49
N ASP E 73 18.58 -4.50 25.72
CA ASP E 73 17.96 -3.99 26.93
C ASP E 73 18.47 -2.59 27.32
N SER E 74 17.69 -1.84 28.08
CA SER E 74 18.01 -0.49 28.53
C SER E 74 17.85 -0.29 30.05
N THR E 75 18.57 0.68 30.62
CA THR E 75 18.49 1.02 32.04
C THR E 75 18.37 2.52 32.26
N LEU E 76 17.22 2.94 32.82
CA LEU E 76 16.98 4.35 33.12
C LEU E 76 17.37 4.54 34.57
N LYS E 77 18.19 5.57 34.88
CA LYS E 77 18.68 5.90 36.23
C LYS E 77 18.34 7.32 36.63
N ILE E 78 17.94 7.51 37.92
CA ILE E 78 17.65 8.81 38.55
C ILE E 78 18.64 8.96 39.71
N GLN E 79 19.59 9.90 39.60
CA GLN E 79 20.60 10.14 40.64
C GLN E 79 20.93 11.63 40.87
N PRO E 80 20.44 12.24 41.98
CA PRO E 80 19.55 11.68 43.00
C PRO E 80 18.06 11.86 42.68
N ALA E 81 17.21 11.03 43.28
CA ALA E 81 15.76 11.15 43.08
C ALA E 81 15.20 12.42 43.76
N LYS E 82 13.97 12.79 43.39
CA LYS E 82 13.23 13.93 43.90
C LYS E 82 11.81 13.45 44.13
N LEU E 83 11.03 14.11 45.00
CA LEU E 83 9.64 13.76 45.27
C LEU E 83 8.76 13.96 44.01
N GLU E 84 9.21 14.84 43.09
CA GLU E 84 8.54 15.13 41.82
C GLU E 84 8.62 13.96 40.81
N ASP E 85 9.55 13.01 41.04
CA ASP E 85 9.79 11.85 40.18
C ASP E 85 8.80 10.70 40.34
N SER E 86 8.13 10.59 41.51
CA SER E 86 7.14 9.53 41.74
C SER E 86 6.09 9.58 40.62
N ALA E 87 6.09 8.51 39.77
CA ALA E 87 5.24 8.27 38.59
C ALA E 87 5.48 6.86 38.04
N VAL E 88 4.76 6.45 36.99
CA VAL E 88 4.98 5.15 36.36
C VAL E 88 5.93 5.34 35.18
N TYR E 89 7.02 4.55 35.16
CA TYR E 89 8.03 4.63 34.10
C TYR E 89 7.78 3.58 33.06
N LEU E 90 7.30 4.05 31.91
CA LEU E 90 6.90 3.21 30.80
C LEU E 90 7.94 3.04 29.72
N CYS E 91 8.04 1.80 29.27
CA CYS E 91 8.95 1.47 28.20
C CYS E 91 8.22 0.77 27.09
N ALA E 92 8.33 1.31 25.88
CA ALA E 92 7.73 0.73 24.68
C ALA E 92 8.79 0.43 23.64
N SER E 93 8.44 -0.40 22.64
CA SER E 93 9.34 -0.76 21.55
C SER E 93 8.61 -0.82 20.22
N SER E 94 9.29 -0.36 19.19
CA SER E 94 8.82 -0.34 17.82
C SER E 94 9.86 -1.12 17.02
N LEU E 95 9.44 -1.77 15.91
CA LEU E 95 10.36 -2.51 15.04
C LEU E 95 11.48 -1.56 14.47
N GLY E 96 11.07 -0.33 14.18
CA GLY E 96 11.93 0.76 13.71
C GLY E 96 11.14 2.06 13.66
N GLN E 97 11.41 2.89 12.67
CA GLN E 97 10.66 4.12 12.48
C GLN E 97 10.00 4.01 11.08
N GLY E 98 8.71 3.66 10.95
CA GLY E 98 7.80 3.40 12.05
C GLY E 98 6.42 3.92 11.81
N LEU E 99 6.18 4.67 10.72
CA LEU E 99 4.89 5.32 10.51
C LEU E 99 3.71 4.36 10.51
N LEU E 100 3.95 3.10 10.20
CA LEU E 100 2.95 2.04 10.19
C LEU E 100 2.99 1.20 11.46
N TYR E 101 4.08 1.30 12.23
CA TYR E 101 4.30 0.54 13.46
C TYR E 101 3.77 1.22 14.71
N GLY E 102 2.96 0.48 15.46
CA GLY E 102 2.42 0.91 16.74
C GLY E 102 3.35 0.45 17.84
N TYR E 103 3.41 1.20 18.94
CA TYR E 103 4.27 0.89 20.08
C TYR E 103 3.73 -0.29 20.86
N THR E 104 4.64 -1.02 21.52
CA THR E 104 4.33 -2.16 22.38
C THR E 104 4.89 -1.79 23.75
N PHE E 105 4.01 -1.48 24.71
CA PHE E 105 4.43 -1.07 26.06
C PHE E 105 4.60 -2.20 27.08
N GLY E 106 5.50 -1.99 28.03
CA GLY E 106 5.72 -2.83 29.19
C GLY E 106 4.81 -2.32 30.29
N SER E 107 4.59 -3.13 31.35
CA SER E 107 3.66 -2.77 32.44
C SER E 107 4.07 -1.55 33.26
N GLY E 108 5.32 -1.11 33.11
CA GLY E 108 5.85 0.07 33.79
C GLY E 108 6.27 -0.14 35.22
N THR E 109 7.22 0.68 35.70
CA THR E 109 7.68 0.60 37.09
C THR E 109 7.08 1.76 37.87
N ARG E 110 6.29 1.47 38.92
CA ARG E 110 5.73 2.53 39.73
C ARG E 110 6.73 2.89 40.83
N LEU E 111 7.26 4.12 40.78
CA LEU E 111 8.19 4.62 41.77
C LEU E 111 7.46 5.60 42.69
N THR E 112 7.74 5.48 44.00
CA THR E 112 7.24 6.36 45.04
C THR E 112 8.43 6.82 45.89
N VAL E 113 8.79 8.11 45.72
CA VAL E 113 9.87 8.80 46.42
C VAL E 113 9.23 9.47 47.64
N LEU E 114 9.79 9.19 48.83
CA LEU E 114 9.22 9.67 50.09
C LEU E 114 10.10 10.58 50.91
N GLU E 115 9.50 11.28 51.89
CA GLU E 115 10.19 12.19 52.81
C GLU E 115 11.20 11.37 53.60
N ASP E 116 10.69 10.50 54.47
CA ASP E 116 11.43 9.57 55.32
C ASP E 116 10.83 8.22 55.02
N LEU E 117 11.66 7.16 55.00
CA LEU E 117 11.16 5.78 54.79
C LEU E 117 10.22 5.34 55.92
N ASN E 118 10.30 6.02 57.08
CA ASN E 118 9.50 5.83 58.30
C ASN E 118 7.97 5.93 58.07
N LYS E 119 7.56 6.52 56.93
CA LYS E 119 6.19 6.73 56.46
C LYS E 119 5.59 5.42 55.90
N VAL E 120 6.46 4.46 55.52
CA VAL E 120 6.07 3.16 54.94
C VAL E 120 5.47 2.21 56.00
N PHE E 121 4.23 1.72 55.72
CA PHE E 121 3.49 0.78 56.56
C PHE E 121 2.87 -0.33 55.73
N PRO E 122 2.93 -1.60 56.21
CA PRO E 122 2.27 -2.68 55.48
C PRO E 122 0.78 -2.72 55.78
N PRO E 123 -0.06 -3.35 54.95
CA PRO E 123 -1.50 -3.40 55.24
C PRO E 123 -1.88 -4.35 56.38
N GLU E 124 -3.14 -4.22 56.81
CA GLU E 124 -3.73 -5.06 57.85
C GLU E 124 -5.00 -5.64 57.23
N VAL E 125 -4.93 -6.91 56.80
CA VAL E 125 -6.05 -7.58 56.14
C VAL E 125 -7.02 -8.14 57.16
N ALA E 126 -8.33 -7.99 56.87
CA ALA E 126 -9.45 -8.46 57.69
C ALA E 126 -10.66 -8.77 56.83
N VAL E 127 -11.25 -9.99 56.98
CA VAL E 127 -12.46 -10.47 56.27
C VAL E 127 -13.67 -10.33 57.20
N PHE E 128 -14.84 -9.98 56.64
CA PHE E 128 -16.09 -9.80 57.36
C PHE E 128 -17.13 -10.78 56.79
N GLU E 129 -17.62 -11.73 57.63
CA GLU E 129 -18.56 -12.80 57.23
C GLU E 129 -19.88 -12.27 56.67
N PRO E 130 -20.44 -12.94 55.61
CA PRO E 130 -21.71 -12.47 55.02
C PRO E 130 -22.90 -12.37 55.98
N SER E 131 -23.55 -11.19 55.96
CA SER E 131 -24.73 -10.84 56.77
C SER E 131 -25.88 -11.83 56.52
N GLU E 132 -26.47 -12.38 57.61
CA GLU E 132 -27.58 -13.33 57.52
C GLU E 132 -28.81 -12.71 56.86
N ALA E 133 -29.00 -11.40 57.07
CA ALA E 133 -30.07 -10.58 56.51
C ALA E 133 -30.07 -10.67 54.97
N GLU E 134 -28.86 -10.67 54.38
CA GLU E 134 -28.64 -10.76 52.94
C GLU E 134 -28.96 -12.17 52.42
N ILE E 135 -28.45 -13.22 53.11
CA ILE E 135 -28.64 -14.63 52.68
C ILE E 135 -30.12 -15.07 52.75
N SER E 136 -30.99 -14.23 53.36
CA SER E 136 -32.42 -14.47 53.49
C SER E 136 -33.20 -13.66 52.44
N HIS E 137 -32.97 -12.32 52.38
CA HIS E 137 -33.60 -11.40 51.44
C HIS E 137 -33.16 -11.67 50.00
N THR E 138 -31.95 -12.22 49.82
CA THR E 138 -31.37 -12.57 48.51
C THR E 138 -30.92 -14.05 48.51
N GLN E 139 -30.57 -14.55 47.33
CA GLN E 139 -30.08 -15.93 47.19
C GLN E 139 -28.55 -15.96 47.33
N LYS E 140 -27.93 -14.77 47.46
CA LYS E 140 -26.49 -14.57 47.52
C LYS E 140 -25.95 -14.19 48.92
N ALA E 141 -24.63 -14.38 49.09
CA ALA E 141 -23.84 -14.06 50.27
C ALA E 141 -22.58 -13.32 49.81
N THR E 142 -22.38 -12.07 50.28
CA THR E 142 -21.20 -11.34 49.84
C THR E 142 -20.28 -11.04 51.00
N LEU E 143 -19.04 -11.54 50.89
CA LEU E 143 -17.92 -11.34 51.79
C LEU E 143 -17.31 -9.99 51.50
N VAL E 144 -16.85 -9.31 52.55
CA VAL E 144 -16.20 -8.00 52.43
C VAL E 144 -14.87 -8.15 53.15
N CYS E 145 -13.88 -7.33 52.75
CA CYS E 145 -12.56 -7.33 53.35
C CYS E 145 -11.96 -5.93 53.37
N LEU E 146 -10.94 -5.70 54.21
CA LEU E 146 -10.29 -4.41 54.32
C LEU E 146 -8.80 -4.53 54.55
N ALA E 147 -8.02 -3.85 53.71
CA ALA E 147 -6.57 -3.73 53.82
C ALA E 147 -6.43 -2.31 54.33
N THR E 148 -5.94 -2.16 55.56
CA THR E 148 -5.90 -0.83 56.16
C THR E 148 -4.51 -0.39 56.62
N GLY E 149 -4.34 0.94 56.70
CA GLY E 149 -3.15 1.63 57.14
C GLY E 149 -1.87 1.40 56.36
N PHE E 150 -1.97 1.18 55.05
CA PHE E 150 -0.80 0.93 54.22
C PHE E 150 -0.30 2.16 53.48
N TYR E 151 1.03 2.30 53.41
CA TYR E 151 1.66 3.41 52.71
C TYR E 151 2.96 2.94 52.05
N PRO E 152 3.20 3.19 50.74
CA PRO E 152 2.36 3.87 49.74
C PRO E 152 1.26 2.97 49.17
N ASP E 153 0.67 3.36 48.03
CA ASP E 153 -0.41 2.64 47.34
C ASP E 153 0.11 1.43 46.46
N HIS E 154 1.23 0.80 46.88
CA HIS E 154 1.86 -0.34 46.19
C HIS E 154 1.20 -1.68 46.58
N VAL E 155 -0.13 -1.78 46.38
CA VAL E 155 -0.90 -2.99 46.71
C VAL E 155 -1.64 -3.60 45.51
N GLU E 156 -1.95 -4.90 45.68
CA GLU E 156 -2.66 -5.77 44.74
C GLU E 156 -3.52 -6.74 45.57
N LEU E 157 -4.86 -6.63 45.44
CA LEU E 157 -5.81 -7.48 46.15
C LEU E 157 -6.17 -8.66 45.26
N SER E 158 -6.40 -9.83 45.89
CA SER E 158 -6.79 -11.11 45.27
C SER E 158 -7.64 -11.97 46.21
N TRP E 159 -8.72 -12.58 45.67
CA TRP E 159 -9.62 -13.49 46.39
C TRP E 159 -9.27 -14.91 45.98
N TRP E 160 -9.10 -15.80 46.96
CA TRP E 160 -8.70 -17.20 46.76
C TRP E 160 -9.70 -18.21 47.33
N VAL E 161 -10.43 -18.90 46.44
CA VAL E 161 -11.40 -19.90 46.85
C VAL E 161 -10.81 -21.30 46.70
N ASN E 162 -10.59 -21.98 47.84
CA ASN E 162 -10.03 -23.34 47.99
C ASN E 162 -8.67 -23.54 47.25
N GLY E 163 -7.90 -22.45 47.14
CA GLY E 163 -6.61 -22.45 46.50
C GLY E 163 -6.60 -21.88 45.09
N LYS E 164 -7.79 -21.52 44.55
CA LYS E 164 -7.90 -20.92 43.22
C LYS E 164 -8.25 -19.43 43.31
N GLU E 165 -7.44 -18.59 42.63
CA GLU E 165 -7.69 -17.16 42.59
C GLU E 165 -8.89 -16.95 41.69
N VAL E 166 -9.92 -16.31 42.26
CA VAL E 166 -11.22 -16.06 41.63
C VAL E 166 -11.34 -14.62 41.12
N HIS E 167 -12.07 -14.44 40.00
CA HIS E 167 -12.31 -13.16 39.34
C HIS E 167 -13.80 -12.91 39.06
N SER E 168 -14.60 -14.00 39.00
CA SER E 168 -16.06 -13.92 38.80
C SER E 168 -16.75 -13.77 40.15
N GLY E 169 -17.58 -12.75 40.26
CA GLY E 169 -18.27 -12.42 41.50
C GLY E 169 -17.33 -11.72 42.45
N VAL E 170 -16.40 -10.90 41.89
CA VAL E 170 -15.36 -10.17 42.61
C VAL E 170 -15.39 -8.71 42.18
N CYS E 171 -15.11 -7.80 43.13
CA CYS E 171 -14.99 -6.37 42.92
C CYS E 171 -14.10 -5.73 43.93
N THR E 172 -13.02 -5.09 43.46
CA THR E 172 -12.11 -4.32 44.33
C THR E 172 -12.26 -2.86 43.91
N ASP E 173 -12.12 -1.92 44.86
CA ASP E 173 -12.22 -0.49 44.60
C ASP E 173 -11.10 -0.01 43.67
N PRO E 174 -11.40 0.80 42.64
CA PRO E 174 -10.35 1.27 41.73
C PRO E 174 -9.37 2.20 42.42
N GLN E 175 -9.86 2.97 43.41
CA GLN E 175 -9.05 3.93 44.17
C GLN E 175 -9.05 3.69 45.69
N PRO E 176 -7.88 3.78 46.36
CA PRO E 176 -7.86 3.62 47.82
C PRO E 176 -8.36 4.89 48.54
N LEU E 177 -8.70 4.75 49.83
CA LEU E 177 -9.19 5.86 50.62
C LEU E 177 -8.18 6.34 51.66
N LYS E 178 -7.98 7.66 51.74
CA LYS E 178 -7.06 8.25 52.70
C LYS E 178 -7.72 8.28 54.07
N GLU E 179 -7.06 7.66 55.06
CA GLU E 179 -7.51 7.57 56.46
C GLU E 179 -7.49 8.92 57.17
N GLN E 180 -6.62 9.83 56.71
CA GLN E 180 -6.47 11.22 57.15
C GLN E 180 -6.37 12.00 55.85
N PRO E 181 -7.50 12.38 55.18
CA PRO E 181 -7.40 13.06 53.88
C PRO E 181 -6.54 14.32 53.87
N ALA E 182 -6.30 14.93 55.06
CA ALA E 182 -5.51 16.13 55.31
C ALA E 182 -4.05 16.00 54.80
N LEU E 183 -3.32 14.95 55.27
CA LEU E 183 -1.92 14.66 54.88
C LEU E 183 -1.85 14.06 53.48
N ASN E 184 -0.72 14.33 52.77
CA ASN E 184 -0.44 13.78 51.43
C ASN E 184 0.26 12.41 51.59
N ASP E 185 0.98 12.22 52.72
CA ASP E 185 1.72 11.02 53.12
C ASP E 185 0.85 10.10 54.02
N SER E 186 -0.49 10.34 54.01
CA SER E 186 -1.53 9.62 54.75
C SER E 186 -1.62 8.16 54.33
N ARG E 187 -1.81 7.27 55.32
CA ARG E 187 -1.96 5.83 55.08
C ARG E 187 -3.30 5.56 54.38
N TYR E 188 -3.35 4.56 53.48
CA TYR E 188 -4.56 4.22 52.72
C TYR E 188 -5.35 3.06 53.30
N ALA E 189 -6.57 2.88 52.79
CA ALA E 189 -7.53 1.83 53.11
C ALA E 189 -8.10 1.31 51.80
N LEU E 190 -8.30 -0.02 51.70
CA LEU E 190 -8.86 -0.58 50.47
C LEU E 190 -9.74 -1.78 50.78
N SER E 191 -10.93 -1.81 50.16
CA SER E 191 -11.90 -2.89 50.31
C SER E 191 -12.15 -3.64 49.01
N SER E 192 -12.46 -4.92 49.13
CA SER E 192 -12.79 -5.80 48.01
C SER E 192 -13.90 -6.74 48.47
N ARG E 193 -14.88 -6.98 47.57
CA ARG E 193 -16.00 -7.87 47.89
C ARG E 193 -16.08 -9.08 46.95
N LEU E 194 -16.43 -10.23 47.52
CA LEU E 194 -16.63 -11.46 46.77
C LEU E 194 -18.04 -11.91 47.05
N ARG E 195 -18.84 -12.15 46.01
CA ARG E 195 -20.21 -12.61 46.17
C ARG E 195 -20.38 -14.03 45.63
N VAL E 196 -20.89 -14.92 46.48
CA VAL E 196 -21.18 -16.33 46.16
C VAL E 196 -22.67 -16.61 46.44
N SER E 197 -23.15 -17.77 46.02
CA SER E 197 -24.52 -18.18 46.30
C SER E 197 -24.58 -18.51 47.79
N ALA E 198 -25.77 -18.35 48.40
CA ALA E 198 -25.97 -18.65 49.82
C ALA E 198 -25.54 -20.10 50.12
N THR E 199 -25.86 -21.06 49.21
CA THR E 199 -25.52 -22.49 49.29
C THR E 199 -24.00 -22.71 49.37
N PHE E 200 -23.21 -21.87 48.66
CA PHE E 200 -21.75 -21.92 48.63
C PHE E 200 -21.19 -21.56 50.00
N TRP E 201 -21.59 -20.39 50.55
CA TRP E 201 -21.17 -19.91 51.87
C TRP E 201 -21.64 -20.86 52.96
N GLN E 202 -22.83 -21.49 52.76
CA GLN E 202 -23.44 -22.44 53.69
C GLN E 202 -22.66 -23.76 53.81
N ASN E 203 -21.73 -24.05 52.87
CA ASN E 203 -20.90 -25.25 52.93
C ASN E 203 -19.55 -25.01 53.66
N PRO E 204 -19.35 -25.62 54.86
CA PRO E 204 -18.07 -25.45 55.59
C PRO E 204 -16.89 -26.16 54.91
N ARG E 205 -17.18 -26.92 53.85
CA ARG E 205 -16.19 -27.61 53.03
C ARG E 205 -15.70 -26.65 51.93
N ASN E 206 -15.80 -25.34 52.21
CA ASN E 206 -15.37 -24.24 51.35
C ASN E 206 -14.56 -23.22 52.15
N HIS E 207 -13.40 -22.84 51.58
CA HIS E 207 -12.44 -21.90 52.16
C HIS E 207 -12.31 -20.63 51.30
N PHE E 208 -12.29 -19.48 51.98
CA PHE E 208 -12.19 -18.17 51.34
C PHE E 208 -11.00 -17.40 51.92
N ARG E 209 -10.01 -17.09 51.07
CA ARG E 209 -8.85 -16.33 51.53
C ARG E 209 -8.73 -15.03 50.78
N CYS E 210 -8.53 -13.97 51.52
CA CYS E 210 -8.36 -12.64 51.01
C CYS E 210 -6.89 -12.33 51.19
N GLN E 211 -6.23 -12.01 50.09
CA GLN E 211 -4.81 -11.79 50.05
C GLN E 211 -4.44 -10.40 49.56
N VAL E 212 -3.49 -9.74 50.24
CA VAL E 212 -3.00 -8.42 49.82
C VAL E 212 -1.50 -8.47 49.61
N GLN E 213 -1.04 -8.11 48.40
CA GLN E 213 0.38 -8.09 48.08
C GLN E 213 0.93 -6.68 48.27
N PHE E 214 1.75 -6.50 49.30
CA PHE E 214 2.42 -5.25 49.53
C PHE E 214 3.79 -5.31 48.87
N TYR E 215 4.20 -4.20 48.28
CA TYR E 215 5.50 -4.06 47.65
C TYR E 215 6.24 -2.98 48.44
N GLY E 216 6.77 -3.39 49.59
CA GLY E 216 7.50 -2.54 50.52
C GLY E 216 8.95 -2.36 50.15
N LEU E 217 9.80 -2.16 51.18
CA LEU E 217 11.24 -1.93 51.09
C LEU E 217 12.01 -3.24 51.02
N SER E 218 13.29 -3.20 50.62
CA SER E 218 14.08 -4.43 50.49
C SER E 218 15.05 -4.67 51.65
N GLU E 219 15.66 -5.86 51.66
CA GLU E 219 16.62 -6.34 52.64
C GLU E 219 17.87 -5.45 52.71
N ASN E 220 18.12 -4.67 51.64
CA ASN E 220 19.25 -3.76 51.49
C ASN E 220 19.01 -2.41 52.14
N ASP E 221 17.73 -1.98 52.28
CA ASP E 221 17.33 -0.72 52.92
C ASP E 221 17.70 -0.77 54.41
N GLU E 222 18.14 0.37 54.96
CA GLU E 222 18.51 0.46 56.38
C GLU E 222 17.29 0.90 57.18
N TRP E 223 16.95 0.13 58.22
CA TRP E 223 15.75 0.37 59.02
C TRP E 223 16.08 0.43 60.49
N THR E 224 15.78 1.58 61.13
CA THR E 224 16.06 1.78 62.55
C THR E 224 14.81 1.89 63.45
N GLN E 225 13.60 1.95 62.85
CA GLN E 225 12.33 2.08 63.58
C GLN E 225 12.03 0.94 64.57
N ASP E 226 11.13 1.21 65.53
CA ASP E 226 10.70 0.29 66.60
C ASP E 226 9.99 -0.97 66.06
N ARG E 227 9.14 -0.79 65.01
CA ARG E 227 8.41 -1.85 64.31
C ARG E 227 9.35 -2.50 63.28
N ALA E 228 8.99 -3.69 62.77
CA ALA E 228 9.87 -4.36 61.79
C ALA E 228 9.72 -3.77 60.41
N LYS E 229 10.86 -3.74 59.64
CA LYS E 229 10.97 -3.23 58.27
C LYS E 229 9.79 -3.71 57.40
N PRO E 230 9.01 -2.76 56.84
CA PRO E 230 7.86 -3.14 56.02
C PRO E 230 8.32 -3.53 54.63
N VAL E 231 8.77 -4.78 54.52
CA VAL E 231 9.28 -5.38 53.28
C VAL E 231 8.13 -5.80 52.39
N THR E 232 8.45 -6.17 51.13
CA THR E 232 7.50 -6.73 50.17
C THR E 232 6.98 -8.04 50.83
N GLN E 233 5.64 -8.14 50.99
CA GLN E 233 5.01 -9.25 51.70
C GLN E 233 3.55 -9.47 51.32
N ILE E 234 3.05 -10.67 51.64
CA ILE E 234 1.65 -11.06 51.44
C ILE E 234 0.94 -11.13 52.79
N VAL E 235 0.09 -10.13 53.07
CA VAL E 235 -0.70 -10.09 54.30
C VAL E 235 -2.02 -10.74 53.91
N SER E 236 -2.52 -11.68 54.72
CA SER E 236 -3.74 -12.40 54.39
C SER E 236 -4.75 -12.48 55.53
N ALA E 237 -6.02 -12.67 55.17
CA ALA E 237 -7.14 -12.88 56.09
C ALA E 237 -8.02 -13.96 55.49
N GLU E 238 -8.35 -15.00 56.28
CA GLU E 238 -9.16 -16.12 55.79
C GLU E 238 -10.42 -16.39 56.61
N ALA E 239 -11.43 -17.00 55.96
CA ALA E 239 -12.73 -17.37 56.54
C ALA E 239 -13.24 -18.70 55.98
N TRP E 240 -13.93 -19.47 56.83
CA TRP E 240 -14.51 -20.77 56.48
C TRP E 240 -16.03 -20.74 56.45
N GLY E 241 -16.60 -21.51 55.52
CA GLY E 241 -18.05 -21.64 55.34
C GLY E 241 -18.81 -22.01 56.60
N ARG E 242 -20.07 -21.53 56.73
CA ARG E 242 -20.91 -21.78 57.89
C ARG E 242 -22.38 -22.03 57.51
N ALA E 243 -22.98 -23.11 58.07
CA ALA E 243 -24.38 -23.49 57.87
C ALA E 243 -25.30 -22.58 58.69
N ASP E 244 -24.95 -22.35 59.98
CA ASP E 244 -25.65 -21.50 60.94
C ASP E 244 -25.54 -20.01 60.59
N GLY F 1 -27.06 -3.60 15.14
CA GLY F 1 -25.69 -3.93 15.53
C GLY F 1 -24.69 -4.05 14.39
N SER F 2 -23.47 -4.55 14.71
CA SER F 2 -22.38 -4.77 13.77
C SER F 2 -22.79 -5.64 12.56
N HIS F 3 -22.98 -4.98 11.40
CA HIS F 3 -23.36 -5.63 10.14
C HIS F 3 -22.12 -6.17 9.41
N SER F 4 -22.33 -7.22 8.60
CA SER F 4 -21.27 -7.90 7.85
C SER F 4 -21.74 -8.38 6.49
N MET F 5 -20.87 -8.28 5.48
CA MET F 5 -21.12 -8.77 4.13
C MET F 5 -20.12 -9.86 3.90
N ARG F 6 -20.58 -11.02 3.43
CA ARG F 6 -19.71 -12.19 3.21
C ARG F 6 -19.97 -12.83 1.86
N TYR F 7 -18.94 -13.45 1.29
CA TYR F 7 -19.03 -14.18 0.02
C TYR F 7 -18.36 -15.53 0.21
N PHE F 8 -19.01 -16.60 -0.26
CA PHE F 8 -18.51 -17.95 -0.11
C PHE F 8 -18.43 -18.67 -1.47
N TYR F 9 -17.20 -18.83 -2.00
CA TYR F 9 -16.92 -19.52 -3.27
C TYR F 9 -16.48 -20.95 -2.99
N THR F 10 -16.94 -21.92 -3.80
CA THR F 10 -16.60 -23.35 -3.60
C THR F 10 -16.40 -24.04 -4.93
N SER F 11 -15.18 -24.54 -5.19
CA SER F 11 -14.88 -25.26 -6.41
C SER F 11 -14.49 -26.68 -6.09
N VAL F 12 -15.24 -27.64 -6.62
CA VAL F 12 -15.01 -29.07 -6.40
C VAL F 12 -14.72 -29.73 -7.74
N SER F 13 -13.56 -30.38 -7.84
CA SER F 13 -13.11 -31.08 -9.05
C SER F 13 -13.89 -32.37 -9.30
N ARG F 14 -14.04 -32.77 -10.58
CA ARG F 14 -14.71 -34.02 -10.97
C ARG F 14 -13.80 -34.74 -11.94
N PRO F 15 -12.72 -35.43 -11.46
CA PRO F 15 -11.78 -36.06 -12.40
C PRO F 15 -12.41 -37.17 -13.24
N GLY F 16 -12.44 -36.93 -14.55
CA GLY F 16 -13.01 -37.85 -15.52
C GLY F 16 -14.52 -37.76 -15.63
N ARG F 17 -15.13 -36.71 -15.05
CA ARG F 17 -16.57 -36.44 -15.09
C ARG F 17 -16.79 -34.94 -15.35
N GLY F 18 -16.09 -34.45 -16.38
CA GLY F 18 -16.13 -33.07 -16.84
C GLY F 18 -15.27 -32.10 -16.05
N GLU F 19 -15.58 -30.80 -16.23
CA GLU F 19 -14.91 -29.68 -15.57
C GLU F 19 -15.33 -29.56 -14.08
N PRO F 20 -14.73 -28.69 -13.22
CA PRO F 20 -15.19 -28.62 -11.82
C PRO F 20 -16.48 -27.80 -11.66
N ARG F 21 -17.16 -27.93 -10.49
CA ARG F 21 -18.37 -27.17 -10.19
C ARG F 21 -18.03 -26.08 -9.20
N PHE F 22 -18.40 -24.83 -9.55
CA PHE F 22 -18.17 -23.64 -8.77
C PHE F 22 -19.49 -23.08 -8.24
N ILE F 23 -19.50 -22.68 -6.94
CA ILE F 23 -20.68 -22.14 -6.26
C ILE F 23 -20.37 -20.82 -5.53
N ALA F 24 -21.03 -19.72 -5.97
CA ALA F 24 -20.89 -18.42 -5.33
C ALA F 24 -22.18 -18.06 -4.58
N VAL F 25 -22.03 -17.61 -3.32
CA VAL F 25 -23.13 -17.19 -2.45
C VAL F 25 -22.75 -15.93 -1.69
N GLY F 26 -23.60 -14.91 -1.78
CA GLY F 26 -23.42 -13.65 -1.08
C GLY F 26 -24.37 -13.56 0.09
N TYR F 27 -23.90 -13.02 1.21
CA TYR F 27 -24.67 -12.87 2.45
C TYR F 27 -24.53 -11.49 3.07
N VAL F 28 -25.66 -10.88 3.46
CA VAL F 28 -25.67 -9.63 4.26
C VAL F 28 -26.25 -10.13 5.59
N ASP F 29 -25.39 -10.29 6.60
CA ASP F 29 -25.71 -10.90 7.91
C ASP F 29 -26.13 -12.36 7.65
N ASP F 30 -27.35 -12.74 8.08
CA ASP F 30 -27.86 -14.10 7.91
C ASP F 30 -28.74 -14.23 6.66
N THR F 31 -28.81 -13.16 5.84
CA THR F 31 -29.63 -13.09 4.61
C THR F 31 -28.82 -13.32 3.32
N GLN F 32 -29.13 -14.42 2.61
CA GLN F 32 -28.50 -14.73 1.32
C GLN F 32 -29.06 -13.76 0.30
N PHE F 33 -28.23 -13.23 -0.61
CA PHE F 33 -28.73 -12.28 -1.59
C PHE F 33 -28.32 -12.61 -3.05
N VAL F 34 -27.21 -13.33 -3.26
CA VAL F 34 -26.78 -13.69 -4.62
C VAL F 34 -26.40 -15.18 -4.74
N ARG F 35 -26.35 -15.66 -5.99
CA ARG F 35 -26.06 -17.05 -6.34
C ARG F 35 -25.44 -17.15 -7.72
N PHE F 36 -24.48 -18.05 -7.85
CA PHE F 36 -23.86 -18.39 -9.12
C PHE F 36 -23.51 -19.87 -9.09
N ASP F 37 -23.92 -20.59 -10.14
CA ASP F 37 -23.63 -22.00 -10.30
C ASP F 37 -23.04 -22.15 -11.69
N SER F 38 -21.81 -22.69 -11.75
CA SER F 38 -21.10 -22.91 -13.01
C SER F 38 -21.66 -24.11 -13.76
N ASP F 39 -22.77 -24.69 -13.25
CA ASP F 39 -23.46 -25.83 -13.84
C ASP F 39 -24.88 -25.46 -14.24
N ALA F 40 -25.35 -24.26 -13.82
CA ALA F 40 -26.68 -23.74 -14.18
C ALA F 40 -26.68 -23.35 -15.66
N ALA F 41 -27.85 -23.42 -16.32
CA ALA F 41 -27.97 -23.06 -17.74
C ALA F 41 -27.85 -21.56 -17.94
N SER F 42 -28.23 -20.81 -16.88
CA SER F 42 -28.23 -19.36 -16.81
C SER F 42 -26.88 -18.72 -17.16
N GLN F 43 -25.79 -19.15 -16.46
CA GLN F 43 -24.41 -18.64 -16.55
C GLN F 43 -24.41 -17.14 -16.24
N ARG F 44 -25.12 -16.78 -15.16
CA ARG F 44 -25.37 -15.42 -14.68
C ARG F 44 -25.44 -15.39 -13.16
N MET F 45 -25.09 -14.24 -12.57
CA MET F 45 -25.22 -14.00 -11.14
C MET F 45 -26.73 -13.79 -10.95
N GLU F 46 -27.36 -14.60 -10.10
CA GLU F 46 -28.81 -14.56 -9.90
C GLU F 46 -29.21 -13.85 -8.60
N PRO F 47 -30.36 -13.12 -8.55
CA PRO F 47 -30.77 -12.47 -7.30
C PRO F 47 -31.60 -13.41 -6.41
N ARG F 48 -31.28 -13.46 -5.09
CA ARG F 48 -31.98 -14.31 -4.12
C ARG F 48 -32.61 -13.50 -2.96
N ALA F 49 -32.63 -12.17 -3.07
CA ALA F 49 -33.22 -11.20 -2.13
C ALA F 49 -34.03 -10.18 -2.94
N PRO F 50 -35.26 -9.77 -2.51
CA PRO F 50 -36.06 -8.82 -3.31
C PRO F 50 -35.41 -7.45 -3.53
N TRP F 51 -34.71 -6.93 -2.51
CA TRP F 51 -34.07 -5.61 -2.55
C TRP F 51 -32.87 -5.55 -3.49
N ILE F 52 -32.17 -6.70 -3.71
CA ILE F 52 -31.02 -6.73 -4.60
C ILE F 52 -31.45 -6.62 -6.07
N GLU F 53 -32.69 -7.10 -6.42
CA GLU F 53 -33.27 -7.06 -7.76
C GLU F 53 -33.28 -5.65 -8.37
N GLN F 54 -33.31 -4.62 -7.51
CA GLN F 54 -33.32 -3.22 -7.91
C GLN F 54 -32.02 -2.73 -8.57
N GLU F 55 -30.92 -3.51 -8.50
CA GLU F 55 -29.63 -3.14 -9.12
C GLU F 55 -29.77 -3.20 -10.63
N GLY F 56 -29.08 -2.30 -11.32
CA GLY F 56 -29.14 -2.17 -12.79
C GLY F 56 -28.55 -3.31 -13.60
N PRO F 57 -28.70 -3.28 -14.95
CA PRO F 57 -28.14 -4.36 -15.78
C PRO F 57 -26.61 -4.37 -15.85
N GLU F 58 -25.97 -3.26 -15.44
CA GLU F 58 -24.51 -3.14 -15.41
C GLU F 58 -24.00 -3.92 -14.22
N TYR F 59 -24.69 -3.81 -13.06
CA TYR F 59 -24.36 -4.48 -11.81
C TYR F 59 -24.39 -5.97 -12.01
N TRP F 60 -25.40 -6.47 -12.69
CA TRP F 60 -25.54 -7.89 -12.89
C TRP F 60 -24.49 -8.40 -13.85
N ASP F 61 -24.13 -7.59 -14.88
CA ASP F 61 -23.09 -7.91 -15.86
C ASP F 61 -21.71 -7.90 -15.21
N GLN F 62 -21.48 -6.96 -14.28
CA GLN F 62 -20.23 -6.77 -13.55
C GLN F 62 -19.94 -7.89 -12.61
N GLU F 63 -20.97 -8.34 -11.89
CA GLU F 63 -20.86 -9.41 -10.91
C GLU F 63 -20.67 -10.75 -11.60
N THR F 64 -21.13 -10.85 -12.86
CA THR F 64 -20.99 -12.09 -13.59
C THR F 64 -19.56 -12.24 -14.01
N ARG F 65 -18.90 -11.15 -14.44
CA ARG F 65 -17.50 -11.21 -14.88
C ARG F 65 -16.64 -11.67 -13.70
N ASN F 66 -16.60 -10.89 -12.60
CA ASN F 66 -15.85 -11.17 -11.37
C ASN F 66 -15.98 -12.64 -10.96
N VAL F 67 -17.21 -13.16 -10.96
CA VAL F 67 -17.43 -14.55 -10.56
C VAL F 67 -16.97 -15.54 -11.67
N LYS F 68 -17.22 -15.24 -12.96
CA LYS F 68 -16.79 -16.07 -14.09
C LYS F 68 -15.27 -16.12 -14.11
N ALA F 69 -14.61 -15.04 -13.69
CA ALA F 69 -13.17 -14.97 -13.61
C ALA F 69 -12.65 -15.88 -12.47
N GLN F 70 -13.25 -15.80 -11.24
CA GLN F 70 -12.84 -16.62 -10.08
C GLN F 70 -13.12 -18.09 -10.33
N SER F 71 -14.19 -18.35 -11.10
CA SER F 71 -14.58 -19.68 -11.55
C SER F 71 -13.38 -20.28 -12.30
N GLN F 72 -12.94 -19.62 -13.38
CA GLN F 72 -11.83 -20.02 -14.25
C GLN F 72 -10.45 -20.08 -13.59
N THR F 73 -10.21 -19.23 -12.57
CA THR F 73 -8.94 -19.21 -11.85
C THR F 73 -8.84 -20.50 -11.04
N ASP F 74 -9.93 -20.85 -10.33
CA ASP F 74 -10.05 -22.05 -9.49
C ASP F 74 -9.82 -23.37 -10.23
N ARG F 75 -10.28 -23.47 -11.51
CA ARG F 75 -10.13 -24.63 -12.38
C ARG F 75 -8.67 -24.96 -12.59
N VAL F 76 -7.82 -23.92 -12.66
CA VAL F 76 -6.37 -24.02 -12.83
C VAL F 76 -5.72 -24.32 -11.47
N ASP F 77 -6.16 -23.60 -10.41
CA ASP F 77 -5.66 -23.73 -9.04
C ASP F 77 -5.90 -25.11 -8.45
N LEU F 78 -6.88 -25.85 -8.96
CA LEU F 78 -7.19 -27.22 -8.52
C LEU F 78 -5.99 -28.14 -8.88
N GLY F 79 -5.62 -28.14 -10.16
CA GLY F 79 -4.52 -28.93 -10.70
C GLY F 79 -3.15 -28.51 -10.17
N THR F 80 -3.01 -27.19 -9.93
CA THR F 80 -1.79 -26.55 -9.41
C THR F 80 -1.46 -27.10 -8.02
N LEU F 81 -2.45 -27.05 -7.12
CA LEU F 81 -2.37 -27.50 -5.72
C LEU F 81 -2.20 -29.03 -5.56
N ARG F 82 -2.68 -29.85 -6.53
CA ARG F 82 -2.47 -31.31 -6.47
C ARG F 82 -0.97 -31.56 -6.59
N GLY F 83 -0.35 -30.87 -7.55
CA GLY F 83 1.08 -30.93 -7.80
C GLY F 83 1.88 -30.56 -6.58
N TYR F 84 1.47 -29.45 -5.93
CA TYR F 84 2.05 -28.89 -4.71
C TYR F 84 2.05 -29.96 -3.63
N TYR F 85 0.88 -30.61 -3.40
CA TYR F 85 0.70 -31.66 -2.40
C TYR F 85 0.98 -33.07 -2.91
N ASN F 86 1.66 -33.20 -4.09
CA ASN F 86 2.02 -34.47 -4.74
C ASN F 86 0.89 -35.49 -4.70
N GLN F 87 -0.29 -35.06 -5.14
CA GLN F 87 -1.53 -35.84 -5.08
C GLN F 87 -1.93 -36.52 -6.38
N SER F 88 -2.74 -37.57 -6.22
CA SER F 88 -3.31 -38.43 -7.25
C SER F 88 -4.34 -37.68 -8.11
N GLU F 89 -4.26 -37.90 -9.43
CA GLU F 89 -5.12 -37.22 -10.41
C GLU F 89 -6.53 -37.85 -10.56
N ASP F 90 -6.85 -38.88 -9.74
CA ASP F 90 -8.14 -39.58 -9.83
C ASP F 90 -9.16 -39.17 -8.74
N GLY F 91 -8.67 -38.84 -7.54
CA GLY F 91 -9.51 -38.39 -6.43
C GLY F 91 -9.95 -36.96 -6.61
N SER F 92 -11.15 -36.61 -6.08
CA SER F 92 -11.70 -35.26 -6.15
C SER F 92 -11.26 -34.40 -4.96
N HIS F 93 -11.11 -33.08 -5.18
CA HIS F 93 -10.67 -32.10 -4.17
C HIS F 93 -11.54 -30.84 -4.13
N THR F 94 -11.33 -29.98 -3.11
CA THR F 94 -12.15 -28.78 -2.94
C THR F 94 -11.38 -27.56 -2.50
N ILE F 95 -11.52 -26.43 -3.23
CA ILE F 95 -10.93 -25.13 -2.81
C ILE F 95 -12.07 -24.22 -2.30
N GLN F 96 -11.89 -23.61 -1.09
CA GLN F 96 -12.88 -22.74 -0.46
C GLN F 96 -12.36 -21.33 -0.11
N ILE F 97 -12.88 -20.33 -0.80
CA ILE F 97 -12.58 -18.91 -0.58
C ILE F 97 -13.75 -18.35 0.26
N MET F 98 -13.43 -17.46 1.18
CA MET F 98 -14.41 -16.76 2.02
C MET F 98 -13.84 -15.38 2.22
N TYR F 99 -14.62 -14.33 1.93
CA TYR F 99 -14.12 -12.96 2.16
C TYR F 99 -15.25 -12.01 2.53
N GLY F 100 -14.93 -10.74 2.79
CA GLY F 100 -15.94 -9.75 3.13
C GLY F 100 -15.54 -8.76 4.20
N CYS F 101 -16.47 -7.92 4.64
CA CYS F 101 -16.16 -6.88 5.63
C CYS F 101 -17.17 -6.76 6.77
N ASP F 102 -16.80 -6.04 7.82
CA ASP F 102 -17.61 -5.75 9.03
C ASP F 102 -17.71 -4.24 9.23
N VAL F 103 -18.92 -3.78 9.56
CA VAL F 103 -19.21 -2.38 9.91
C VAL F 103 -19.91 -2.36 11.26
N GLY F 104 -19.88 -1.23 11.94
CA GLY F 104 -20.57 -1.08 13.21
C GLY F 104 -22.04 -0.80 13.00
N PRO F 105 -22.84 -0.57 14.08
CA PRO F 105 -24.26 -0.23 13.88
C PRO F 105 -24.39 1.14 13.21
N ASP F 106 -23.35 1.98 13.36
CA ASP F 106 -23.20 3.30 12.76
C ASP F 106 -22.84 3.23 11.25
N GLY F 107 -22.41 2.05 10.79
CA GLY F 107 -22.02 1.81 9.40
C GLY F 107 -20.55 2.01 9.10
N ARG F 108 -19.73 2.32 10.15
CA ARG F 108 -18.27 2.54 10.06
C ARG F 108 -17.47 1.24 10.00
N PHE F 109 -16.43 1.20 9.15
CA PHE F 109 -15.55 0.02 8.94
C PHE F 109 -14.90 -0.53 10.21
N LEU F 110 -14.88 -1.88 10.35
CA LEU F 110 -14.26 -2.57 11.50
C LEU F 110 -13.20 -3.60 11.07
N ARG F 111 -13.56 -4.57 10.20
CA ARG F 111 -12.65 -5.63 9.79
C ARG F 111 -12.86 -6.17 8.38
N GLY F 112 -11.76 -6.33 7.62
CA GLY F 112 -11.75 -6.98 6.32
C GLY F 112 -11.37 -8.44 6.48
N TYR F 113 -11.81 -9.31 5.58
CA TYR F 113 -11.51 -10.76 5.64
C TYR F 113 -11.22 -11.37 4.26
N ARG F 114 -10.35 -12.38 4.24
CA ARG F 114 -10.01 -13.21 3.09
C ARG F 114 -9.27 -14.42 3.63
N GLN F 115 -9.83 -15.58 3.34
CA GLN F 115 -9.29 -16.86 3.78
C GLN F 115 -9.52 -17.92 2.72
N ASP F 116 -8.51 -18.75 2.47
CA ASP F 116 -8.60 -19.83 1.51
C ASP F 116 -8.47 -21.18 2.23
N ALA F 117 -8.93 -22.29 1.59
CA ALA F 117 -8.88 -23.62 2.20
C ALA F 117 -8.85 -24.78 1.21
N TYR F 118 -7.73 -25.51 1.19
CA TYR F 118 -7.62 -26.69 0.34
C TYR F 118 -8.08 -27.90 1.10
N ASP F 119 -9.11 -28.53 0.55
CA ASP F 119 -9.84 -29.63 1.16
C ASP F 119 -10.51 -29.07 2.42
N GLY F 120 -10.46 -29.78 3.54
CA GLY F 120 -11.10 -29.28 4.75
C GLY F 120 -10.33 -28.17 5.44
N LYS F 121 -9.00 -28.34 5.53
CA LYS F 121 -8.03 -27.49 6.22
C LYS F 121 -7.76 -26.12 5.58
N ASP F 122 -7.22 -25.17 6.39
CA ASP F 122 -6.83 -23.83 5.99
C ASP F 122 -5.69 -23.91 4.98
N TYR F 123 -5.61 -22.93 4.06
CA TYR F 123 -4.53 -22.91 3.07
C TYR F 123 -3.75 -21.64 3.28
N ILE F 124 -4.19 -20.54 2.68
CA ILE F 124 -3.59 -19.22 2.81
C ILE F 124 -4.66 -18.33 3.40
N ALA F 125 -4.26 -17.34 4.18
CA ALA F 125 -5.19 -16.45 4.84
C ALA F 125 -4.63 -15.05 4.96
N LEU F 126 -5.42 -14.04 4.59
CA LEU F 126 -5.01 -12.66 4.74
C LEU F 126 -5.16 -12.29 6.21
N ASN F 127 -4.14 -11.64 6.78
CA ASN F 127 -4.12 -11.22 8.18
C ASN F 127 -4.98 -9.97 8.37
N GLU F 128 -5.41 -9.72 9.63
CA GLU F 128 -6.26 -8.60 10.06
C GLU F 128 -5.74 -7.19 9.62
N ASP F 129 -4.41 -7.08 9.42
CA ASP F 129 -3.70 -5.87 8.97
C ASP F 129 -3.97 -5.60 7.49
N LEU F 130 -4.28 -6.67 6.74
CA LEU F 130 -4.55 -6.70 5.30
C LEU F 130 -3.31 -6.32 4.47
N ARG F 131 -2.10 -6.58 5.03
CA ARG F 131 -0.80 -6.29 4.42
C ARG F 131 0.03 -7.55 4.23
N SER F 132 -0.25 -8.60 5.01
CA SER F 132 0.48 -9.87 4.92
C SER F 132 -0.46 -11.06 4.90
N TRP F 133 0.05 -12.21 4.47
CA TRP F 133 -0.67 -13.47 4.38
C TRP F 133 -0.03 -14.48 5.32
N THR F 134 -0.80 -15.51 5.70
CA THR F 134 -0.35 -16.62 6.52
C THR F 134 -0.55 -17.91 5.77
N ALA F 135 0.50 -18.72 5.68
CA ALA F 135 0.44 -20.03 5.04
C ALA F 135 0.26 -21.10 6.10
N ALA F 136 -0.43 -22.18 5.76
CA ALA F 136 -0.67 -23.30 6.67
C ALA F 136 0.40 -24.39 6.55
N ASP F 137 1.12 -24.43 5.41
CA ASP F 137 2.20 -25.39 5.12
C ASP F 137 3.11 -24.91 3.99
N MET F 138 4.09 -25.75 3.58
CA MET F 138 5.08 -25.49 2.53
C MET F 138 4.49 -25.32 1.13
N ALA F 139 3.31 -25.93 0.88
CA ALA F 139 2.64 -25.81 -0.42
C ALA F 139 1.94 -24.44 -0.48
N ALA F 140 1.33 -24.00 0.64
CA ALA F 140 0.68 -22.69 0.75
C ALA F 140 1.70 -21.54 0.68
N GLN F 141 2.98 -21.84 0.99
CA GLN F 141 4.11 -20.91 0.95
C GLN F 141 4.44 -20.60 -0.50
N ILE F 142 4.36 -21.60 -1.41
CA ILE F 142 4.63 -21.40 -2.84
C ILE F 142 3.66 -20.33 -3.38
N THR F 143 2.41 -20.35 -2.88
CA THR F 143 1.36 -19.39 -3.21
C THR F 143 1.72 -18.05 -2.57
N LYS F 144 2.03 -18.03 -1.26
CA LYS F 144 2.38 -16.82 -0.51
C LYS F 144 3.33 -15.94 -1.30
N ARG F 145 4.44 -16.55 -1.78
CA ARG F 145 5.49 -15.91 -2.56
C ARG F 145 5.02 -15.45 -3.95
N LYS F 146 4.09 -16.21 -4.57
CA LYS F 146 3.49 -15.87 -5.87
C LYS F 146 2.69 -14.56 -5.73
N TRP F 147 1.87 -14.51 -4.67
CA TRP F 147 0.98 -13.43 -4.27
C TRP F 147 1.73 -12.23 -3.65
N GLU F 148 2.98 -12.44 -3.21
CA GLU F 148 3.83 -11.38 -2.67
C GLU F 148 4.37 -10.55 -3.84
N ALA F 149 4.81 -11.26 -4.89
CA ALA F 149 5.30 -10.65 -6.14
C ALA F 149 4.13 -9.99 -6.88
N ALA F 150 2.96 -10.68 -6.89
CA ALA F 150 1.74 -10.24 -7.54
C ALA F 150 1.04 -9.06 -6.87
N HIS F 151 1.50 -8.62 -5.69
CA HIS F 151 0.93 -7.50 -4.94
C HIS F 151 -0.55 -7.72 -4.50
N ALA F 152 -0.95 -9.00 -4.34
CA ALA F 152 -2.30 -9.43 -3.96
C ALA F 152 -2.85 -8.68 -2.76
N ALA F 153 -2.24 -8.89 -1.56
CA ALA F 153 -2.65 -8.26 -0.30
C ALA F 153 -2.98 -6.79 -0.39
N GLU F 154 -2.26 -6.03 -1.23
CA GLU F 154 -2.45 -4.60 -1.41
C GLU F 154 -3.82 -4.31 -1.99
N GLN F 155 -4.18 -5.05 -3.06
CA GLN F 155 -5.44 -4.89 -3.76
C GLN F 155 -6.65 -5.43 -2.98
N GLN F 156 -6.42 -6.43 -2.10
CA GLN F 156 -7.47 -7.01 -1.26
C GLN F 156 -7.90 -5.93 -0.26
N ARG F 157 -6.91 -5.20 0.27
CA ARG F 157 -7.10 -4.13 1.24
C ARG F 157 -7.98 -3.04 0.66
N ALA F 158 -7.70 -2.61 -0.58
CA ALA F 158 -8.46 -1.57 -1.27
C ALA F 158 -9.92 -1.95 -1.45
N TYR F 159 -10.19 -3.24 -1.67
CA TYR F 159 -11.54 -3.71 -1.86
C TYR F 159 -12.20 -3.78 -0.51
N LEU F 160 -11.60 -4.53 0.41
CA LEU F 160 -12.13 -4.75 1.75
C LEU F 160 -12.41 -3.44 2.46
N GLU F 161 -11.38 -2.62 2.67
CA GLU F 161 -11.56 -1.31 3.30
C GLU F 161 -12.40 -0.37 2.43
N GLY F 162 -12.43 -0.61 1.11
CA GLY F 162 -13.10 0.26 0.16
C GLY F 162 -14.47 -0.13 -0.31
N ARG F 163 -14.57 -0.55 -1.59
CA ARG F 163 -15.84 -0.93 -2.25
C ARG F 163 -16.73 -1.82 -1.40
N CYS F 164 -16.16 -2.85 -0.74
CA CYS F 164 -16.85 -3.78 0.15
C CYS F 164 -17.83 -3.09 1.14
N VAL F 165 -17.33 -2.12 1.94
CA VAL F 165 -18.13 -1.39 2.93
C VAL F 165 -19.19 -0.51 2.28
N GLU F 166 -18.88 0.11 1.13
CA GLU F 166 -19.79 0.96 0.38
C GLU F 166 -20.99 0.16 -0.13
N TRP F 167 -20.71 -1.08 -0.54
CA TRP F 167 -21.72 -2.01 -1.02
C TRP F 167 -22.65 -2.42 0.12
N LEU F 168 -22.04 -2.77 1.27
CA LEU F 168 -22.77 -3.15 2.48
C LEU F 168 -23.66 -1.98 2.95
N ARG F 169 -23.07 -0.76 3.01
CA ARG F 169 -23.78 0.47 3.36
C ARG F 169 -25.01 0.69 2.46
N ARG F 170 -24.83 0.54 1.11
CA ARG F 170 -25.91 0.69 0.11
C ARG F 170 -27.00 -0.37 0.24
N TYR F 171 -26.61 -1.62 0.54
CA TYR F 171 -27.51 -2.75 0.68
C TYR F 171 -28.40 -2.57 1.89
N LEU F 172 -27.84 -2.04 3.00
CA LEU F 172 -28.61 -1.82 4.23
C LEU F 172 -29.68 -0.73 4.02
N GLU F 173 -29.37 0.32 3.22
CA GLU F 173 -30.32 1.39 2.91
C GLU F 173 -31.48 0.89 2.01
N ASN F 174 -31.12 0.14 0.96
CA ASN F 174 -32.03 -0.48 0.00
C ASN F 174 -32.84 -1.62 0.61
N GLY F 175 -32.28 -2.31 1.60
CA GLY F 175 -32.95 -3.43 2.25
C GLY F 175 -33.17 -3.34 3.75
N LYS F 176 -33.31 -2.12 4.30
CA LYS F 176 -33.53 -1.88 5.74
C LYS F 176 -34.76 -2.59 6.32
N GLU F 177 -35.85 -2.68 5.56
CA GLU F 177 -37.11 -3.31 5.97
C GLU F 177 -36.94 -4.78 6.32
N THR F 178 -35.85 -5.40 5.85
CA THR F 178 -35.56 -6.80 6.15
C THR F 178 -34.22 -6.92 6.89
N LEU F 179 -33.13 -6.35 6.33
CA LEU F 179 -31.77 -6.44 6.91
C LEU F 179 -31.61 -5.79 8.26
N GLN F 180 -32.19 -4.58 8.43
CA GLN F 180 -32.16 -3.81 9.67
C GLN F 180 -33.43 -4.05 10.54
N ARG F 181 -34.01 -5.26 10.40
CA ARG F 181 -35.19 -5.70 11.14
C ARG F 181 -34.75 -6.56 12.31
N THR F 182 -35.57 -6.56 13.37
CA THR F 182 -35.35 -7.39 14.54
C THR F 182 -36.64 -8.16 14.79
N ASP F 183 -36.55 -9.49 14.75
CA ASP F 183 -37.69 -10.36 15.01
C ASP F 183 -37.40 -11.05 16.36
N PRO F 184 -38.10 -10.66 17.46
CA PRO F 184 -37.83 -11.30 18.76
C PRO F 184 -38.35 -12.73 18.79
N PRO F 185 -37.68 -13.64 19.53
CA PRO F 185 -38.10 -15.05 19.52
C PRO F 185 -39.48 -15.31 20.11
N LYS F 186 -40.32 -16.03 19.37
CA LYS F 186 -41.66 -16.41 19.84
C LYS F 186 -41.42 -17.63 20.76
N THR F 187 -41.37 -17.33 22.08
CA THR F 187 -41.00 -18.26 23.14
C THR F 187 -42.15 -18.97 23.84
N HIS F 188 -42.03 -20.31 23.94
CA HIS F 188 -42.94 -21.23 24.62
C HIS F 188 -42.17 -22.40 25.25
N MET F 189 -42.81 -23.11 26.20
CA MET F 189 -42.21 -24.25 26.91
C MET F 189 -42.99 -25.54 26.69
N THR F 190 -42.28 -26.68 26.63
CA THR F 190 -42.93 -27.97 26.45
C THR F 190 -42.46 -28.97 27.49
N HIS F 191 -43.40 -29.75 28.03
CA HIS F 191 -43.18 -30.72 29.10
C HIS F 191 -43.36 -32.16 28.59
N HIS F 192 -42.42 -33.02 28.97
CA HIS F 192 -42.41 -34.44 28.64
C HIS F 192 -41.82 -35.27 29.80
N PRO F 193 -42.65 -36.06 30.52
CA PRO F 193 -42.10 -36.89 31.60
C PRO F 193 -41.44 -38.16 31.07
N ILE F 194 -40.33 -38.57 31.70
CA ILE F 194 -39.61 -39.78 31.29
C ILE F 194 -39.88 -40.91 32.30
N SER F 195 -39.63 -40.64 33.59
CA SER F 195 -39.87 -41.55 34.72
C SER F 195 -41.03 -41.04 35.53
N ASP F 196 -41.55 -41.85 36.47
CA ASP F 196 -42.64 -41.44 37.35
C ASP F 196 -42.17 -40.38 38.36
N HIS F 197 -40.90 -39.93 38.20
CA HIS F 197 -40.21 -38.94 39.03
C HIS F 197 -39.31 -37.97 38.19
N GLU F 198 -39.21 -38.18 36.86
CA GLU F 198 -38.42 -37.34 35.94
C GLU F 198 -39.28 -36.70 34.87
N ALA F 199 -38.92 -35.47 34.46
CA ALA F 199 -39.61 -34.70 33.42
C ALA F 199 -38.66 -33.72 32.74
N THR F 200 -38.83 -33.52 31.41
CA THR F 200 -38.04 -32.58 30.62
C THR F 200 -38.81 -31.31 30.31
N LEU F 201 -38.10 -30.19 30.34
CA LEU F 201 -38.67 -28.89 30.04
C LEU F 201 -37.89 -28.36 28.86
N ARG F 202 -38.57 -28.19 27.72
CA ARG F 202 -37.95 -27.73 26.49
C ARG F 202 -38.34 -26.28 26.16
N CYS F 203 -37.34 -25.38 26.17
CA CYS F 203 -37.56 -23.97 25.89
C CYS F 203 -37.39 -23.69 24.41
N TRP F 204 -38.45 -23.15 23.77
CA TRP F 204 -38.47 -22.87 22.33
C TRP F 204 -38.32 -21.40 21.99
N ALA F 205 -37.53 -21.12 20.96
CA ALA F 205 -37.33 -19.79 20.39
C ALA F 205 -37.70 -19.94 18.91
N LEU F 206 -38.76 -19.24 18.46
CA LEU F 206 -39.20 -19.40 17.08
C LEU F 206 -39.35 -18.08 16.33
N GLY F 207 -39.11 -18.15 15.01
CA GLY F 207 -39.24 -17.04 14.08
C GLY F 207 -38.48 -15.77 14.44
N PHE F 208 -37.19 -15.90 14.81
CA PHE F 208 -36.34 -14.78 15.17
C PHE F 208 -35.22 -14.50 14.17
N TYR F 209 -34.89 -13.22 13.98
CA TYR F 209 -33.79 -12.76 13.15
C TYR F 209 -33.16 -11.55 13.83
N PRO F 210 -31.81 -11.48 13.99
CA PRO F 210 -30.76 -12.40 13.47
C PRO F 210 -30.63 -13.75 14.18
N ALA F 211 -29.78 -14.65 13.62
CA ALA F 211 -29.54 -16.02 14.11
C ALA F 211 -28.79 -16.09 15.46
N GLU F 212 -28.23 -14.93 15.93
CA GLU F 212 -27.53 -14.80 17.20
C GLU F 212 -28.55 -14.88 18.34
N ILE F 213 -28.48 -15.94 19.16
CA ILE F 213 -29.41 -16.20 20.27
C ILE F 213 -28.72 -16.92 21.45
N THR F 214 -29.23 -16.68 22.67
CA THR F 214 -28.69 -17.30 23.87
C THR F 214 -29.84 -17.89 24.69
N LEU F 215 -29.89 -19.22 24.73
CA LEU F 215 -30.87 -20.01 25.46
C LEU F 215 -30.11 -20.76 26.56
N THR F 216 -30.41 -20.44 27.83
CA THR F 216 -29.75 -21.06 28.99
C THR F 216 -30.73 -21.40 30.09
N TRP F 217 -30.70 -22.65 30.56
CA TRP F 217 -31.54 -23.12 31.67
C TRP F 217 -30.88 -22.78 32.99
N GLN F 218 -31.67 -22.28 33.96
CA GLN F 218 -31.13 -21.87 35.26
C GLN F 218 -31.85 -22.52 36.43
N ARG F 219 -31.10 -23.23 37.31
CA ARG F 219 -31.62 -23.87 38.52
C ARG F 219 -31.07 -23.13 39.73
N ASP F 220 -31.96 -22.42 40.46
CA ASP F 220 -31.63 -21.61 41.64
C ASP F 220 -30.57 -20.54 41.26
N GLY F 221 -30.73 -19.98 40.05
CA GLY F 221 -29.83 -18.98 39.49
C GLY F 221 -28.65 -19.56 38.73
N GLU F 222 -28.22 -20.79 39.09
CA GLU F 222 -27.06 -21.48 38.49
C GLU F 222 -27.28 -21.94 37.06
N ASP F 223 -26.49 -21.39 36.13
CA ASP F 223 -26.49 -21.65 34.69
C ASP F 223 -26.00 -23.07 34.41
N GLN F 224 -26.94 -24.03 34.32
CA GLN F 224 -26.65 -25.45 34.07
C GLN F 224 -26.15 -25.73 32.65
N THR F 225 -25.08 -26.51 32.57
CA THR F 225 -24.43 -26.95 31.33
C THR F 225 -24.42 -28.49 31.25
N GLN F 226 -24.73 -29.14 32.38
CA GLN F 226 -24.85 -30.59 32.56
C GLN F 226 -26.31 -30.94 32.24
N ASP F 227 -26.52 -32.00 31.41
CA ASP F 227 -27.84 -32.49 30.94
C ASP F 227 -28.59 -31.45 30.07
N THR F 228 -28.11 -30.17 30.05
CA THR F 228 -28.64 -29.03 29.29
C THR F 228 -28.31 -29.24 27.81
N GLU F 229 -29.26 -29.87 27.09
CA GLU F 229 -29.14 -30.24 25.70
C GLU F 229 -29.69 -29.17 24.75
N LEU F 230 -28.79 -28.61 23.93
CA LEU F 230 -29.08 -27.54 22.98
C LEU F 230 -28.91 -28.00 21.54
N VAL F 231 -29.84 -27.61 20.67
CA VAL F 231 -29.73 -27.90 19.23
C VAL F 231 -29.09 -26.70 18.54
N GLU F 232 -28.28 -26.96 17.51
CA GLU F 232 -27.64 -25.92 16.70
C GLU F 232 -28.74 -25.07 16.03
N THR F 233 -28.62 -23.73 16.07
CA THR F 233 -29.56 -22.77 15.48
C THR F 233 -29.79 -23.11 14.00
N ARG F 234 -31.05 -23.41 13.67
CA ARG F 234 -31.49 -23.84 12.35
C ARG F 234 -32.37 -22.81 11.60
N PRO F 235 -32.31 -22.78 10.24
CA PRO F 235 -33.19 -21.85 9.51
C PRO F 235 -34.62 -22.39 9.39
N ALA F 236 -35.63 -21.57 9.66
CA ALA F 236 -37.01 -22.01 9.48
C ALA F 236 -37.38 -22.04 7.99
N GLY F 237 -36.58 -21.35 7.16
CA GLY F 237 -36.76 -21.31 5.72
C GLY F 237 -37.50 -20.11 5.16
N ASP F 238 -37.83 -19.14 6.03
CA ASP F 238 -38.53 -17.92 5.63
C ASP F 238 -37.75 -16.66 6.08
N GLY F 239 -36.46 -16.87 6.36
CA GLY F 239 -35.54 -15.82 6.80
C GLY F 239 -35.57 -15.66 8.30
N THR F 240 -36.18 -16.62 8.98
CA THR F 240 -36.27 -16.65 10.42
C THR F 240 -35.61 -17.90 10.92
N PHE F 241 -35.22 -17.90 12.20
CA PHE F 241 -34.49 -19.00 12.82
C PHE F 241 -35.24 -19.68 13.95
N GLN F 242 -34.75 -20.86 14.38
CA GLN F 242 -35.31 -21.69 15.43
C GLN F 242 -34.19 -22.20 16.32
N LYS F 243 -34.50 -22.50 17.59
CA LYS F 243 -33.56 -23.07 18.57
C LYS F 243 -34.28 -23.54 19.82
N TRP F 244 -33.79 -24.65 20.42
CA TRP F 244 -34.37 -25.14 21.68
C TRP F 244 -33.33 -25.69 22.65
N ALA F 245 -33.64 -25.55 23.94
CA ALA F 245 -32.81 -25.99 25.05
C ALA F 245 -33.66 -26.81 25.99
N ALA F 246 -33.23 -28.03 26.27
CA ALA F 246 -33.92 -28.95 27.18
C ALA F 246 -33.03 -29.37 28.34
N VAL F 247 -33.65 -29.73 29.47
CA VAL F 247 -32.98 -30.20 30.67
C VAL F 247 -33.89 -31.18 31.44
N VAL F 248 -33.30 -32.20 32.11
CA VAL F 248 -34.05 -33.22 32.88
C VAL F 248 -34.17 -32.81 34.37
N VAL F 249 -35.43 -32.63 34.83
CA VAL F 249 -35.81 -32.17 36.17
C VAL F 249 -36.73 -33.18 36.92
N PRO F 250 -36.62 -33.27 38.28
CA PRO F 250 -37.52 -34.20 39.00
C PRO F 250 -38.95 -33.68 39.12
N SER F 251 -39.94 -34.59 39.17
CA SER F 251 -41.36 -34.25 39.30
C SER F 251 -41.62 -33.69 40.70
N GLY F 252 -41.33 -32.41 40.87
CA GLY F 252 -41.47 -31.69 42.13
C GLY F 252 -40.72 -30.39 42.10
N GLU F 253 -39.38 -30.46 41.98
CA GLU F 253 -38.47 -29.30 41.96
C GLU F 253 -38.67 -28.35 40.74
N GLU F 254 -39.55 -28.74 39.79
CA GLU F 254 -39.93 -28.06 38.54
C GLU F 254 -39.79 -26.53 38.49
N GLN F 255 -40.24 -25.82 39.53
CA GLN F 255 -40.23 -24.36 39.54
C GLN F 255 -38.91 -23.70 39.97
N ARG F 256 -37.88 -24.50 40.33
CA ARG F 256 -36.54 -23.98 40.68
C ARG F 256 -35.76 -23.61 39.40
N TYR F 257 -36.29 -24.06 38.24
CA TYR F 257 -35.72 -23.86 36.92
C TYR F 257 -36.43 -22.77 36.14
N THR F 258 -35.64 -21.89 35.50
CA THR F 258 -36.08 -20.79 34.65
C THR F 258 -35.15 -20.68 33.44
N CYS F 259 -35.70 -20.69 32.22
CA CYS F 259 -34.86 -20.54 31.03
C CYS F 259 -34.77 -19.09 30.57
N HIS F 260 -33.54 -18.62 30.41
CA HIS F 260 -33.21 -17.25 30.02
C HIS F 260 -32.95 -17.12 28.52
N VAL F 261 -33.63 -16.15 27.89
CA VAL F 261 -33.53 -15.89 26.45
C VAL F 261 -32.90 -14.51 26.19
N GLN F 262 -31.79 -14.47 25.43
CA GLN F 262 -31.11 -13.23 25.06
C GLN F 262 -31.11 -13.05 23.54
N HIS F 263 -31.61 -11.88 23.07
CA HIS F 263 -31.69 -11.52 21.64
C HIS F 263 -31.68 -10.01 21.43
N GLU F 264 -31.18 -9.57 20.27
CA GLU F 264 -31.09 -8.16 19.86
C GLU F 264 -32.49 -7.50 19.77
N GLY F 265 -33.48 -8.24 19.26
CA GLY F 265 -34.85 -7.78 19.08
C GLY F 265 -35.71 -7.75 20.33
N LEU F 266 -35.18 -8.31 21.43
CA LEU F 266 -35.81 -8.39 22.74
C LEU F 266 -35.42 -7.16 23.58
N PRO F 267 -36.39 -6.41 24.16
CA PRO F 267 -36.02 -5.24 24.99
C PRO F 267 -35.31 -5.65 26.29
N LYS F 268 -35.92 -6.60 27.02
CA LYS F 268 -35.43 -7.16 28.27
C LYS F 268 -35.27 -8.66 28.08
N PRO F 269 -34.10 -9.23 28.43
CA PRO F 269 -33.92 -10.69 28.29
C PRO F 269 -35.00 -11.41 29.07
N LEU F 270 -35.77 -12.25 28.38
CA LEU F 270 -36.87 -13.00 28.99
C LEU F 270 -36.42 -14.08 29.98
N THR F 271 -37.24 -14.32 31.02
CA THR F 271 -37.00 -15.34 32.04
C THR F 271 -38.29 -16.15 32.18
N LEU F 272 -38.46 -17.12 31.28
CA LEU F 272 -39.66 -17.94 31.25
C LEU F 272 -39.64 -19.07 32.29
N ARG F 273 -40.72 -19.12 33.09
CA ARG F 273 -40.96 -20.12 34.14
C ARG F 273 -42.12 -21.04 33.69
N TRP F 274 -42.16 -22.27 34.24
CA TRP F 274 -43.18 -23.26 33.92
C TRP F 274 -44.45 -23.06 34.74
N MET G 1 -6.70 -35.75 3.81
CA MET G 1 -7.67 -34.84 3.22
C MET G 1 -8.63 -34.27 4.27
N ILE G 2 -9.11 -35.18 5.17
CA ILE G 2 -10.06 -35.05 6.29
C ILE G 2 -11.51 -35.14 5.78
N GLN G 3 -12.34 -35.83 6.58
CA GLN G 3 -13.77 -36.05 6.34
C GLN G 3 -14.56 -35.71 7.61
N ARG G 4 -15.81 -35.25 7.43
CA ARG G 4 -16.68 -34.86 8.54
C ARG G 4 -18.12 -35.32 8.36
N THR G 5 -18.67 -35.98 9.40
CA THR G 5 -20.04 -36.52 9.45
C THR G 5 -21.07 -35.39 9.51
N PRO G 6 -22.17 -35.45 8.69
CA PRO G 6 -23.20 -34.41 8.78
C PRO G 6 -24.01 -34.48 10.07
N LYS G 7 -24.61 -33.37 10.45
CA LYS G 7 -25.43 -33.24 11.65
C LYS G 7 -26.87 -32.94 11.20
N ILE G 8 -27.65 -34.00 10.97
CA ILE G 8 -29.04 -33.95 10.48
C ILE G 8 -30.02 -33.37 11.54
N GLN G 9 -31.10 -32.71 11.07
CA GLN G 9 -32.18 -32.16 11.87
C GLN G 9 -33.46 -32.10 11.02
N VAL G 10 -34.51 -32.82 11.44
CA VAL G 10 -35.81 -32.86 10.74
C VAL G 10 -36.87 -32.12 11.54
N TYR G 11 -37.33 -30.99 11.01
CA TYR G 11 -38.31 -30.12 11.64
C TYR G 11 -39.26 -29.52 10.61
N SER G 12 -40.09 -28.58 11.03
CA SER G 12 -41.06 -27.89 10.18
C SER G 12 -40.92 -26.37 10.35
N ARG G 13 -41.18 -25.59 9.29
CA ARG G 13 -41.10 -24.13 9.26
C ARG G 13 -41.89 -23.46 10.40
N HIS G 14 -43.12 -23.97 10.66
CA HIS G 14 -44.04 -23.44 11.68
C HIS G 14 -44.45 -24.55 12.65
N PRO G 15 -45.05 -24.21 13.83
CA PRO G 15 -45.53 -25.28 14.73
C PRO G 15 -46.50 -26.14 13.95
N ALA G 16 -46.25 -27.46 13.92
CA ALA G 16 -47.05 -28.42 13.15
C ALA G 16 -48.50 -28.50 13.59
N GLU G 17 -49.38 -27.85 12.79
CA GLU G 17 -50.82 -27.78 12.98
C GLU G 17 -51.45 -28.77 11.99
N ASN G 18 -52.24 -29.75 12.50
CA ASN G 18 -52.82 -30.80 11.68
C ASN G 18 -53.80 -30.33 10.61
N GLY G 19 -53.49 -30.65 9.36
CA GLY G 19 -54.28 -30.29 8.20
C GLY G 19 -54.04 -28.90 7.64
N LYS G 20 -53.20 -28.08 8.33
CA LYS G 20 -52.83 -26.70 7.92
C LYS G 20 -51.55 -26.75 7.10
N SER G 21 -51.46 -25.91 6.05
CA SER G 21 -50.29 -25.88 5.17
C SER G 21 -49.01 -25.35 5.83
N ASN G 22 -47.95 -26.19 5.82
CA ASN G 22 -46.63 -25.94 6.42
C ASN G 22 -45.50 -26.38 5.45
N PHE G 23 -44.23 -26.29 5.90
CA PHE G 23 -43.00 -26.67 5.17
C PHE G 23 -42.13 -27.61 5.99
N LEU G 24 -41.85 -28.81 5.44
CA LEU G 24 -41.04 -29.83 6.12
C LEU G 24 -39.55 -29.65 5.80
N ASN G 25 -38.76 -29.31 6.82
CA ASN G 25 -37.33 -29.04 6.67
C ASN G 25 -36.40 -30.13 7.13
N CYS G 26 -35.31 -30.30 6.38
CA CYS G 26 -34.20 -31.16 6.74
C CYS G 26 -32.93 -30.34 6.60
N TYR G 27 -32.21 -30.20 7.72
CA TYR G 27 -31.01 -29.40 7.82
C TYR G 27 -29.78 -30.21 8.22
N VAL G 28 -28.87 -30.41 7.25
CA VAL G 28 -27.62 -31.14 7.48
C VAL G 28 -26.49 -30.13 7.57
N SER G 29 -25.57 -30.32 8.52
CA SER G 29 -24.49 -29.37 8.75
C SER G 29 -23.20 -30.02 9.26
N GLY G 30 -22.11 -29.28 9.28
CA GLY G 30 -20.82 -29.73 9.79
C GLY G 30 -20.20 -30.90 9.04
N PHE G 31 -20.35 -30.91 7.70
CA PHE G 31 -19.87 -31.97 6.82
C PHE G 31 -18.82 -31.53 5.80
N HIS G 32 -18.09 -32.52 5.24
CA HIS G 32 -17.04 -32.38 4.22
C HIS G 32 -16.70 -33.78 3.67
N PRO G 33 -16.72 -34.01 2.34
CA PRO G 33 -16.97 -33.08 1.22
C PRO G 33 -18.42 -32.60 1.07
N SER G 34 -18.64 -31.79 0.03
CA SER G 34 -19.91 -31.19 -0.37
C SER G 34 -20.91 -32.21 -0.93
N ASP G 35 -20.41 -33.36 -1.42
CA ASP G 35 -21.23 -34.41 -2.04
C ASP G 35 -22.13 -35.08 -1.02
N ILE G 36 -23.45 -34.86 -1.16
CA ILE G 36 -24.45 -35.40 -0.24
C ILE G 36 -25.76 -35.71 -0.94
N GLU G 37 -26.42 -36.80 -0.53
CA GLU G 37 -27.74 -37.22 -1.02
C GLU G 37 -28.69 -37.21 0.17
N VAL G 38 -29.65 -36.30 0.12
CA VAL G 38 -30.64 -36.08 1.16
C VAL G 38 -32.03 -36.22 0.54
N ASP G 39 -32.86 -37.08 1.13
CA ASP G 39 -34.22 -37.33 0.65
C ASP G 39 -35.23 -37.14 1.76
N LEU G 40 -36.40 -36.57 1.42
CA LEU G 40 -37.50 -36.39 2.35
C LEU G 40 -38.51 -37.51 2.09
N LEU G 41 -38.86 -38.29 3.13
CA LEU G 41 -39.70 -39.48 3.03
C LEU G 41 -41.07 -39.39 3.71
N LYS G 42 -42.15 -39.64 2.93
CA LYS G 42 -43.53 -39.69 3.43
C LYS G 42 -43.91 -41.18 3.55
N ASN G 43 -43.88 -41.70 4.80
CA ASN G 43 -44.18 -43.09 5.18
C ASN G 43 -43.14 -44.11 4.60
N GLY G 44 -42.08 -43.60 3.98
CA GLY G 44 -41.01 -44.37 3.35
C GLY G 44 -40.84 -44.00 1.89
N GLU G 45 -41.91 -43.50 1.25
CA GLU G 45 -41.92 -43.07 -0.16
C GLU G 45 -41.21 -41.72 -0.25
N ARG G 46 -40.19 -41.60 -1.12
CA ARG G 46 -39.49 -40.33 -1.27
C ARG G 46 -40.33 -39.29 -2.03
N ILE G 47 -40.28 -38.03 -1.57
CA ILE G 47 -41.00 -36.89 -2.15
C ILE G 47 -40.25 -36.41 -3.38
N GLU G 48 -40.99 -36.10 -4.46
CA GLU G 48 -40.42 -35.70 -5.73
C GLU G 48 -39.96 -34.23 -5.78
N LYS G 49 -40.91 -33.28 -5.72
CA LYS G 49 -40.64 -31.85 -5.78
C LYS G 49 -39.97 -31.38 -4.49
N VAL G 50 -38.64 -31.60 -4.39
CA VAL G 50 -37.85 -31.23 -3.20
C VAL G 50 -36.80 -30.21 -3.57
N GLU G 51 -36.98 -28.98 -3.10
CA GLU G 51 -36.01 -27.92 -3.36
C GLU G 51 -35.06 -27.73 -2.19
N HIS G 52 -33.81 -27.38 -2.50
CA HIS G 52 -32.79 -27.13 -1.49
C HIS G 52 -32.13 -25.74 -1.68
N SER G 53 -31.53 -25.19 -0.62
CA SER G 53 -30.85 -23.90 -0.64
C SER G 53 -29.51 -24.04 -1.39
N ASP G 54 -28.91 -22.92 -1.83
CA ASP G 54 -27.62 -22.95 -2.53
C ASP G 54 -26.51 -23.28 -1.52
N LEU G 55 -25.58 -24.19 -1.90
CA LEU G 55 -24.48 -24.65 -1.05
C LEU G 55 -23.66 -23.53 -0.36
N SER G 56 -23.33 -23.73 0.94
CA SER G 56 -22.50 -22.83 1.74
C SER G 56 -21.72 -23.54 2.85
N PHE G 57 -20.86 -22.82 3.60
CA PHE G 57 -20.06 -23.43 4.66
C PHE G 57 -19.86 -22.55 5.93
N SER G 58 -19.42 -23.18 7.02
CA SER G 58 -19.18 -22.58 8.35
C SER G 58 -17.78 -22.00 8.43
N LYS G 59 -17.45 -21.35 9.58
CA LYS G 59 -16.15 -20.73 9.85
C LYS G 59 -15.03 -21.78 9.73
N ASP G 60 -15.35 -23.02 10.13
CA ASP G 60 -14.46 -24.17 10.12
C ASP G 60 -14.53 -24.92 8.80
N TRP G 61 -14.94 -24.24 7.71
CA TRP G 61 -15.01 -24.75 6.33
C TRP G 61 -16.00 -25.91 6.09
N SER G 62 -16.84 -26.26 7.10
CA SER G 62 -17.83 -27.33 7.01
C SER G 62 -19.09 -26.84 6.30
N PHE G 63 -19.54 -27.57 5.28
CA PHE G 63 -20.74 -27.20 4.53
C PHE G 63 -22.03 -27.38 5.30
N TYR G 64 -23.10 -26.69 4.84
CA TYR G 64 -24.46 -26.79 5.38
C TYR G 64 -25.46 -26.57 4.28
N LEU G 65 -26.56 -27.33 4.33
CA LEU G 65 -27.66 -27.25 3.35
C LEU G 65 -29.00 -27.50 4.03
N LEU G 66 -30.06 -26.89 3.45
CA LEU G 66 -31.43 -27.08 3.89
C LEU G 66 -32.29 -27.58 2.75
N TYR G 67 -32.96 -28.71 2.98
CA TYR G 67 -33.89 -29.35 2.05
C TYR G 67 -35.31 -29.07 2.54
N TYR G 68 -36.17 -28.54 1.66
CA TYR G 68 -37.53 -28.18 2.05
C TYR G 68 -38.60 -28.62 1.04
N THR G 69 -39.79 -28.92 1.56
CA THR G 69 -40.97 -29.33 0.79
C THR G 69 -42.25 -28.87 1.47
N GLU G 70 -43.23 -28.44 0.67
CA GLU G 70 -44.53 -28.02 1.18
C GLU G 70 -45.31 -29.28 1.54
N PHE G 71 -46.08 -29.23 2.65
CA PHE G 71 -46.87 -30.35 3.17
C PHE G 71 -47.99 -29.95 4.12
N THR G 72 -48.95 -30.87 4.31
CA THR G 72 -50.07 -30.75 5.24
C THR G 72 -49.98 -31.93 6.19
N PRO G 73 -49.50 -31.69 7.44
CA PRO G 73 -49.36 -32.81 8.39
C PRO G 73 -50.68 -33.41 8.87
N THR G 74 -50.71 -34.74 8.97
CA THR G 74 -51.86 -35.49 9.49
C THR G 74 -51.32 -36.35 10.64
N GLU G 75 -52.20 -36.80 11.55
CA GLU G 75 -51.77 -37.60 12.70
C GLU G 75 -51.32 -39.01 12.29
N LYS G 76 -51.79 -39.46 11.12
CA LYS G 76 -51.49 -40.76 10.53
C LYS G 76 -50.14 -40.79 9.78
N ASP G 77 -49.91 -39.82 8.87
CA ASP G 77 -48.73 -39.74 8.01
C ASP G 77 -47.42 -39.50 8.74
N GLU G 78 -46.48 -40.44 8.51
CA GLU G 78 -45.11 -40.46 9.03
C GLU G 78 -44.23 -39.71 8.05
N TYR G 79 -43.31 -38.91 8.58
CA TYR G 79 -42.34 -38.16 7.79
C TYR G 79 -40.96 -38.43 8.34
N ALA G 80 -40.06 -38.86 7.47
CA ALA G 80 -38.68 -39.21 7.82
C ALA G 80 -37.73 -38.62 6.81
N CYS G 81 -36.43 -38.70 7.08
CA CYS G 81 -35.43 -38.19 6.14
C CYS G 81 -34.18 -39.04 6.11
N ARG G 82 -33.85 -39.57 4.91
CA ARG G 82 -32.64 -40.38 4.72
C ARG G 82 -31.49 -39.52 4.19
N VAL G 83 -30.31 -39.69 4.79
CA VAL G 83 -29.10 -38.95 4.45
C VAL G 83 -27.95 -39.91 4.16
N ASN G 84 -27.29 -39.73 3.02
CA ASN G 84 -26.10 -40.52 2.69
C ASN G 84 -24.92 -39.62 2.31
N HIS G 85 -23.77 -39.93 2.91
CA HIS G 85 -22.52 -39.23 2.75
C HIS G 85 -21.41 -40.28 2.79
N VAL G 86 -20.19 -39.89 2.38
CA VAL G 86 -19.01 -40.75 2.33
C VAL G 86 -18.59 -41.24 3.75
N THR G 87 -18.89 -40.43 4.79
CA THR G 87 -18.58 -40.71 6.20
C THR G 87 -19.51 -41.77 6.83
N LEU G 88 -20.67 -42.03 6.19
CA LEU G 88 -21.66 -42.98 6.66
C LEU G 88 -21.60 -44.28 5.85
N SER G 89 -21.68 -45.42 6.56
CA SER G 89 -21.68 -46.76 5.96
C SER G 89 -22.99 -46.94 5.19
N GLN G 90 -24.11 -47.11 5.92
CA GLN G 90 -25.46 -47.20 5.34
C GLN G 90 -26.19 -45.86 5.56
N PRO G 91 -27.08 -45.43 4.64
CA PRO G 91 -27.77 -44.13 4.82
C PRO G 91 -28.61 -44.01 6.08
N LYS G 92 -28.28 -43.01 6.92
CA LYS G 92 -28.95 -42.72 8.18
C LYS G 92 -30.35 -42.13 7.94
N ILE G 93 -31.38 -42.71 8.58
CA ILE G 93 -32.76 -42.23 8.45
C ILE G 93 -33.21 -41.59 9.78
N VAL G 94 -33.62 -40.29 9.73
CA VAL G 94 -34.09 -39.56 10.90
C VAL G 94 -35.60 -39.28 10.77
N LYS G 95 -36.38 -39.79 11.75
CA LYS G 95 -37.83 -39.64 11.81
C LYS G 95 -38.18 -38.25 12.36
N TRP G 96 -39.18 -37.61 11.77
CA TRP G 96 -39.61 -36.28 12.23
C TRP G 96 -40.58 -36.40 13.39
N ASP G 97 -40.20 -35.77 14.53
CA ASP G 97 -41.04 -35.69 15.72
C ASP G 97 -41.69 -34.32 15.71
N ARG G 98 -43.00 -34.26 15.97
CA ARG G 98 -43.81 -33.04 16.00
C ARG G 98 -43.28 -31.97 16.97
N ASP G 99 -42.56 -32.38 18.05
CA ASP G 99 -41.95 -31.47 19.03
C ASP G 99 -40.44 -31.73 19.25
N MET G 100 -39.66 -31.63 18.15
CA MET G 100 -38.20 -31.81 18.12
C MET G 100 -37.62 -31.20 16.83
N GLY H 1 -21.39 -6.33 -3.40
CA GLY H 1 -20.64 -6.22 -4.64
C GLY H 1 -19.33 -6.99 -4.57
N THR H 2 -19.26 -8.16 -5.26
CA THR H 2 -18.11 -9.10 -5.32
C THR H 2 -16.81 -8.41 -5.72
N SER H 3 -15.69 -8.93 -5.19
CA SER H 3 -14.36 -8.45 -5.51
C SER H 3 -14.05 -8.83 -6.95
N GLY H 4 -13.44 -7.90 -7.66
CA GLY H 4 -13.02 -8.07 -9.05
C GLY H 4 -11.50 -8.05 -9.19
N SER H 5 -10.81 -7.55 -8.15
CA SER H 5 -9.36 -7.45 -8.07
C SER H 5 -8.90 -7.64 -6.63
N PRO H 6 -7.90 -8.51 -6.33
CA PRO H 6 -7.12 -9.35 -7.25
C PRO H 6 -7.63 -10.80 -7.47
N ILE H 7 -7.91 -11.14 -8.72
CA ILE H 7 -8.30 -12.49 -9.14
C ILE H 7 -7.14 -13.06 -9.95
N ILE H 8 -6.11 -13.57 -9.24
CA ILE H 8 -4.88 -14.15 -9.81
C ILE H 8 -4.67 -15.60 -9.40
N ASN H 9 -3.82 -16.34 -10.14
CA ASN H 9 -3.53 -17.73 -9.81
C ASN H 9 -2.65 -17.89 -8.58
N ARG H 10 -2.78 -19.07 -7.93
CA ARG H 10 -2.01 -19.47 -6.76
C ARG H 10 -1.14 -20.71 -7.05
N GLN I 1 -16.50 4.27 -23.43
CA GLN I 1 -17.35 5.14 -22.61
C GLN I 1 -16.64 6.43 -22.11
N PRO I 2 -15.30 6.51 -21.81
CA PRO I 2 -14.74 7.80 -21.34
C PRO I 2 -14.61 8.87 -22.42
N VAL I 3 -14.59 10.16 -22.03
CA VAL I 3 -14.45 11.25 -23.00
C VAL I 3 -13.10 12.01 -22.81
N GLN I 4 -12.16 11.82 -23.75
CA GLN I 4 -10.85 12.47 -23.79
C GLN I 4 -10.99 13.86 -24.43
N SER I 5 -10.73 14.94 -23.62
CA SER I 5 -10.87 16.37 -23.93
C SER I 5 -10.43 16.75 -25.35
N PRO I 6 -9.14 16.98 -25.72
CA PRO I 6 -8.85 17.35 -27.12
C PRO I 6 -8.62 16.11 -28.01
N GLN I 7 -9.27 16.01 -29.17
CA GLN I 7 -9.07 14.88 -30.09
C GLN I 7 -7.72 14.96 -30.82
N ALA I 8 -7.17 16.18 -30.93
CA ALA I 8 -5.90 16.47 -31.58
C ALA I 8 -5.32 17.77 -31.07
N VAL I 9 -4.01 17.77 -30.82
CA VAL I 9 -3.27 18.92 -30.32
C VAL I 9 -2.02 19.12 -31.18
N ILE I 10 -1.74 20.37 -31.61
CA ILE I 10 -0.54 20.67 -32.38
C ILE I 10 0.33 21.65 -31.57
N LEU I 11 1.39 21.10 -30.95
CA LEU I 11 2.34 21.80 -30.11
C LEU I 11 3.56 22.28 -30.85
N ARG I 12 4.20 23.32 -30.33
CA ARG I 12 5.47 23.77 -30.83
C ARG I 12 6.44 23.01 -29.92
N GLU I 13 7.60 22.58 -30.46
CA GLU I 13 8.62 21.88 -29.68
C GLU I 13 8.97 22.70 -28.44
N GLY I 14 8.98 22.04 -27.28
CA GLY I 14 9.27 22.67 -26.00
C GLY I 14 8.07 23.25 -25.30
N GLU I 15 6.88 23.18 -25.90
CA GLU I 15 5.67 23.74 -25.29
C GLU I 15 4.86 22.70 -24.53
N ASP I 16 3.99 23.18 -23.63
CA ASP I 16 3.17 22.35 -22.74
C ASP I 16 1.73 22.11 -23.25
N ALA I 17 1.20 20.89 -23.03
CA ALA I 17 -0.16 20.49 -23.39
C ALA I 17 -0.79 19.57 -22.35
N VAL I 18 -2.08 19.72 -22.13
CA VAL I 18 -2.84 18.94 -21.17
C VAL I 18 -3.92 18.19 -21.90
N ILE I 19 -3.97 16.89 -21.66
CA ILE I 19 -4.98 16.04 -22.25
C ILE I 19 -5.76 15.40 -21.10
N ASN I 20 -6.96 15.93 -20.82
CA ASN I 20 -7.78 15.39 -19.74
C ASN I 20 -8.84 14.41 -20.27
N CYS I 21 -9.36 13.58 -19.35
CA CYS I 21 -10.34 12.53 -19.62
C CYS I 21 -11.39 12.51 -18.51
N SER I 22 -12.67 12.31 -18.88
CA SER I 22 -13.78 12.26 -17.93
C SER I 22 -14.59 10.99 -18.06
N SER I 23 -15.28 10.66 -16.97
CA SER I 23 -16.17 9.49 -16.84
C SER I 23 -17.48 9.90 -16.13
N SER I 24 -18.57 9.21 -16.49
CA SER I 24 -19.91 9.44 -15.94
C SER I 24 -20.11 8.70 -14.59
N LYS I 25 -19.34 7.60 -14.36
CA LYS I 25 -19.40 6.69 -13.20
C LYS I 25 -18.15 6.76 -12.30
N ALA I 26 -18.28 6.31 -11.03
CA ALA I 26 -17.18 6.30 -10.04
C ALA I 26 -16.02 5.43 -10.51
N LEU I 27 -14.84 6.07 -10.65
CA LEU I 27 -13.62 5.48 -11.16
C LEU I 27 -13.04 4.36 -10.32
N TYR I 28 -12.54 3.33 -11.02
CA TYR I 28 -11.82 2.21 -10.40
C TYR I 28 -10.33 2.47 -10.63
N SER I 29 -9.90 2.27 -11.90
CA SER I 29 -8.53 2.48 -12.36
C SER I 29 -8.49 3.24 -13.68
N VAL I 30 -7.41 3.98 -13.91
CA VAL I 30 -7.19 4.72 -15.14
C VAL I 30 -5.84 4.34 -15.76
N HIS I 31 -5.85 3.96 -17.02
CA HIS I 31 -4.66 3.57 -17.76
C HIS I 31 -4.34 4.65 -18.80
N TRP I 32 -3.07 4.95 -19.00
CA TRP I 32 -2.70 5.88 -20.05
C TRP I 32 -1.75 5.16 -20.94
N TYR I 33 -2.06 5.20 -22.22
CA TYR I 33 -1.27 4.53 -23.24
C TYR I 33 -0.83 5.53 -24.27
N ARG I 34 0.16 5.13 -25.07
CA ARG I 34 0.69 5.88 -26.18
C ARG I 34 0.93 4.90 -27.32
N GLN I 35 0.49 5.29 -28.49
CA GLN I 35 0.64 4.52 -29.70
C GLN I 35 1.26 5.42 -30.78
N LYS I 36 2.39 5.00 -31.32
CA LYS I 36 3.04 5.73 -32.42
C LYS I 36 2.60 5.05 -33.72
N HIS I 37 2.52 5.80 -34.85
CA HIS I 37 2.14 5.22 -36.15
C HIS I 37 3.16 4.10 -36.48
N GLY I 38 2.68 2.88 -36.24
CA GLY I 38 3.40 1.61 -36.31
C GLY I 38 2.76 0.69 -35.28
N GLU I 39 1.64 1.20 -34.70
CA GLU I 39 0.74 0.59 -33.72
C GLU I 39 1.45 0.12 -32.44
N ALA I 40 0.87 -0.89 -31.73
CA ALA I 40 1.33 -1.49 -30.48
C ALA I 40 1.25 -0.47 -29.32
N PRO I 41 0.06 -0.36 -28.65
CA PRO I 41 -0.05 0.60 -27.52
C PRO I 41 0.89 0.29 -26.34
N ILE I 42 1.80 1.25 -26.06
CA ILE I 42 2.78 1.14 -24.98
C ILE I 42 2.25 1.79 -23.71
N PHE I 43 2.10 0.99 -22.63
CA PHE I 43 1.62 1.43 -21.31
C PHE I 43 2.46 2.57 -20.74
N LEU I 44 1.81 3.54 -20.08
CA LEU I 44 2.51 4.67 -19.45
C LEU I 44 2.31 4.70 -17.95
N MET I 45 1.05 4.85 -17.50
CA MET I 45 0.68 4.97 -16.09
C MET I 45 -0.66 4.34 -15.82
N ILE I 46 -0.83 3.84 -14.59
CA ILE I 46 -2.05 3.30 -14.02
C ILE I 46 -2.34 4.10 -12.75
N LEU I 47 -3.59 4.58 -12.57
CA LEU I 47 -3.94 5.46 -11.45
C LEU I 47 -5.19 5.02 -10.69
N LEU I 48 -5.07 4.96 -9.35
CA LEU I 48 -6.14 4.54 -8.45
C LEU I 48 -6.08 5.27 -7.09
N LYS I 49 -6.91 4.85 -6.14
CA LYS I 49 -6.96 5.42 -4.79
C LYS I 49 -5.60 5.55 -4.16
N GLY I 50 -4.83 4.46 -4.15
CA GLY I 50 -3.49 4.50 -3.61
C GLY I 50 -2.58 5.34 -4.47
N GLY I 51 -3.09 6.47 -4.96
CA GLY I 51 -2.30 7.41 -5.74
C GLY I 51 -2.43 7.21 -7.23
N GLU I 52 -3.01 8.15 -8.00
CA GLU I 52 -3.58 9.47 -7.69
C GLU I 52 -2.74 10.50 -8.35
N GLN I 53 -1.43 10.29 -8.33
CA GLN I 53 -0.50 11.18 -9.01
C GLN I 53 0.72 10.36 -9.24
N LYS I 54 0.97 10.04 -10.50
CA LYS I 54 2.02 9.15 -10.92
C LYS I 54 2.95 9.77 -11.96
N GLY I 55 3.80 8.96 -12.57
CA GLY I 55 4.70 9.49 -13.57
C GLY I 55 5.40 8.44 -14.41
N HIS I 56 5.76 8.83 -15.65
CA HIS I 56 6.49 8.03 -16.62
C HIS I 56 7.37 9.01 -17.40
N ASP I 57 8.70 8.94 -17.19
CA ASP I 57 9.70 9.83 -17.79
C ASP I 57 9.37 11.30 -17.46
N LYS I 58 9.29 12.20 -18.46
CA LYS I 58 8.98 13.62 -18.18
C LYS I 58 7.47 13.91 -18.26
N ILE I 59 6.64 12.88 -18.45
CA ILE I 59 5.18 12.99 -18.50
C ILE I 59 4.61 12.56 -17.16
N SER I 60 3.63 13.34 -16.65
CA SER I 60 2.95 13.10 -15.38
C SER I 60 1.42 13.10 -15.51
N ALA I 61 0.74 12.28 -14.69
CA ALA I 61 -0.72 12.19 -14.70
C ALA I 61 -1.38 12.29 -13.31
N SER I 62 -2.61 12.84 -13.28
CA SER I 62 -3.39 13.01 -12.05
C SER I 62 -4.71 12.25 -12.12
N PHE I 63 -5.14 11.70 -10.99
CA PHE I 63 -6.39 10.96 -10.81
C PHE I 63 -7.19 11.73 -9.78
N ASN I 64 -8.44 12.05 -10.13
CA ASN I 64 -9.33 12.79 -9.24
C ASN I 64 -10.56 11.94 -8.96
N GLU I 65 -10.66 11.40 -7.73
CA GLU I 65 -11.77 10.54 -7.31
C GLU I 65 -13.11 11.28 -7.38
N LYS I 66 -13.19 12.51 -6.81
CA LYS I 66 -14.39 13.34 -6.77
C LYS I 66 -14.86 13.80 -8.14
N LYS I 67 -14.04 14.59 -8.85
CA LYS I 67 -14.37 15.11 -10.19
C LYS I 67 -14.64 14.03 -11.24
N GLN I 68 -14.17 12.78 -10.99
CA GLN I 68 -14.24 11.62 -11.91
C GLN I 68 -13.50 11.99 -13.20
N GLN I 69 -12.24 12.41 -13.02
CA GLN I 69 -11.35 12.89 -14.06
C GLN I 69 -9.91 12.43 -13.88
N SER I 70 -9.23 12.21 -15.03
CA SER I 70 -7.80 11.94 -15.10
C SER I 70 -7.16 12.73 -16.23
N SER I 71 -6.15 13.52 -15.90
CA SER I 71 -5.47 14.38 -16.86
C SER I 71 -4.02 13.96 -17.03
N LEU I 72 -3.52 14.05 -18.27
CA LEU I 72 -2.15 13.72 -18.61
C LEU I 72 -1.47 15.01 -19.03
N TYR I 73 -0.39 15.36 -18.34
CA TYR I 73 0.32 16.61 -18.56
C TYR I 73 1.59 16.41 -19.33
N LEU I 74 1.57 16.83 -20.61
CA LEU I 74 2.72 16.79 -21.50
C LEU I 74 3.42 18.15 -21.30
N THR I 75 4.45 18.17 -20.45
CA THR I 75 5.18 19.39 -20.13
C THR I 75 6.49 19.45 -20.91
N ALA I 76 6.79 20.65 -21.47
CA ALA I 76 8.00 20.95 -22.27
C ALA I 76 8.37 19.79 -23.22
N SER I 77 7.45 19.56 -24.17
CA SER I 77 7.44 18.50 -25.18
C SER I 77 8.65 18.44 -26.13
N GLN I 78 8.83 17.25 -26.72
CA GLN I 78 9.85 16.89 -27.71
C GLN I 78 9.19 15.99 -28.78
N LEU I 79 9.75 15.98 -30.01
CA LEU I 79 9.23 15.24 -31.17
C LEU I 79 8.97 13.75 -30.95
N SER I 80 9.56 13.15 -29.88
CA SER I 80 9.35 11.76 -29.51
C SER I 80 7.96 11.58 -28.86
N TYR I 81 7.31 12.69 -28.48
CA TYR I 81 5.98 12.70 -27.85
C TYR I 81 4.86 12.39 -28.86
N SER I 82 5.10 12.56 -30.16
CA SER I 82 4.11 12.22 -31.18
C SER I 82 3.85 10.68 -31.15
N GLY I 83 2.59 10.20 -31.26
CA GLY I 83 1.40 10.98 -31.58
C GLY I 83 0.11 10.65 -30.87
N THR I 84 -0.42 9.40 -30.94
CA THR I 84 -1.72 9.15 -30.30
C THR I 84 -1.62 8.64 -28.83
N TYR I 85 -2.48 9.20 -27.95
CA TYR I 85 -2.53 8.88 -26.52
C TYR I 85 -3.90 8.37 -26.13
N PHE I 86 -3.94 7.21 -25.47
CA PHE I 86 -5.20 6.62 -25.08
C PHE I 86 -5.43 6.55 -23.60
N CYS I 87 -6.69 6.76 -23.22
CA CYS I 87 -7.10 6.70 -21.84
C CYS I 87 -8.01 5.49 -21.65
N GLY I 88 -7.58 4.59 -20.77
CA GLY I 88 -8.29 3.37 -20.43
C GLY I 88 -9.04 3.47 -19.12
N LEU I 89 -10.25 2.90 -19.08
CA LEU I 89 -11.11 2.91 -17.92
C LEU I 89 -11.34 1.51 -17.36
N GLY I 90 -10.82 1.30 -16.16
CA GLY I 90 -10.89 0.02 -15.50
C GLY I 90 -12.23 -0.22 -14.83
N ASP I 91 -12.66 -1.47 -14.90
CA ASP I 91 -13.84 -2.11 -14.34
C ASP I 91 -13.48 -2.46 -12.87
N ALA I 92 -14.34 -3.22 -12.19
CA ALA I 92 -14.06 -3.78 -10.87
C ALA I 92 -12.99 -4.85 -11.09
N GLY I 93 -13.05 -5.49 -12.27
CA GLY I 93 -12.12 -6.51 -12.74
C GLY I 93 -11.08 -5.96 -13.69
N ASN I 94 -10.75 -4.66 -13.56
CA ASN I 94 -9.74 -3.98 -14.37
C ASN I 94 -9.96 -4.05 -15.92
N MET I 95 -11.11 -4.56 -16.39
CA MET I 95 -11.42 -4.68 -17.81
C MET I 95 -11.52 -3.26 -18.40
N LEU I 96 -10.75 -3.02 -19.48
CA LEU I 96 -10.56 -1.70 -20.07
C LEU I 96 -11.55 -1.27 -21.14
N THR I 97 -11.96 0.01 -21.05
CA THR I 97 -12.85 0.72 -21.96
C THR I 97 -12.13 2.03 -22.32
N PHE I 98 -11.76 2.15 -23.61
CA PHE I 98 -10.95 3.24 -24.14
C PHE I 98 -11.65 4.53 -24.55
N GLY I 99 -10.86 5.57 -24.72
CA GLY I 99 -11.29 6.86 -25.23
C GLY I 99 -10.96 6.93 -26.70
N GLY I 100 -11.34 8.02 -27.36
CA GLY I 100 -11.11 8.23 -28.79
C GLY I 100 -9.64 8.41 -29.13
N GLY I 101 -8.90 9.01 -28.22
CA GLY I 101 -7.48 9.28 -28.40
C GLY I 101 -7.21 10.73 -28.69
N THR I 102 -5.94 11.12 -28.61
CA THR I 102 -5.51 12.47 -28.90
C THR I 102 -4.39 12.39 -29.91
N ARG I 103 -4.53 13.09 -31.03
CA ARG I 103 -3.49 13.09 -32.05
C ARG I 103 -2.54 14.25 -31.73
N LEU I 104 -1.39 13.93 -31.14
CA LEU I 104 -0.37 14.92 -30.75
C LEU I 104 0.76 15.03 -31.79
N MET I 105 0.83 16.21 -32.41
CA MET I 105 1.83 16.56 -33.40
C MET I 105 2.68 17.65 -32.79
N VAL I 106 4.00 17.45 -32.83
CA VAL I 106 4.95 18.42 -32.30
C VAL I 106 5.69 19.07 -33.48
N LYS I 107 5.41 20.37 -33.75
CA LYS I 107 6.05 21.16 -34.80
C LYS I 107 7.46 21.51 -34.28
N PRO I 108 8.54 20.99 -34.92
CA PRO I 108 9.89 21.25 -34.39
C PRO I 108 10.41 22.65 -34.60
N HIS I 109 11.33 23.08 -33.73
CA HIS I 109 11.94 24.38 -33.94
C HIS I 109 13.13 24.27 -34.88
N ILE I 110 12.99 24.94 -36.03
CA ILE I 110 14.00 24.98 -37.07
C ILE I 110 14.81 26.28 -36.85
N GLN I 111 16.06 26.10 -36.36
CA GLN I 111 16.99 27.18 -35.99
C GLN I 111 17.20 28.23 -37.09
N ASN I 112 17.97 27.88 -38.14
CA ASN I 112 18.24 28.76 -39.26
C ASN I 112 17.59 28.22 -40.54
N PRO I 113 16.34 28.66 -40.83
CA PRO I 113 15.65 28.16 -42.02
C PRO I 113 15.99 28.92 -43.30
N ASP I 114 16.37 28.16 -44.34
CA ASP I 114 16.67 28.71 -45.67
C ASP I 114 15.89 27.91 -46.73
N PRO I 115 14.55 28.16 -46.84
CA PRO I 115 13.73 27.40 -47.80
C PRO I 115 14.27 27.34 -49.22
N ALA I 116 14.03 26.21 -49.91
CA ALA I 116 14.49 25.98 -51.28
C ALA I 116 13.74 24.86 -52.00
N VAL I 117 13.64 24.97 -53.33
CA VAL I 117 13.00 23.96 -54.17
C VAL I 117 14.05 23.48 -55.18
N TYR I 118 14.46 22.21 -55.05
CA TYR I 118 15.45 21.60 -55.95
C TYR I 118 14.80 20.58 -56.87
N GLN I 119 15.61 19.99 -57.77
CA GLN I 119 15.20 18.97 -58.70
C GLN I 119 16.21 17.88 -58.65
N LEU I 120 15.76 16.66 -58.38
CA LEU I 120 16.64 15.50 -58.33
C LEU I 120 16.46 14.73 -59.63
N ARG I 121 17.56 14.21 -60.18
CA ARG I 121 17.52 13.42 -61.40
C ARG I 121 17.38 11.93 -61.05
N ASP I 122 16.71 11.16 -61.94
CA ASP I 122 16.53 9.71 -61.73
C ASP I 122 17.86 8.96 -61.77
N SER I 123 18.06 8.00 -60.83
CA SER I 123 19.29 7.21 -60.67
C SER I 123 19.67 6.38 -61.91
N LYS I 124 18.66 5.85 -62.63
CA LYS I 124 18.89 5.04 -63.84
C LYS I 124 17.75 5.16 -64.85
N SER I 125 16.50 4.97 -64.39
CA SER I 125 15.27 5.03 -65.18
C SER I 125 14.06 5.15 -64.25
N SER I 126 12.99 5.84 -64.73
CA SER I 126 11.73 6.01 -63.97
C SER I 126 10.52 6.32 -64.85
N ASP I 127 10.67 7.31 -65.78
CA ASP I 127 9.70 7.94 -66.73
C ASP I 127 9.32 9.34 -66.21
N LYS I 128 9.81 9.67 -65.00
CA LYS I 128 9.58 10.93 -64.29
C LYS I 128 10.84 11.42 -63.56
N SER I 129 10.75 12.65 -63.04
CA SER I 129 11.77 13.32 -62.23
C SER I 129 11.04 13.99 -61.08
N VAL I 130 11.65 13.98 -59.88
CA VAL I 130 11.03 14.51 -58.67
C VAL I 130 11.59 15.90 -58.27
N CYS I 131 10.70 16.79 -57.77
CA CYS I 131 11.08 18.13 -57.29
C CYS I 131 10.83 18.22 -55.77
N LEU I 132 11.93 18.32 -55.01
CA LEU I 132 11.92 18.38 -53.54
C LEU I 132 11.95 19.82 -53.01
N PHE I 133 11.15 20.08 -51.96
CA PHE I 133 11.05 21.35 -51.25
C PHE I 133 11.58 21.08 -49.84
N THR I 134 12.58 21.86 -49.38
CA THR I 134 13.18 21.64 -48.06
C THR I 134 13.66 22.94 -47.37
N ASP I 135 14.12 22.78 -46.10
CA ASP I 135 14.69 23.79 -45.19
C ASP I 135 13.73 24.96 -44.90
N PHE I 136 12.42 24.69 -44.98
CA PHE I 136 11.37 25.67 -44.71
C PHE I 136 10.95 25.66 -43.22
N ASP I 137 10.45 26.81 -42.72
CA ASP I 137 9.99 26.96 -41.33
C ASP I 137 8.74 26.15 -41.05
N SER I 138 8.61 25.62 -39.82
CA SER I 138 7.46 24.82 -39.37
C SER I 138 6.14 25.61 -39.39
N GLN I 139 6.22 26.93 -39.64
CA GLN I 139 5.09 27.82 -39.76
C GLN I 139 4.38 27.58 -41.09
N THR I 140 5.14 27.31 -42.17
CA THR I 140 4.55 27.04 -43.50
C THR I 140 3.97 25.63 -43.56
N ASN I 141 2.79 25.51 -44.19
CA ASN I 141 2.09 24.24 -44.36
C ASN I 141 2.06 23.83 -45.82
N VAL I 142 2.44 22.58 -46.10
CA VAL I 142 2.45 22.05 -47.47
C VAL I 142 1.03 21.60 -47.79
N SER I 143 0.45 22.23 -48.82
CA SER I 143 -0.90 21.96 -49.29
C SER I 143 -0.95 20.66 -50.13
N GLN I 144 -2.15 20.32 -50.66
CA GLN I 144 -2.36 19.14 -51.49
C GLN I 144 -2.24 19.50 -52.98
N SER I 145 -2.29 18.49 -53.86
CA SER I 145 -2.20 18.74 -55.30
C SER I 145 -3.54 19.20 -55.88
N LYS I 146 -3.45 20.04 -56.93
CA LYS I 146 -4.61 20.56 -57.68
C LYS I 146 -4.81 19.74 -58.96
N ASP I 147 -3.68 19.35 -59.61
CA ASP I 147 -3.72 18.50 -60.80
C ASP I 147 -3.61 17.03 -60.37
N SER I 148 -4.58 16.20 -60.81
CA SER I 148 -4.67 14.76 -60.50
C SER I 148 -3.46 13.95 -60.94
N ASP I 149 -2.73 14.43 -61.97
CA ASP I 149 -1.54 13.78 -62.53
C ASP I 149 -0.25 14.21 -61.83
N VAL I 150 -0.35 15.14 -60.86
CA VAL I 150 0.77 15.64 -60.07
C VAL I 150 0.57 15.10 -58.65
N TYR I 151 1.65 14.59 -58.03
CA TYR I 151 1.63 14.04 -56.68
C TYR I 151 2.53 14.84 -55.74
N ILE I 152 1.96 15.50 -54.72
CA ILE I 152 2.73 16.27 -53.74
C ILE I 152 2.40 15.74 -52.32
N THR I 153 3.44 15.47 -51.51
CA THR I 153 3.34 14.91 -50.16
C THR I 153 3.30 15.99 -49.08
N ASP I 154 3.00 15.61 -47.82
CA ASP I 154 3.01 16.56 -46.71
C ASP I 154 4.41 16.64 -46.06
N LYS I 155 4.70 17.76 -45.36
CA LYS I 155 5.99 18.04 -44.69
C LYS I 155 6.39 16.94 -43.71
N CYS I 156 7.70 16.63 -43.69
CA CYS I 156 8.28 15.58 -42.85
C CYS I 156 9.41 16.13 -41.99
N VAL I 157 10.15 15.26 -41.27
CA VAL I 157 11.24 15.69 -40.41
C VAL I 157 12.42 14.74 -40.39
N LEU I 158 13.59 15.22 -40.85
CA LEU I 158 14.86 14.48 -40.90
C LEU I 158 15.56 14.58 -39.54
N ASP I 159 16.34 13.56 -39.17
CA ASP I 159 17.00 13.54 -37.87
C ASP I 159 18.48 14.00 -37.88
N MET I 160 19.12 13.93 -36.70
CA MET I 160 20.51 14.35 -36.46
C MET I 160 21.55 13.22 -36.48
N ARG I 161 22.50 13.30 -37.43
CA ARG I 161 23.64 12.39 -37.52
C ARG I 161 24.78 13.05 -36.72
N SER I 162 24.42 13.43 -35.46
CA SER I 162 25.20 14.14 -34.45
C SER I 162 25.53 15.59 -34.87
N MET I 163 24.87 16.08 -35.95
CA MET I 163 25.00 17.45 -36.45
C MET I 163 24.04 18.36 -35.67
N ASP I 164 23.11 17.75 -34.88
CA ASP I 164 22.06 18.38 -34.08
C ASP I 164 21.08 19.21 -34.95
N PHE I 165 21.05 18.89 -36.25
CA PHE I 165 20.26 19.52 -37.31
C PHE I 165 19.07 18.67 -37.68
N LYS I 166 17.93 19.34 -37.93
CA LYS I 166 16.65 18.75 -38.32
C LYS I 166 15.92 19.68 -39.27
N SER I 167 15.32 19.14 -40.32
CA SER I 167 14.65 19.97 -41.31
C SER I 167 13.36 19.39 -41.88
N ASN I 168 12.44 20.28 -42.27
CA ASN I 168 11.18 19.95 -42.88
C ASN I 168 11.38 19.72 -44.37
N SER I 169 10.67 18.72 -44.93
CA SER I 169 10.77 18.35 -46.35
C SER I 169 9.51 17.69 -46.89
N ALA I 170 9.14 18.06 -48.12
CA ALA I 170 8.01 17.49 -48.86
C ALA I 170 8.41 17.32 -50.33
N VAL I 171 7.91 16.24 -50.95
CA VAL I 171 8.25 15.90 -52.31
C VAL I 171 7.02 15.92 -53.27
N ALA I 172 7.26 16.36 -54.50
CA ALA I 172 6.26 16.44 -55.56
C ALA I 172 6.79 15.78 -56.81
N TRP I 173 5.92 15.10 -57.59
CA TRP I 173 6.34 14.43 -58.82
C TRP I 173 5.22 14.25 -59.85
N SER I 174 5.62 14.06 -61.13
CA SER I 174 4.75 13.78 -62.28
C SER I 174 5.54 13.24 -63.46
N ASN I 175 4.90 12.29 -64.20
CA ASN I 175 5.41 11.63 -65.42
C ASN I 175 5.56 12.62 -66.60
N LYS I 176 4.69 13.66 -66.62
CA LYS I 176 4.59 14.74 -67.60
C LYS I 176 5.93 15.38 -67.96
N SER I 177 6.16 15.60 -69.27
CA SER I 177 7.35 16.23 -69.85
C SER I 177 7.33 17.74 -69.62
N ASP I 178 6.12 18.31 -69.39
CA ASP I 178 5.91 19.72 -69.08
C ASP I 178 5.71 19.86 -67.55
N PHE I 179 6.77 19.53 -66.79
CA PHE I 179 6.78 19.58 -65.32
C PHE I 179 7.98 20.37 -64.80
N ALA I 180 7.71 21.62 -64.43
CA ALA I 180 8.73 22.53 -63.90
C ALA I 180 8.66 22.53 -62.38
N CYS I 181 9.83 22.64 -61.75
CA CYS I 181 9.92 22.69 -60.30
C CYS I 181 9.62 24.10 -59.81
N ALA I 182 9.90 25.11 -60.67
CA ALA I 182 9.67 26.54 -60.43
C ALA I 182 8.17 26.82 -60.19
N ASN I 183 7.30 26.10 -60.91
CA ASN I 183 5.86 26.21 -60.77
C ASN I 183 5.27 24.88 -60.30
N ALA I 184 5.97 24.18 -59.37
CA ALA I 184 5.50 22.90 -58.83
C ALA I 184 4.64 23.08 -57.57
N PHE I 185 5.18 23.76 -56.54
CA PHE I 185 4.45 23.99 -55.29
C PHE I 185 3.63 25.29 -55.38
N ASN I 186 2.72 25.34 -56.37
CA ASN I 186 1.85 26.48 -56.62
C ASN I 186 0.75 26.57 -55.58
N ASN I 187 -0.02 25.47 -55.39
CA ASN I 187 -1.13 25.37 -54.42
C ASN I 187 -0.68 25.54 -52.96
N SER I 188 0.62 25.35 -52.68
CA SER I 188 1.19 25.52 -51.34
C SER I 188 1.69 26.96 -51.15
N ILE I 189 1.50 27.54 -49.95
CA ILE I 189 1.92 28.92 -49.67
C ILE I 189 3.41 28.95 -49.29
N ILE I 190 4.26 29.14 -50.31
CA ILE I 190 5.71 29.20 -50.17
C ILE I 190 6.17 30.60 -49.73
N PRO I 191 7.23 30.73 -48.89
CA PRO I 191 7.70 32.07 -48.49
C PRO I 191 8.49 32.78 -49.61
N GLU I 192 9.19 33.88 -49.27
CA GLU I 192 10.00 34.64 -50.22
C GLU I 192 11.47 34.27 -50.16
N ASP I 193 11.94 33.87 -48.94
CA ASP I 193 13.29 33.41 -48.64
C ASP I 193 13.66 32.16 -49.48
N THR I 194 12.64 31.55 -50.13
CA THR I 194 12.72 30.37 -50.99
C THR I 194 13.73 30.55 -52.15
N PHE I 195 14.60 29.53 -52.35
CA PHE I 195 15.64 29.51 -53.35
C PHE I 195 15.35 28.51 -54.47
N PHE I 196 15.16 29.02 -55.70
CA PHE I 196 14.90 28.21 -56.89
C PHE I 196 16.13 28.32 -57.79
N PRO I 197 16.95 27.26 -57.96
CA PRO I 197 18.16 27.38 -58.80
C PRO I 197 17.88 27.28 -60.30
N SER I 198 18.34 28.29 -61.07
CA SER I 198 18.16 28.40 -62.52
C SER I 198 18.95 27.34 -63.30
N ALA J 1 8.03 -10.98 -20.85
CA ALA J 1 8.51 -11.80 -21.97
C ALA J 1 8.45 -11.04 -23.30
N GLY J 2 7.25 -10.56 -23.63
CA GLY J 2 6.91 -9.84 -24.86
C GLY J 2 5.80 -10.56 -25.57
N VAL J 3 4.56 -10.00 -25.56
CA VAL J 3 3.38 -10.55 -26.22
C VAL J 3 3.64 -10.73 -27.73
N ALA J 4 3.57 -12.00 -28.19
CA ALA J 4 3.80 -12.39 -29.59
C ALA J 4 2.50 -12.51 -30.34
N GLN J 5 2.49 -11.99 -31.59
CA GLN J 5 1.31 -11.99 -32.47
C GLN J 5 1.64 -12.25 -33.95
N SER J 6 1.10 -13.35 -34.51
CA SER J 6 1.28 -13.71 -35.92
C SER J 6 -0.09 -13.78 -36.62
N PRO J 7 -0.26 -13.28 -37.87
CA PRO J 7 0.71 -12.58 -38.72
C PRO J 7 0.77 -11.07 -38.47
N ARG J 8 1.76 -10.37 -39.04
CA ARG J 8 1.86 -8.92 -38.87
C ARG J 8 0.74 -8.24 -39.66
N TYR J 9 0.50 -8.76 -40.88
CA TYR J 9 -0.49 -8.29 -41.85
C TYR J 9 -1.25 -9.46 -42.48
N LYS J 10 -2.43 -9.17 -43.08
CA LYS J 10 -3.25 -10.17 -43.78
C LYS J 10 -4.15 -9.56 -44.83
N ILE J 11 -4.29 -10.24 -46.00
CA ILE J 11 -5.19 -9.84 -47.09
C ILE J 11 -6.14 -10.98 -47.41
N ILE J 12 -7.42 -10.72 -47.17
CA ILE J 12 -8.49 -11.68 -47.40
C ILE J 12 -9.51 -11.06 -48.37
N GLU J 13 -10.40 -11.88 -48.95
CA GLU J 13 -11.40 -11.40 -49.90
C GLU J 13 -12.84 -11.57 -49.37
N LYS J 14 -13.67 -10.52 -49.50
CA LYS J 14 -15.09 -10.39 -49.13
C LYS J 14 -15.61 -11.50 -48.20
N ARG J 15 -16.01 -12.69 -48.71
CA ARG J 15 -16.54 -13.75 -47.84
C ARG J 15 -15.52 -14.87 -47.56
N GLN J 16 -14.52 -14.59 -46.70
CA GLN J 16 -13.50 -15.59 -46.42
C GLN J 16 -13.17 -15.75 -44.93
N SER J 17 -12.26 -16.71 -44.61
CA SER J 17 -11.82 -17.04 -43.26
C SER J 17 -10.44 -16.49 -42.91
N VAL J 18 -10.28 -16.09 -41.64
CA VAL J 18 -9.04 -15.59 -41.08
C VAL J 18 -8.87 -16.13 -39.70
N ALA J 19 -7.61 -16.30 -39.30
CA ALA J 19 -7.19 -16.76 -37.99
C ALA J 19 -6.02 -15.89 -37.54
N PHE J 20 -6.09 -15.38 -36.32
CA PHE J 20 -5.04 -14.57 -35.74
C PHE J 20 -4.47 -15.31 -34.59
N TRP J 21 -3.17 -15.19 -34.40
CA TRP J 21 -2.57 -15.91 -33.30
C TRP J 21 -1.95 -15.01 -32.27
N CYS J 22 -2.08 -15.42 -31.02
CA CYS J 22 -1.51 -14.67 -29.93
C CYS J 22 -0.99 -15.50 -28.80
N ASN J 23 0.23 -15.12 -28.36
CA ASN J 23 0.89 -15.70 -27.19
C ASN J 23 1.12 -14.60 -26.15
N PRO J 24 0.54 -14.75 -24.95
CA PRO J 24 0.76 -13.76 -23.89
C PRO J 24 2.12 -14.00 -23.20
N ILE J 25 2.49 -13.14 -22.23
CA ILE J 25 3.70 -13.33 -21.44
C ILE J 25 3.44 -14.57 -20.59
N SER J 26 4.47 -15.43 -20.41
CA SER J 26 4.30 -16.65 -19.63
C SER J 26 3.83 -16.33 -18.22
N GLY J 27 2.81 -17.05 -17.78
CA GLY J 27 2.23 -16.95 -16.45
C GLY J 27 1.01 -16.06 -16.34
N HIS J 28 0.80 -15.20 -17.35
CA HIS J 28 -0.32 -14.26 -17.41
C HIS J 28 -1.65 -14.98 -17.63
N ALA J 29 -2.57 -14.79 -16.68
CA ALA J 29 -3.88 -15.44 -16.67
C ALA J 29 -4.90 -14.75 -17.55
N THR J 30 -4.84 -13.41 -17.67
CA THR J 30 -5.81 -12.67 -18.48
C THR J 30 -5.33 -12.37 -19.87
N LEU J 31 -6.16 -12.71 -20.85
CA LEU J 31 -5.88 -12.41 -22.23
C LEU J 31 -7.06 -11.62 -22.78
N TYR J 32 -6.75 -10.52 -23.49
CA TYR J 32 -7.73 -9.63 -24.09
C TYR J 32 -7.56 -9.61 -25.61
N TRP J 33 -8.63 -9.34 -26.37
CA TRP J 33 -8.59 -9.19 -27.82
C TRP J 33 -9.33 -7.92 -28.14
N TYR J 34 -8.65 -6.98 -28.78
CA TYR J 34 -9.22 -5.67 -29.13
C TYR J 34 -9.27 -5.41 -30.64
N GLN J 35 -10.28 -4.62 -31.09
CA GLN J 35 -10.45 -4.22 -32.48
C GLN J 35 -10.18 -2.72 -32.60
N GLN J 36 -9.23 -2.34 -33.49
CA GLN J 36 -8.87 -0.95 -33.75
C GLN J 36 -9.14 -0.51 -35.22
N ILE J 37 -10.24 0.24 -35.43
CA ILE J 37 -10.62 0.77 -36.73
C ILE J 37 -10.04 2.19 -36.91
N LEU J 38 -9.26 2.39 -37.99
CA LEU J 38 -8.63 3.66 -38.36
C LEU J 38 -7.95 4.39 -37.20
N GLY J 39 -7.17 3.63 -36.43
CA GLY J 39 -6.41 4.12 -35.29
C GLY J 39 -7.20 4.69 -34.12
N GLN J 40 -8.55 4.60 -34.16
CA GLN J 40 -9.44 5.10 -33.11
C GLN J 40 -9.30 4.21 -31.86
N GLY J 41 -10.13 4.48 -30.84
CA GLY J 41 -10.16 3.71 -29.59
C GLY J 41 -10.42 2.23 -29.78
N PRO J 42 -9.52 1.35 -29.26
CA PRO J 42 -9.72 -0.11 -29.43
C PRO J 42 -10.96 -0.61 -28.71
N LYS J 43 -11.87 -1.27 -29.42
CA LYS J 43 -13.11 -1.83 -28.87
C LYS J 43 -12.85 -3.30 -28.48
N LEU J 44 -13.19 -3.68 -27.24
CA LEU J 44 -13.01 -5.06 -26.77
C LEU J 44 -13.85 -6.09 -27.55
N LEU J 45 -13.24 -7.24 -27.85
CA LEU J 45 -13.92 -8.34 -28.51
C LEU J 45 -14.22 -9.37 -27.44
N ILE J 46 -13.17 -9.88 -26.77
CA ILE J 46 -13.29 -10.94 -25.75
C ILE J 46 -12.19 -10.88 -24.67
N GLN J 47 -12.55 -11.23 -23.40
CA GLN J 47 -11.62 -11.39 -22.26
C GLN J 47 -11.61 -12.87 -21.82
N PHE J 48 -10.41 -13.45 -21.70
CA PHE J 48 -10.17 -14.81 -21.26
C PHE J 48 -9.45 -14.80 -19.95
N GLN J 49 -9.88 -15.63 -19.02
CA GLN J 49 -9.16 -15.83 -17.77
C GLN J 49 -8.80 -17.28 -17.81
N ASN J 50 -7.50 -17.56 -17.91
CA ASN J 50 -6.94 -18.90 -18.02
C ASN J 50 -7.41 -19.59 -19.30
N ASN J 51 -8.29 -20.61 -19.21
CA ASN J 51 -8.75 -21.35 -20.39
C ASN J 51 -10.23 -21.10 -20.77
N GLY J 52 -10.92 -20.27 -19.98
CA GLY J 52 -12.33 -19.95 -20.18
C GLY J 52 -12.62 -18.50 -20.48
N VAL J 53 -13.89 -18.20 -20.85
CA VAL J 53 -14.34 -16.85 -21.20
C VAL J 53 -15.00 -16.13 -20.02
N VAL J 54 -14.60 -14.87 -19.80
CA VAL J 54 -15.15 -14.01 -18.77
C VAL J 54 -16.26 -13.15 -19.40
N ASP J 55 -15.92 -12.38 -20.47
CA ASP J 55 -16.85 -11.54 -21.20
C ASP J 55 -16.64 -11.71 -22.69
N ASP J 56 -17.75 -11.94 -23.42
CA ASP J 56 -17.80 -12.08 -24.90
C ASP J 56 -19.12 -11.47 -25.43
N SER J 57 -19.66 -10.49 -24.67
CA SER J 57 -20.89 -9.77 -24.97
C SER J 57 -20.72 -8.88 -26.22
N GLN J 58 -19.51 -8.31 -26.39
CA GLN J 58 -19.18 -7.43 -27.52
C GLN J 58 -18.77 -8.17 -28.81
N LEU J 59 -18.70 -9.49 -28.72
CA LEU J 59 -18.28 -10.40 -29.79
C LEU J 59 -19.39 -10.66 -30.81
N PRO J 60 -19.17 -10.33 -32.12
CA PRO J 60 -20.19 -10.62 -33.16
C PRO J 60 -20.17 -12.11 -33.48
N LYS J 61 -20.72 -12.90 -32.54
CA LYS J 61 -20.76 -14.37 -32.44
C LYS J 61 -21.26 -15.08 -33.70
N ASP J 62 -21.81 -14.32 -34.67
CA ASP J 62 -22.24 -14.88 -35.96
C ASP J 62 -21.04 -15.35 -36.82
N ARG J 63 -19.87 -14.70 -36.69
CA ARG J 63 -18.67 -15.04 -37.46
C ARG J 63 -17.36 -14.99 -36.65
N PHE J 64 -17.36 -14.32 -35.48
CA PHE J 64 -16.15 -14.24 -34.63
C PHE J 64 -16.10 -15.40 -33.64
N SER J 65 -14.93 -16.04 -33.53
CA SER J 65 -14.71 -17.19 -32.64
C SER J 65 -13.29 -17.25 -32.06
N ALA J 66 -13.16 -16.95 -30.77
CA ALA J 66 -11.87 -17.01 -30.11
C ALA J 66 -11.80 -18.28 -29.27
N GLU J 67 -10.59 -18.83 -29.12
CA GLU J 67 -10.29 -20.05 -28.37
C GLU J 67 -8.97 -19.83 -27.59
N ARG J 68 -8.74 -20.61 -26.52
CA ARG J 68 -7.56 -20.60 -25.66
C ARG J 68 -7.76 -21.83 -24.82
N LEU J 69 -7.63 -22.99 -25.48
CA LEU J 69 -7.91 -24.31 -24.92
C LEU J 69 -7.00 -24.72 -23.77
N LYS J 70 -5.67 -24.53 -23.93
CA LYS J 70 -4.73 -24.90 -22.88
C LYS J 70 -4.29 -23.70 -22.02
N GLY J 71 -5.12 -22.65 -22.00
CA GLY J 71 -4.94 -21.45 -21.19
C GLY J 71 -3.69 -20.62 -21.43
N VAL J 72 -2.86 -21.00 -22.42
CA VAL J 72 -1.62 -20.32 -22.78
C VAL J 72 -1.90 -19.35 -23.97
N ASP J 73 -1.66 -19.80 -25.22
CA ASP J 73 -1.87 -19.03 -26.45
C ASP J 73 -3.32 -19.10 -26.92
N SER J 74 -3.74 -18.12 -27.73
CA SER J 74 -5.10 -17.96 -28.23
C SER J 74 -5.20 -17.84 -29.77
N THR J 75 -6.37 -18.22 -30.33
CA THR J 75 -6.62 -18.08 -31.76
C THR J 75 -7.99 -17.42 -31.99
N LEU J 76 -8.00 -16.17 -32.49
CA LEU J 76 -9.21 -15.41 -32.83
C LEU J 76 -9.52 -15.71 -34.32
N LYS J 77 -10.77 -16.14 -34.62
CA LYS J 77 -11.17 -16.49 -35.97
C LYS J 77 -12.37 -15.66 -36.47
N ILE J 78 -12.42 -15.41 -37.81
CA ILE J 78 -13.53 -14.74 -38.50
C ILE J 78 -13.99 -15.65 -39.65
N GLN J 79 -15.25 -16.12 -39.61
CA GLN J 79 -15.81 -17.03 -40.61
C GLN J 79 -17.32 -16.75 -40.87
N PRO J 80 -17.67 -15.95 -41.91
CA PRO J 80 -16.82 -15.28 -42.89
C PRO J 80 -16.63 -13.77 -42.65
N ALA J 81 -15.54 -13.23 -43.20
CA ALA J 81 -15.16 -11.81 -43.12
C ALA J 81 -16.12 -10.89 -43.88
N LYS J 82 -16.05 -9.59 -43.59
CA LYS J 82 -16.85 -8.50 -44.17
C LYS J 82 -15.91 -7.33 -44.33
N LEU J 83 -16.20 -6.42 -45.28
CA LEU J 83 -15.34 -5.25 -45.48
C LEU J 83 -15.27 -4.34 -44.25
N GLU J 84 -16.23 -4.53 -43.30
CA GLU J 84 -16.35 -3.84 -42.01
C GLU J 84 -15.18 -4.22 -41.12
N ASP J 85 -14.77 -5.51 -41.19
CA ASP J 85 -13.71 -6.14 -40.39
C ASP J 85 -12.30 -5.64 -40.67
N SER J 86 -12.10 -4.84 -41.73
CA SER J 86 -10.80 -4.28 -42.05
C SER J 86 -10.40 -3.36 -40.89
N ALA J 87 -9.58 -3.90 -39.96
CA ALA J 87 -9.12 -3.24 -38.74
C ALA J 87 -7.79 -3.84 -38.25
N VAL J 88 -7.28 -3.33 -37.10
CA VAL J 88 -6.08 -3.86 -36.45
C VAL J 88 -6.54 -4.67 -35.25
N TYR J 89 -6.17 -5.96 -35.23
CA TYR J 89 -6.58 -6.87 -34.19
C TYR J 89 -5.50 -7.04 -33.13
N LEU J 90 -5.64 -6.26 -32.05
CA LEU J 90 -4.72 -6.23 -30.92
C LEU J 90 -4.99 -7.28 -29.88
N CYS J 91 -3.95 -7.62 -29.15
CA CYS J 91 -4.06 -8.60 -28.08
C CYS J 91 -3.24 -8.20 -26.86
N ALA J 92 -3.84 -8.34 -25.66
CA ALA J 92 -3.20 -7.94 -24.42
C ALA J 92 -3.20 -9.02 -23.38
N SER J 93 -2.26 -8.93 -22.47
CA SER J 93 -2.18 -9.92 -21.41
C SER J 93 -1.84 -9.23 -20.14
N SER J 94 -2.46 -9.69 -19.09
CA SER J 94 -2.25 -9.18 -17.76
C SER J 94 -2.03 -10.38 -16.88
N LEU J 95 -1.38 -10.16 -15.75
CA LEU J 95 -1.06 -11.28 -14.87
C LEU J 95 -2.27 -11.90 -14.21
N GLY J 96 -3.38 -11.21 -14.30
CA GLY J 96 -4.61 -11.62 -13.67
C GLY J 96 -5.47 -10.39 -13.63
N GLN J 97 -6.16 -10.22 -12.54
CA GLN J 97 -7.00 -9.07 -12.34
C GLN J 97 -6.60 -8.58 -10.98
N GLY J 98 -6.29 -7.31 -10.80
CA GLY J 98 -6.19 -6.30 -11.81
C GLY J 98 -5.94 -5.02 -11.07
N LEU J 99 -6.42 -3.93 -11.58
CA LEU J 99 -6.39 -2.62 -10.97
C LEU J 99 -5.05 -2.05 -10.66
N LEU J 100 -4.02 -2.86 -10.43
CA LEU J 100 -2.69 -2.30 -10.30
C LEU J 100 -1.84 -2.76 -11.46
N TYR J 101 -2.45 -3.55 -12.35
CA TYR J 101 -1.80 -4.18 -13.49
C TYR J 101 -2.09 -3.45 -14.75
N GLY J 102 -1.08 -3.36 -15.61
CA GLY J 102 -1.21 -2.67 -16.85
C GLY J 102 -1.09 -3.66 -17.97
N TYR J 103 -1.91 -3.48 -19.02
CA TYR J 103 -1.96 -4.44 -20.12
C TYR J 103 -0.72 -4.38 -20.97
N THR J 104 -0.18 -5.56 -21.32
CA THR J 104 0.95 -5.62 -22.23
C THR J 104 0.38 -6.00 -23.57
N PHE J 105 0.53 -5.12 -24.56
CA PHE J 105 0.00 -5.33 -25.91
C PHE J 105 0.97 -5.97 -26.90
N GLY J 106 0.40 -6.56 -27.93
CA GLY J 106 1.14 -7.13 -29.05
C GLY J 106 1.26 -6.07 -30.12
N SER J 107 2.02 -6.37 -31.19
CA SER J 107 2.21 -5.42 -32.29
C SER J 107 0.95 -5.31 -33.15
N GLY J 108 0.05 -6.30 -33.02
CA GLY J 108 -1.23 -6.38 -33.70
C GLY J 108 -1.18 -6.93 -35.11
N THR J 109 -2.35 -7.37 -35.63
CA THR J 109 -2.49 -7.89 -37.00
C THR J 109 -3.35 -6.91 -37.78
N ARG J 110 -2.81 -6.37 -38.89
CA ARG J 110 -3.54 -5.43 -39.74
C ARG J 110 -4.26 -6.23 -40.81
N LEU J 111 -5.58 -6.38 -40.67
CA LEU J 111 -6.40 -7.12 -41.63
C LEU J 111 -6.94 -6.18 -42.68
N THR J 112 -6.89 -6.65 -43.94
CA THR J 112 -7.41 -5.90 -45.08
C THR J 112 -8.33 -6.80 -45.88
N VAL J 113 -9.64 -6.60 -45.68
CA VAL J 113 -10.69 -7.32 -46.39
C VAL J 113 -10.92 -6.53 -47.67
N LEU J 114 -10.74 -7.23 -48.80
CA LEU J 114 -10.81 -6.74 -50.17
C LEU J 114 -12.11 -7.16 -50.87
N GLU J 115 -12.46 -6.45 -51.98
CA GLU J 115 -13.62 -6.77 -52.83
C GLU J 115 -13.22 -7.99 -53.69
N ASP J 116 -12.04 -7.89 -54.34
CA ASP J 116 -11.43 -8.89 -55.19
C ASP J 116 -9.90 -8.84 -55.00
N LEU J 117 -9.26 -10.03 -54.91
CA LEU J 117 -7.80 -10.15 -54.75
C LEU J 117 -7.06 -9.64 -55.96
N ASN J 118 -7.68 -9.66 -57.14
CA ASN J 118 -7.05 -9.20 -58.38
C ASN J 118 -6.80 -7.66 -58.35
N LYS J 119 -7.41 -6.94 -57.38
CA LYS J 119 -7.21 -5.50 -57.18
C LYS J 119 -5.91 -5.20 -56.42
N VAL J 120 -5.25 -6.24 -55.85
CA VAL J 120 -3.99 -6.18 -55.08
C VAL J 120 -2.78 -6.03 -56.03
N PHE J 121 -1.83 -5.13 -55.67
CA PHE J 121 -0.62 -4.82 -56.44
C PHE J 121 0.60 -4.56 -55.56
N PRO J 122 1.81 -5.02 -55.95
CA PRO J 122 3.00 -4.76 -55.14
C PRO J 122 3.61 -3.39 -55.48
N PRO J 123 4.68 -2.91 -54.81
CA PRO J 123 5.19 -1.59 -55.18
C PRO J 123 6.31 -1.62 -56.23
N GLU J 124 6.48 -0.45 -56.88
CA GLU J 124 7.55 -0.18 -57.81
C GLU J 124 8.47 0.73 -57.00
N VAL J 125 9.77 0.40 -56.94
CA VAL J 125 10.72 1.17 -56.13
C VAL J 125 11.78 1.85 -57.00
N ALA J 126 11.91 3.18 -56.84
CA ALA J 126 12.84 4.01 -57.60
C ALA J 126 13.49 5.10 -56.75
N VAL J 127 14.82 5.02 -56.60
CA VAL J 127 15.60 6.02 -55.86
C VAL J 127 16.04 7.15 -56.81
N PHE J 128 16.15 8.37 -56.27
CA PHE J 128 16.49 9.58 -57.01
C PHE J 128 17.71 10.24 -56.38
N GLU J 129 18.84 10.25 -57.13
CA GLU J 129 20.14 10.79 -56.72
C GLU J 129 20.04 12.32 -56.40
N PRO J 130 20.73 12.83 -55.35
CA PRO J 130 20.56 14.23 -54.93
C PRO J 130 20.94 15.31 -55.96
N SER J 131 20.36 16.53 -55.78
CA SER J 131 20.57 17.71 -56.62
C SER J 131 21.91 18.37 -56.33
N GLU J 132 22.72 18.63 -57.40
CA GLU J 132 24.03 19.29 -57.33
C GLU J 132 23.89 20.69 -56.75
N ALA J 133 22.72 21.34 -57.01
CA ALA J 133 22.32 22.65 -56.53
C ALA J 133 22.18 22.67 -55.01
N GLU J 134 21.63 21.59 -54.39
CA GLU J 134 21.50 21.50 -52.93
C GLU J 134 22.87 21.26 -52.30
N ILE J 135 23.71 20.41 -52.95
CA ILE J 135 25.07 20.07 -52.52
C ILE J 135 25.92 21.34 -52.53
N SER J 136 25.83 22.12 -53.62
CA SER J 136 26.56 23.37 -53.78
C SER J 136 26.07 24.47 -52.81
N HIS J 137 24.78 24.43 -52.44
CA HIS J 137 24.18 25.40 -51.52
C HIS J 137 24.40 25.04 -50.04
N THR J 138 23.76 23.94 -49.58
CA THR J 138 23.74 23.47 -48.17
C THR J 138 24.92 22.60 -47.71
N GLN J 139 25.63 21.97 -48.67
CA GLN J 139 26.69 20.98 -48.42
C GLN J 139 26.06 19.75 -47.71
N LYS J 140 24.84 19.41 -48.19
CA LYS J 140 23.99 18.31 -47.76
C LYS J 140 23.33 17.75 -49.00
N ALA J 141 23.05 16.45 -48.97
CA ALA J 141 22.48 15.74 -50.11
C ALA J 141 21.31 14.87 -49.65
N THR J 142 20.09 15.29 -49.97
CA THR J 142 18.95 14.47 -49.60
C THR J 142 18.54 13.63 -50.82
N LEU J 143 18.53 12.30 -50.61
CA LEU J 143 18.14 11.25 -51.55
C LEU J 143 16.64 11.08 -51.40
N VAL J 144 15.91 10.84 -52.50
CA VAL J 144 14.48 10.61 -52.42
C VAL J 144 14.15 9.23 -52.94
N CYS J 145 13.39 8.49 -52.15
CA CYS J 145 12.96 7.15 -52.47
C CYS J 145 11.50 7.21 -52.89
N LEU J 146 11.09 6.36 -53.83
CA LEU J 146 9.71 6.38 -54.31
C LEU J 146 9.08 4.99 -54.52
N ALA J 147 8.19 4.61 -53.57
CA ALA J 147 7.39 3.39 -53.58
C ALA J 147 6.04 3.74 -54.22
N THR J 148 5.71 3.11 -55.37
CA THR J 148 4.51 3.49 -56.12
C THR J 148 3.66 2.34 -56.64
N GLY J 149 2.38 2.65 -56.83
CA GLY J 149 1.35 1.77 -57.41
C GLY J 149 1.06 0.49 -56.67
N PHE J 150 0.99 0.55 -55.34
CA PHE J 150 0.73 -0.63 -54.53
C PHE J 150 -0.64 -0.60 -53.84
N TYR J 151 -1.22 -1.77 -53.63
CA TYR J 151 -2.50 -1.93 -52.96
C TYR J 151 -2.45 -3.23 -52.19
N PRO J 152 -2.80 -3.28 -50.88
CA PRO J 152 -3.24 -2.18 -50.00
C PRO J 152 -2.05 -1.42 -49.37
N ASP J 153 -2.24 -0.79 -48.18
CA ASP J 153 -1.16 -0.08 -47.49
C ASP J 153 -0.49 -1.06 -46.50
N HIS J 154 0.20 -2.05 -47.07
CA HIS J 154 0.87 -3.11 -46.33
C HIS J 154 2.36 -3.08 -46.61
N VAL J 155 2.94 -1.86 -46.56
CA VAL J 155 4.37 -1.66 -46.81
C VAL J 155 5.13 -1.23 -45.56
N GLU J 156 6.44 -1.40 -45.60
CA GLU J 156 7.39 -1.02 -44.57
C GLU J 156 8.66 -0.51 -45.27
N LEU J 157 8.82 0.82 -45.29
CA LEU J 157 9.93 1.45 -45.95
C LEU J 157 11.14 1.62 -45.04
N SER J 158 12.28 1.08 -45.48
CA SER J 158 13.55 1.09 -44.77
C SER J 158 14.69 1.56 -45.69
N TRP J 159 15.76 2.14 -45.10
CA TRP J 159 16.96 2.64 -45.80
C TRP J 159 18.15 1.84 -45.37
N TRP J 160 19.10 1.58 -46.28
CA TRP J 160 20.27 0.79 -45.95
C TRP J 160 21.58 1.39 -46.48
N VAL J 161 22.45 1.84 -45.55
CA VAL J 161 23.75 2.44 -45.89
C VAL J 161 24.86 1.45 -45.53
N ASN J 162 25.51 0.89 -46.57
CA ASN J 162 26.60 -0.10 -46.47
C ASN J 162 26.20 -1.33 -45.61
N GLY J 163 25.00 -1.85 -45.88
CA GLY J 163 24.41 -2.98 -45.18
C GLY J 163 23.98 -2.70 -43.75
N LYS J 164 23.49 -1.47 -43.48
CA LYS J 164 23.02 -1.10 -42.15
C LYS J 164 21.76 -0.26 -42.20
N GLU J 165 20.74 -0.64 -41.42
CA GLU J 165 19.48 0.12 -41.31
C GLU J 165 19.86 1.45 -40.67
N VAL J 166 19.47 2.56 -41.32
CA VAL J 166 19.83 3.92 -40.86
C VAL J 166 18.59 4.69 -40.43
N HIS J 167 18.65 5.28 -39.21
CA HIS J 167 17.57 6.04 -38.57
C HIS J 167 17.74 7.57 -38.71
N SER J 168 19.00 8.05 -38.69
CA SER J 168 19.36 9.46 -38.78
C SER J 168 19.29 9.95 -40.21
N GLY J 169 18.83 11.19 -40.36
CA GLY J 169 18.67 11.85 -41.65
C GLY J 169 17.67 11.11 -42.52
N VAL J 170 16.57 10.63 -41.90
CA VAL J 170 15.51 9.84 -42.55
C VAL J 170 14.15 10.41 -42.15
N CYS J 171 13.15 10.25 -43.05
CA CYS J 171 11.76 10.64 -42.83
C CYS J 171 10.85 9.99 -43.88
N THR J 172 10.14 8.93 -43.50
CA THR J 172 9.21 8.30 -44.41
C THR J 172 7.86 8.96 -44.13
N ASP J 173 7.02 9.15 -45.18
CA ASP J 173 5.68 9.74 -45.07
C ASP J 173 4.83 9.02 -44.03
N PRO J 174 4.15 9.76 -43.12
CA PRO J 174 3.32 9.10 -42.10
C PRO J 174 2.07 8.46 -42.66
N GLN J 175 1.71 8.79 -43.94
CA GLN J 175 0.52 8.29 -44.63
C GLN J 175 0.78 8.06 -46.12
N PRO J 176 0.12 7.07 -46.76
CA PRO J 176 0.29 6.88 -48.21
C PRO J 176 -0.54 7.89 -48.99
N LEU J 177 -0.37 7.93 -50.32
CA LEU J 177 -1.09 8.85 -51.22
C LEU J 177 -1.87 8.06 -52.28
N LYS J 178 -3.19 8.36 -52.46
CA LYS J 178 -4.02 7.71 -53.48
C LYS J 178 -3.65 8.25 -54.89
N GLU J 179 -3.39 7.34 -55.85
CA GLU J 179 -3.02 7.69 -57.23
C GLU J 179 -4.17 8.37 -57.98
N GLN J 180 -5.38 7.78 -57.90
CA GLN J 180 -6.62 8.28 -58.48
C GLN J 180 -7.56 8.53 -57.27
N PRO J 181 -7.62 9.78 -56.77
CA PRO J 181 -8.38 10.03 -55.53
C PRO J 181 -9.89 9.81 -55.59
N ALA J 182 -10.49 9.87 -56.80
CA ALA J 182 -11.94 9.66 -57.01
C ALA J 182 -12.39 8.25 -56.62
N LEU J 183 -11.60 7.25 -56.98
CA LEU J 183 -11.82 5.82 -56.71
C LEU J 183 -11.62 5.47 -55.22
N ASN J 184 -11.97 4.22 -54.85
CA ASN J 184 -11.83 3.64 -53.51
C ASN J 184 -10.74 2.56 -53.53
N ASP J 185 -10.64 1.84 -54.67
CA ASP J 185 -9.67 0.77 -54.94
C ASP J 185 -8.27 1.32 -55.27
N SER J 186 -8.14 2.66 -55.40
CA SER J 186 -6.94 3.42 -55.76
C SER J 186 -5.65 2.90 -55.19
N ARG J 187 -4.60 2.87 -56.01
CA ARG J 187 -3.28 2.43 -55.59
C ARG J 187 -2.56 3.54 -54.85
N TYR J 188 -1.65 3.17 -53.96
CA TYR J 188 -0.92 4.10 -53.11
C TYR J 188 0.50 4.42 -53.57
N ALA J 189 1.00 5.59 -53.13
CA ALA J 189 2.35 6.12 -53.40
C ALA J 189 2.95 6.59 -52.08
N LEU J 190 4.24 6.34 -51.87
CA LEU J 190 4.95 6.68 -50.64
C LEU J 190 6.38 7.10 -50.92
N SER J 191 6.89 8.05 -50.12
CA SER J 191 8.23 8.57 -50.30
C SER J 191 9.00 8.79 -49.03
N SER J 192 10.22 8.28 -48.97
CA SER J 192 11.11 8.52 -47.85
C SER J 192 12.28 9.34 -48.35
N ARG J 193 12.91 10.05 -47.43
CA ARG J 193 14.06 10.89 -47.73
C ARG J 193 15.24 10.51 -46.86
N LEU J 194 16.44 10.53 -47.44
CA LEU J 194 17.66 10.22 -46.71
C LEU J 194 18.66 11.32 -46.96
N ARG J 195 18.93 12.13 -45.93
CA ARG J 195 19.88 13.22 -46.01
C ARG J 195 21.23 12.79 -45.40
N VAL J 196 22.30 13.11 -46.14
CA VAL J 196 23.69 12.85 -45.77
C VAL J 196 24.54 14.04 -46.22
N SER J 197 25.62 14.37 -45.45
CA SER J 197 26.54 15.47 -45.76
C SER J 197 27.13 15.24 -47.13
N ALA J 198 27.12 16.29 -47.98
CA ALA J 198 27.64 16.25 -49.36
C ALA J 198 28.89 15.37 -49.51
N THR J 199 29.87 15.52 -48.59
CA THR J 199 31.14 14.76 -48.52
C THR J 199 30.91 13.22 -48.57
N PHE J 200 29.91 12.74 -47.79
CA PHE J 200 29.51 11.32 -47.70
C PHE J 200 28.94 10.83 -49.02
N TRP J 201 28.10 11.65 -49.68
CA TRP J 201 27.51 11.30 -50.96
C TRP J 201 28.56 11.35 -52.06
N GLN J 202 29.57 12.22 -51.91
CA GLN J 202 30.61 12.40 -52.90
C GLN J 202 31.66 11.25 -52.89
N ASN J 203 31.65 10.39 -51.83
CA ASN J 203 32.51 9.20 -51.76
C ASN J 203 31.90 8.12 -52.68
N PRO J 204 32.61 7.71 -53.77
CA PRO J 204 32.02 6.74 -54.70
C PRO J 204 31.95 5.30 -54.21
N ARG J 205 32.63 5.01 -53.09
CA ARG J 205 32.55 3.68 -52.53
C ARG J 205 31.71 3.74 -51.27
N ASN J 206 30.42 4.06 -51.50
CA ASN J 206 29.37 4.20 -50.50
C ASN J 206 28.08 3.71 -51.12
N HIS J 207 27.42 2.77 -50.43
CA HIS J 207 26.21 2.11 -50.89
C HIS J 207 24.93 2.56 -50.18
N PHE J 208 23.98 3.10 -50.97
CA PHE J 208 22.68 3.56 -50.50
C PHE J 208 21.57 2.75 -51.17
N ARG J 209 20.64 2.19 -50.38
CA ARG J 209 19.56 1.37 -50.93
C ARG J 209 18.33 1.40 -50.05
N CYS J 210 17.23 1.89 -50.62
CA CYS J 210 15.96 1.91 -49.93
C CYS J 210 15.29 0.62 -50.27
N GLN J 211 14.59 0.06 -49.30
CA GLN J 211 13.96 -1.23 -49.41
C GLN J 211 12.51 -1.14 -48.95
N VAL J 212 11.60 -1.82 -49.66
CA VAL J 212 10.18 -1.81 -49.29
C VAL J 212 9.70 -3.24 -49.04
N GLN J 213 9.22 -3.51 -47.81
CA GLN J 213 8.67 -4.83 -47.51
C GLN J 213 7.15 -4.81 -47.70
N PHE J 214 6.69 -5.28 -48.87
CA PHE J 214 5.28 -5.37 -49.19
C PHE J 214 4.72 -6.70 -48.65
N TYR J 215 3.66 -6.59 -47.86
CA TYR J 215 2.96 -7.71 -47.27
C TYR J 215 1.74 -8.03 -48.16
N GLY J 216 1.85 -9.09 -48.95
CA GLY J 216 0.84 -9.44 -49.93
C GLY J 216 0.09 -10.74 -49.74
N LEU J 217 0.00 -11.52 -50.82
CA LEU J 217 -0.73 -12.78 -50.85
C LEU J 217 0.09 -14.02 -50.54
N SER J 218 -0.59 -15.03 -50.02
CA SER J 218 -0.04 -16.34 -49.63
C SER J 218 0.17 -17.19 -50.89
N GLU J 219 0.92 -18.31 -50.75
CA GLU J 219 1.17 -19.29 -51.82
C GLU J 219 -0.13 -20.03 -52.03
N ASN J 220 -0.87 -20.27 -50.93
CA ASN J 220 -2.16 -20.93 -50.91
C ASN J 220 -3.26 -20.10 -51.60
N ASP J 221 -2.98 -18.83 -51.91
CA ASP J 221 -3.95 -17.96 -52.57
C ASP J 221 -4.03 -18.24 -54.07
N GLU J 222 -5.25 -18.56 -54.55
CA GLU J 222 -5.49 -18.85 -55.96
C GLU J 222 -5.40 -17.59 -56.83
N TRP J 223 -4.61 -17.66 -57.93
CA TRP J 223 -4.33 -16.53 -58.82
C TRP J 223 -4.27 -16.95 -60.29
N THR J 224 -5.14 -16.37 -61.11
CA THR J 224 -5.20 -16.66 -62.55
C THR J 224 -4.94 -15.44 -63.44
N GLN J 225 -4.32 -14.40 -62.90
CA GLN J 225 -4.03 -13.18 -63.64
C GLN J 225 -2.81 -13.29 -64.54
N ASP J 226 -2.72 -12.42 -65.57
CA ASP J 226 -1.61 -12.40 -66.54
C ASP J 226 -0.31 -12.01 -65.85
N ARG J 227 -0.36 -11.02 -64.94
CA ARG J 227 0.79 -10.60 -64.14
C ARG J 227 1.01 -11.63 -63.06
N ALA J 228 2.21 -11.67 -62.47
CA ALA J 228 2.51 -12.63 -61.41
C ALA J 228 1.80 -12.28 -60.09
N LYS J 229 1.60 -13.31 -59.22
CA LYS J 229 0.97 -13.18 -57.90
C LYS J 229 1.68 -12.10 -57.03
N PRO J 230 0.93 -11.16 -56.40
CA PRO J 230 1.58 -10.12 -55.60
C PRO J 230 1.80 -10.61 -54.15
N VAL J 231 2.74 -11.55 -54.03
CA VAL J 231 3.13 -12.20 -52.79
C VAL J 231 3.90 -11.24 -51.86
N THR J 232 4.11 -11.67 -50.59
CA THR J 232 4.87 -10.88 -49.60
C THR J 232 6.32 -10.91 -50.05
N GLN J 233 6.87 -9.73 -50.43
CA GLN J 233 8.24 -9.67 -50.90
C GLN J 233 8.88 -8.31 -50.67
N ILE J 234 10.21 -8.30 -50.76
CA ILE J 234 11.06 -7.11 -50.65
C ILE J 234 11.38 -6.64 -52.09
N VAL J 235 11.08 -5.35 -52.36
CA VAL J 235 11.28 -4.66 -53.64
C VAL J 235 12.20 -3.48 -53.27
N SER J 236 13.43 -3.47 -53.80
CA SER J 236 14.38 -2.39 -53.45
C SER J 236 15.02 -1.70 -54.68
N ALA J 237 15.67 -0.56 -54.41
CA ALA J 237 16.35 0.24 -55.42
C ALA J 237 17.60 0.82 -54.79
N GLU J 238 18.75 0.59 -55.43
CA GLU J 238 20.07 1.03 -54.94
C GLU J 238 20.69 2.16 -55.77
N ALA J 239 21.65 2.86 -55.16
CA ALA J 239 22.42 3.96 -55.74
C ALA J 239 23.81 4.04 -55.09
N TRP J 240 24.85 4.20 -55.92
CA TRP J 240 26.24 4.33 -55.44
C TRP J 240 26.66 5.79 -55.42
N GLY J 241 27.53 6.12 -54.48
CA GLY J 241 28.08 7.46 -54.31
C GLY J 241 28.67 8.05 -55.58
N ARG J 242 28.45 9.36 -55.80
CA ARG J 242 28.93 10.04 -56.99
C ARG J 242 29.67 11.31 -56.61
N ALA J 243 30.90 11.46 -57.12
CA ALA J 243 31.74 12.63 -56.86
C ALA J 243 31.37 13.79 -57.79
N ASP J 244 31.68 13.65 -59.12
CA ASP J 244 31.42 14.60 -60.21
C ASP J 244 32.01 16.03 -59.97
#